data_3J30
#
_entry.id   3J30
#
_cell.length_a   1
_cell.length_b   1
_cell.length_c   1
_cell.angle_alpha   90
_cell.angle_beta   90
_cell.angle_gamma   90
#
_symmetry.space_group_name_H-M   'P 1'
#
loop_
_entity.id
_entity.type
_entity.pdbx_description
1 polymer 'CHK152 light chain'
2 polymer 'CHK152 heavy chain'
#
loop_
_entity_poly.entity_id
_entity_poly.type
_entity_poly.pdbx_seq_one_letter_code
_entity_poly.pdbx_strand_id
1 'polypeptide(L)'
;DIVLTQSPASLAVSLGQRATISCRASESVDSYGNSFMNWYQQKPGQPPKLLIYRASNLESGIPARFSGSGSRTDFTLTIN
PVEADDVATYYCQQSNEDPFTFGSGTKLEIKRADAAPTVSIFPPSSKLGTSGGASVVCFLNNFYPKDINVKWKIDGSERQ
NGVLNSWTDQDSKDSTYSMSSTLTLTKDEYERHNSYTCEATHKTSTSPIVKSFNRNE
;
A,C,E,G
2 'polypeptide(L)'
;QVQLQQSGPELVKPGVSVKISCKASGYSFTSFYIYWVKQRPGQGLEWIGWIFPGSTNTKYNEKFKGKATLTADTSSSTAS
MQLSSLTSEDSAVYFCARVDGYAMDYWGQGTSVTVSSAKTTAPSVYPLAPVCGDTTGSSVTLGCLVKGYFPEPVTLTWNS
GSLSSGVHTFPAVLQSDLYTLSSSVTVTSSTWPSQSITCNVAHPASSTKVDKKIEPR
;
B,D,F,H
#
# COMPACT_ATOMS: atom_id res chain seq x y z
N ASP A 1 3.79 -45.45 -22.35
CA ASP A 1 2.55 -44.73 -22.74
C ASP A 1 1.52 -44.77 -21.61
N ILE A 2 1.15 -45.98 -21.19
CA ILE A 2 0.35 -46.16 -19.97
C ILE A 2 1.30 -46.34 -18.80
N VAL A 3 1.30 -45.38 -17.90
CA VAL A 3 2.22 -45.37 -16.76
C VAL A 3 1.72 -46.31 -15.66
N LEU A 4 2.60 -47.23 -15.24
CA LEU A 4 2.33 -48.13 -14.14
C LEU A 4 3.26 -47.81 -12.97
N THR A 5 2.67 -47.45 -11.83
CA THR A 5 3.43 -47.12 -10.63
C THR A 5 3.23 -48.17 -9.54
N GLN A 6 4.32 -48.53 -8.87
CA GLN A 6 4.28 -49.57 -7.84
C GLN A 6 4.63 -49.03 -6.46
N SER A 7 3.79 -49.34 -5.49
CA SER A 7 3.96 -48.89 -4.11
C SER A 7 3.89 -50.08 -3.14
N PRO A 8 4.88 -50.18 -2.22
CA PRO A 8 6.02 -49.29 -2.07
C PRO A 8 7.17 -49.64 -3.03
N ALA A 9 8.20 -48.80 -3.05
CA ALA A 9 9.39 -49.05 -3.87
C ALA A 9 10.22 -50.19 -3.29
N SER A 10 10.21 -50.30 -1.96
CA SER A 10 10.95 -51.35 -1.25
C SER A 10 10.23 -51.70 0.06
N LEU A 11 10.09 -53.00 0.33
CA LEU A 11 9.46 -53.47 1.56
C LEU A 11 10.27 -54.57 2.25
N ALA A 12 10.27 -54.53 3.58
CA ALA A 12 10.95 -55.53 4.40
C ALA A 12 9.93 -56.37 5.16
N VAL A 13 9.95 -57.68 4.92
CA VAL A 13 8.99 -58.61 5.51
C VAL A 13 9.70 -59.83 6.11
N SER A 14 9.39 -60.13 7.36
CA SER A 14 9.94 -61.29 8.07
C SER A 14 9.48 -62.61 7.45
N LEU A 15 10.31 -63.64 7.57
CA LEU A 15 10.04 -64.96 6.98
C LEU A 15 8.76 -65.58 7.55
N GLY A 16 7.81 -65.88 6.65
CA GLY A 16 6.54 -66.49 7.03
C GLY A 16 5.39 -65.50 7.16
N GLN A 17 5.66 -64.22 6.90
CA GLN A 17 4.65 -63.17 7.01
C GLN A 17 4.08 -62.77 5.65
N ARG A 18 3.14 -61.84 5.66
CA ARG A 18 2.45 -61.39 4.45
C ARG A 18 3.05 -60.12 3.87
N ALA A 19 3.16 -60.06 2.55
CA ALA A 19 3.68 -58.88 1.85
C ALA A 19 2.65 -58.38 0.82
N THR A 20 2.40 -57.07 0.84
CA THR A 20 1.44 -56.46 -0.08
C THR A 20 2.13 -55.54 -1.09
N ILE A 21 1.86 -55.77 -2.37
CA ILE A 21 2.44 -54.99 -3.47
C ILE A 21 1.33 -54.42 -4.34
N SER A 22 1.33 -53.09 -4.52
CA SER A 22 0.31 -52.42 -5.32
C SER A 22 0.82 -51.99 -6.70
N CYS A 23 -0.10 -51.90 -7.66
CA CYS A 23 0.21 -51.49 -9.02
C CYS A 23 -0.90 -50.60 -9.57
N ARG A 24 -0.68 -49.28 -9.53
CA ARG A 24 -1.64 -48.30 -10.03
C ARG A 24 -1.44 -48.03 -11.52
N ALA A 25 -2.54 -47.85 -12.24
CA ALA A 25 -2.51 -47.60 -13.68
C ALA A 25 -3.05 -46.22 -14.05
N SER A 26 -2.50 -45.65 -15.12
CA SER A 26 -2.94 -44.35 -15.62
C SER A 26 -4.19 -44.49 -16.49
N GLU A 27 -4.42 -45.69 -17.01
CA GLU A 27 -5.59 -46.00 -17.81
C GLU A 27 -6.11 -47.38 -17.43
N SER A 28 -7.42 -47.59 -17.52
CA SER A 28 -8.02 -48.87 -17.15
C SER A 28 -7.66 -49.96 -18.16
N VAL A 29 -6.85 -50.91 -17.69
CA VAL A 29 -6.38 -52.04 -18.50
C VAL A 29 -7.45 -53.14 -18.59
N ASP A 30 -8.40 -53.11 -17.66
CA ASP A 30 -9.46 -54.14 -17.59
C ASP A 30 -10.54 -53.99 -18.66
N SER A 31 -10.32 -53.08 -19.60
CA SER A 31 -11.30 -52.77 -20.66
C SER A 31 -11.72 -53.99 -21.47
N TYR A 32 -12.90 -53.90 -22.07
CA TYR A 32 -13.49 -54.95 -22.92
C TYR A 32 -14.18 -56.06 -22.13
N GLY A 33 -13.84 -56.19 -20.84
CA GLY A 33 -14.47 -57.17 -19.97
C GLY A 33 -13.56 -57.71 -18.88
N ASN A 34 -12.36 -58.13 -19.27
CA ASN A 34 -11.40 -58.75 -18.35
C ASN A 34 -10.14 -57.91 -18.15
N SER A 35 -9.50 -58.08 -16.99
CA SER A 35 -8.25 -57.38 -16.68
C SER A 35 -7.08 -58.00 -17.44
N PHE A 36 -6.26 -57.14 -18.05
CA PHE A 36 -5.08 -57.61 -18.78
C PHE A 36 -3.80 -57.20 -18.06
N MET A 37 -3.75 -57.51 -16.77
CA MET A 37 -2.59 -57.20 -15.93
C MET A 37 -1.80 -58.46 -15.59
N ASN A 38 -0.51 -58.45 -15.87
CA ASN A 38 0.36 -59.58 -15.56
C ASN A 38 1.36 -59.25 -14.46
N TRP A 39 1.87 -60.29 -13.80
CA TRP A 39 2.85 -60.13 -12.72
C TRP A 39 4.10 -60.97 -12.96
N TYR A 40 5.26 -60.41 -12.58
CA TYR A 40 6.54 -61.08 -12.81
C TYR A 40 7.46 -61.08 -11.58
N GLN A 41 8.31 -62.10 -11.51
CA GLN A 41 9.33 -62.23 -10.48
C GLN A 41 10.70 -62.29 -11.15
N GLN A 42 11.59 -61.37 -10.80
CA GLN A 42 12.93 -61.36 -11.38
C GLN A 42 14.06 -61.34 -10.35
N LYS A 43 14.80 -62.43 -10.30
CA LYS A 43 15.99 -62.53 -9.47
C LYS A 43 17.19 -62.00 -10.25
N PRO A 44 18.17 -61.36 -9.56
CA PRO A 44 19.33 -60.78 -10.21
C PRO A 44 20.11 -61.78 -11.08
N GLY A 45 20.45 -61.36 -12.30
CA GLY A 45 21.16 -62.22 -13.25
C GLY A 45 20.27 -63.13 -14.06
N GLN A 46 18.98 -63.20 -13.67
CA GLN A 46 18.00 -64.05 -14.31
C GLN A 46 16.92 -63.25 -15.02
N PRO A 47 16.29 -63.82 -16.05
CA PRO A 47 15.12 -63.21 -16.70
C PRO A 47 13.88 -63.23 -15.79
N PRO A 48 12.90 -62.33 -16.05
CA PRO A 48 11.67 -62.31 -15.28
C PRO A 48 10.84 -63.59 -15.44
N LYS A 49 10.23 -64.03 -14.35
CA LYS A 49 9.40 -65.24 -14.36
C LYS A 49 7.94 -64.86 -14.13
N LEU A 50 7.07 -65.26 -15.05
CA LEU A 50 5.64 -64.99 -14.96
C LEU A 50 5.00 -65.75 -13.81
N LEU A 51 4.34 -65.02 -12.92
CA LEU A 51 3.67 -65.61 -11.77
C LEU A 51 2.17 -65.70 -12.02
N ILE A 52 1.55 -64.55 -12.27
CA ILE A 52 0.10 -64.45 -12.42
C ILE A 52 -0.25 -63.58 -13.63
N TYR A 53 -1.11 -64.10 -14.50
CA TYR A 53 -1.63 -63.34 -15.64
C TYR A 53 -3.10 -63.01 -15.44
N ARG A 54 -3.50 -61.82 -15.91
CA ARG A 54 -4.88 -61.31 -15.78
C ARG A 54 -5.30 -61.08 -14.33
N ALA A 55 -4.36 -60.62 -13.51
CA ALA A 55 -4.57 -60.31 -12.10
C ALA A 55 -4.93 -61.50 -11.20
N SER A 56 -5.73 -62.43 -11.72
CA SER A 56 -6.24 -63.54 -10.90
C SER A 56 -5.64 -64.91 -11.24
N ASN A 57 -5.49 -65.20 -12.54
CA ASN A 57 -5.06 -66.52 -13.00
C ASN A 57 -3.55 -66.74 -12.85
N LEU A 58 -3.15 -67.73 -12.06
CA LEU A 58 -1.74 -68.07 -11.90
C LEU A 58 -1.23 -69.01 -12.99
N GLU A 59 0.05 -68.90 -13.31
CA GLU A 59 0.69 -69.77 -14.29
C GLU A 59 1.01 -71.13 -13.67
N SER A 60 0.94 -72.18 -14.48
CA SER A 60 1.21 -73.54 -14.03
C SER A 60 2.65 -73.69 -13.53
N GLY A 61 2.80 -74.24 -12.33
CA GLY A 61 4.10 -74.38 -11.68
C GLY A 61 4.34 -73.38 -10.57
N ILE A 62 3.53 -72.33 -10.55
CA ILE A 62 3.62 -71.28 -9.53
C ILE A 62 2.70 -71.61 -8.35
N PRO A 63 3.26 -71.62 -7.11
CA PRO A 63 2.51 -71.97 -5.90
C PRO A 63 1.33 -71.04 -5.62
N ALA A 64 0.32 -71.57 -4.92
CA ALA A 64 -0.91 -70.84 -4.61
C ALA A 64 -0.71 -69.69 -3.62
N ARG A 65 0.43 -69.68 -2.94
CA ARG A 65 0.77 -68.63 -1.98
C ARG A 65 0.94 -67.26 -2.65
N PHE A 66 1.31 -67.27 -3.93
CA PHE A 66 1.35 -66.07 -4.75
C PHE A 66 -0.06 -65.74 -5.23
N SER A 67 -0.63 -64.67 -4.70
CA SER A 67 -2.00 -64.27 -5.03
C SER A 67 -2.08 -62.83 -5.51
N GLY A 68 -2.80 -62.62 -6.60
CA GLY A 68 -3.00 -61.29 -7.16
C GLY A 68 -4.47 -60.92 -7.24
N SER A 69 -4.75 -59.62 -7.19
CA SER A 69 -6.12 -59.12 -7.27
C SER A 69 -6.16 -57.72 -7.89
N GLY A 70 -7.38 -57.22 -8.11
CA GLY A 70 -7.58 -55.87 -8.61
C GLY A 70 -8.40 -55.77 -9.89
N SER A 71 -8.89 -54.56 -10.14
CA SER A 71 -9.63 -54.25 -11.37
C SER A 71 -9.46 -52.78 -11.74
N ARG A 72 -9.79 -52.44 -12.99
CA ARG A 72 -9.64 -51.09 -13.54
C ARG A 72 -8.19 -50.58 -13.56
N THR A 73 -7.81 -49.83 -12.53
CA THR A 73 -6.49 -49.22 -12.46
C THR A 73 -5.69 -49.70 -11.24
N ASP A 74 -6.40 -50.05 -10.17
CA ASP A 74 -5.76 -50.47 -8.93
C ASP A 74 -5.65 -51.99 -8.87
N PHE A 75 -4.41 -52.48 -8.75
CA PHE A 75 -4.12 -53.92 -8.72
C PHE A 75 -3.11 -54.24 -7.62
N THR A 76 -3.27 -55.41 -7.00
CA THR A 76 -2.41 -55.82 -5.90
C THR A 76 -1.92 -57.26 -5.99
N LEU A 77 -0.64 -57.46 -5.67
CA LEU A 77 -0.03 -58.79 -5.57
C LEU A 77 0.41 -59.05 -4.14
N THR A 78 0.07 -60.22 -3.62
CA THR A 78 0.45 -60.62 -2.27
C THR A 78 1.11 -62.00 -2.22
N ILE A 79 2.14 -62.12 -1.38
CA ILE A 79 2.82 -63.39 -1.16
C ILE A 79 2.67 -63.78 0.30
N ASN A 80 1.93 -64.86 0.54
CA ASN A 80 1.68 -65.34 1.90
C ASN A 80 1.57 -66.86 1.98
N PRO A 81 2.51 -67.51 2.70
CA PRO A 81 3.64 -66.88 3.38
C PRO A 81 4.86 -66.69 2.49
N VAL A 82 5.79 -65.83 2.91
CA VAL A 82 7.03 -65.59 2.15
C VAL A 82 8.13 -66.58 2.52
N GLU A 83 8.99 -66.88 1.55
CA GLU A 83 10.11 -67.78 1.75
C GLU A 83 11.45 -67.10 1.44
N ALA A 84 12.54 -67.77 1.75
CA ALA A 84 13.89 -67.25 1.53
C ALA A 84 14.20 -67.02 0.05
N ASP A 85 13.62 -67.85 -0.82
CA ASP A 85 13.86 -67.75 -2.26
C ASP A 85 12.90 -66.79 -2.98
N ASP A 86 12.28 -65.90 -2.21
CA ASP A 86 11.38 -64.89 -2.76
C ASP A 86 12.08 -63.55 -2.98
N VAL A 87 13.37 -63.49 -2.66
CA VAL A 87 14.17 -62.28 -2.84
C VAL A 87 14.29 -61.96 -4.33
N ALA A 88 13.53 -60.95 -4.76
CA ALA A 88 13.45 -60.54 -6.15
C ALA A 88 12.79 -59.18 -6.31
N THR A 89 12.96 -58.57 -7.47
CA THR A 89 12.25 -57.36 -7.83
C THR A 89 11.01 -57.75 -8.64
N TYR A 90 9.84 -57.36 -8.14
CA TYR A 90 8.56 -57.76 -8.76
C TYR A 90 8.00 -56.66 -9.64
N TYR A 91 7.44 -57.07 -10.78
CA TYR A 91 6.92 -56.14 -11.79
C TYR A 91 5.50 -56.47 -12.21
N CYS A 92 4.72 -55.43 -12.49
CA CYS A 92 3.41 -55.59 -13.09
C CYS A 92 3.44 -55.05 -14.54
N GLN A 93 2.92 -55.83 -15.48
CA GLN A 93 2.83 -55.37 -16.86
C GLN A 93 1.39 -55.37 -17.37
N GLN A 94 1.13 -54.53 -18.37
CA GLN A 94 -0.19 -54.40 -18.96
C GLN A 94 -0.17 -54.70 -20.46
N SER A 95 -1.22 -55.37 -20.92
CA SER A 95 -1.42 -55.61 -22.34
C SER A 95 -2.33 -54.54 -22.91
N ASN A 96 -3.56 -54.91 -23.28
CA ASN A 96 -4.60 -53.97 -23.70
C ASN A 96 -4.15 -53.05 -24.84
N GLU A 97 -3.84 -51.80 -24.50
CA GLU A 97 -3.31 -50.81 -25.43
C GLU A 97 -2.08 -50.14 -24.80
N ASP A 98 -1.13 -49.67 -25.61
CA ASP A 98 -1.06 -49.90 -27.05
C ASP A 98 0.39 -50.34 -27.36
N PRO A 99 1.38 -49.55 -26.88
CA PRO A 99 2.69 -50.16 -26.65
C PRO A 99 2.75 -50.73 -25.23
N PHE A 100 3.12 -52.00 -25.12
CA PHE A 100 3.15 -52.70 -23.84
C PHE A 100 4.13 -52.07 -22.87
N THR A 101 3.68 -51.82 -21.63
CA THR A 101 4.53 -51.19 -20.63
C THR A 101 4.61 -52.03 -19.36
N PHE A 102 5.80 -52.05 -18.77
CA PHE A 102 6.03 -52.71 -17.48
C PHE A 102 5.73 -51.73 -16.35
N GLY A 103 5.83 -52.23 -15.11
CA GLY A 103 5.51 -51.45 -13.93
C GLY A 103 6.55 -50.40 -13.61
N SER A 104 6.99 -50.40 -12.36
CA SER A 104 7.95 -49.42 -11.89
C SER A 104 9.06 -50.07 -11.08
N GLY A 105 8.80 -51.28 -10.59
CA GLY A 105 9.74 -52.01 -9.76
C GLY A 105 9.40 -51.87 -8.28
N THR A 106 9.42 -52.99 -7.58
CA THR A 106 9.28 -53.01 -6.12
C THR A 106 10.12 -54.14 -5.52
N LYS A 107 11.22 -53.74 -4.87
CA LYS A 107 12.20 -54.70 -4.36
C LYS A 107 11.78 -55.31 -3.03
N LEU A 108 11.73 -56.64 -2.99
CA LEU A 108 11.38 -57.38 -1.79
C LEU A 108 12.64 -57.82 -1.05
N GLU A 109 12.65 -57.57 0.26
CA GLU A 109 13.78 -57.93 1.12
C GLU A 109 13.27 -58.54 2.42
N ILE A 110 14.04 -59.48 2.98
CA ILE A 110 13.60 -60.23 4.16
C ILE A 110 14.31 -59.79 5.44
N LYS A 111 13.53 -59.55 6.48
CA LYS A 111 14.06 -59.24 7.81
C LYS A 111 14.25 -60.49 8.64
N ARG A 112 15.45 -60.65 9.19
CA ARG A 112 15.77 -61.77 10.08
C ARG A 112 16.70 -61.32 11.22
N ALA A 113 17.15 -62.29 12.02
CA ALA A 113 18.06 -62.02 13.14
C ALA A 113 19.39 -61.43 12.66
N ASP A 114 19.90 -60.48 13.44
CA ASP A 114 21.16 -59.79 13.12
C ASP A 114 22.35 -60.74 13.21
N ALA A 115 23.20 -60.71 12.18
CA ALA A 115 24.37 -61.59 12.12
C ALA A 115 25.67 -60.79 11.98
N ALA A 116 26.74 -61.32 12.58
CA ALA A 116 28.05 -60.71 12.53
C ALA A 116 28.88 -61.26 11.36
N PRO A 117 29.56 -60.37 10.62
CA PRO A 117 30.37 -60.79 9.46
C PRO A 117 31.64 -61.55 9.87
N THR A 118 31.92 -62.63 9.16
CA THR A 118 33.19 -63.35 9.33
C THR A 118 34.25 -62.72 8.42
N VAL A 119 35.10 -61.90 9.02
CA VAL A 119 36.07 -61.10 8.28
C VAL A 119 37.37 -61.89 8.04
N SER A 120 37.82 -61.87 6.79
CA SER A 120 39.04 -62.57 6.39
C SER A 120 39.90 -61.68 5.49
N ILE A 121 41.11 -61.39 5.96
CA ILE A 121 42.08 -60.56 5.22
C ILE A 121 43.03 -61.43 4.40
N PHE A 122 43.32 -60.98 3.17
CA PHE A 122 44.20 -61.69 2.26
C PHE A 122 45.31 -60.79 1.71
N PRO A 123 46.57 -61.21 1.89
CA PRO A 123 47.72 -60.51 1.31
C PRO A 123 47.80 -60.71 -0.20
N PRO A 124 48.50 -59.80 -0.93
CA PRO A 124 48.66 -59.96 -2.37
C PRO A 124 49.47 -61.20 -2.72
N SER A 125 49.11 -61.84 -3.83
CA SER A 125 49.80 -63.05 -4.29
C SER A 125 51.20 -62.74 -4.81
N SER A 126 52.03 -63.78 -4.91
CA SER A 126 53.40 -63.65 -5.41
C SER A 126 53.46 -63.28 -6.89
N LYS A 127 52.38 -63.59 -7.62
CA LYS A 127 52.28 -63.27 -9.04
C LYS A 127 51.89 -61.81 -9.30
N LEU A 128 51.32 -61.16 -8.28
CA LEU A 128 51.00 -59.74 -8.33
C LEU A 128 52.26 -58.87 -8.32
N GLY A 129 53.24 -59.27 -7.50
CA GLY A 129 54.52 -58.56 -7.38
C GLY A 129 55.33 -58.55 -8.66
N THR A 130 55.26 -59.64 -9.41
CA THR A 130 55.97 -59.77 -10.70
C THR A 130 55.36 -58.85 -11.77
N SER A 131 54.04 -58.70 -11.73
CA SER A 131 53.33 -57.81 -12.65
C SER A 131 53.47 -56.34 -12.25
N GLY A 132 53.78 -56.10 -10.98
CA GLY A 132 53.98 -54.75 -10.47
C GLY A 132 52.83 -54.22 -9.63
N GLY A 133 51.77 -55.03 -9.49
CA GLY A 133 50.59 -54.65 -8.73
C GLY A 133 50.59 -55.20 -7.31
N ALA A 134 49.70 -54.64 -6.47
CA ALA A 134 49.55 -55.09 -5.09
C ALA A 134 48.14 -54.78 -4.58
N SER A 135 47.31 -55.82 -4.54
CA SER A 135 45.93 -55.68 -4.08
C SER A 135 45.66 -56.51 -2.82
N VAL A 136 45.35 -55.81 -1.73
CA VAL A 136 45.01 -56.46 -0.45
C VAL A 136 43.50 -56.65 -0.39
N VAL A 137 43.08 -57.91 -0.30
CA VAL A 137 41.65 -58.26 -0.35
C VAL A 137 41.10 -58.55 1.04
N CYS A 138 39.86 -58.13 1.28
CA CYS A 138 39.18 -58.37 2.54
C CYS A 138 37.74 -58.79 2.30
N PHE A 139 37.39 -59.99 2.75
CA PHE A 139 36.04 -60.53 2.56
C PHE A 139 35.21 -60.45 3.84
N LEU A 140 33.99 -59.93 3.71
CA LEU A 140 33.01 -59.93 4.79
C LEU A 140 31.84 -60.81 4.36
N ASN A 141 31.77 -62.00 4.92
CA ASN A 141 30.78 -62.99 4.50
C ASN A 141 29.64 -63.21 5.49
N ASN A 142 28.43 -63.35 4.95
CA ASN A 142 27.22 -63.69 5.71
C ASN A 142 26.95 -62.81 6.93
N PHE A 143 26.32 -61.65 6.68
CA PHE A 143 25.95 -60.73 7.75
C PHE A 143 24.63 -60.00 7.48
N TYR A 144 23.97 -59.59 8.56
CA TYR A 144 22.73 -58.83 8.48
C TYR A 144 22.70 -57.74 9.55
N PRO A 145 22.25 -56.52 9.19
CA PRO A 145 21.73 -56.08 7.89
C PRO A 145 22.82 -55.69 6.89
N LYS A 146 22.40 -55.08 5.78
CA LYS A 146 23.31 -54.71 4.68
C LYS A 146 24.24 -53.53 5.01
N ASP A 147 23.82 -52.70 5.97
CA ASP A 147 24.54 -51.48 6.32
C ASP A 147 25.86 -51.79 7.04
N ILE A 148 26.96 -51.51 6.35
CA ILE A 148 28.31 -51.76 6.86
C ILE A 148 29.33 -50.81 6.21
N ASN A 149 30.32 -50.38 6.99
CA ASN A 149 31.40 -49.54 6.47
C ASN A 149 32.77 -50.15 6.70
N VAL A 150 33.59 -50.17 5.64
CA VAL A 150 34.94 -50.73 5.70
C VAL A 150 35.98 -49.61 5.63
N LYS A 151 36.90 -49.63 6.60
CA LYS A 151 37.99 -48.65 6.64
C LYS A 151 39.33 -49.36 6.57
N TRP A 152 40.15 -48.96 5.60
CA TRP A 152 41.50 -49.50 5.43
C TRP A 152 42.51 -48.66 6.18
N LYS A 153 43.42 -49.32 6.89
CA LYS A 153 44.51 -48.65 7.59
C LYS A 153 45.87 -49.23 7.20
N ILE A 154 46.77 -48.35 6.80
CA ILE A 154 48.15 -48.71 6.47
C ILE A 154 49.10 -48.04 7.45
N ASP A 155 49.83 -48.85 8.21
CA ASP A 155 50.74 -48.39 9.26
C ASP A 155 50.10 -47.44 10.28
N GLY A 156 48.86 -47.75 10.66
CA GLY A 156 48.12 -46.98 11.65
C GLY A 156 47.32 -45.82 11.11
N SER A 157 47.55 -45.48 9.84
CA SER A 157 46.89 -44.35 9.19
C SER A 157 45.89 -44.79 8.12
N GLU A 158 44.75 -44.11 8.06
CA GLU A 158 43.68 -44.44 7.13
C GLU A 158 44.02 -44.11 5.68
N ARG A 159 43.57 -44.98 4.78
CA ARG A 159 43.76 -44.78 3.34
C ARG A 159 42.42 -44.99 2.61
N GLN A 160 42.04 -44.02 1.80
CA GLN A 160 40.76 -44.06 1.10
C GLN A 160 40.92 -44.07 -0.42
N ASN A 161 42.13 -43.81 -0.89
CA ASN A 161 42.44 -43.79 -2.32
C ASN A 161 42.78 -45.19 -2.84
N GLY A 162 42.02 -45.63 -3.84
CA GLY A 162 42.22 -46.95 -4.45
C GLY A 162 41.44 -48.07 -3.78
N VAL A 163 40.34 -47.71 -3.13
CA VAL A 163 39.48 -48.68 -2.46
C VAL A 163 38.32 -49.07 -3.37
N LEU A 164 38.21 -50.36 -3.68
CA LEU A 164 37.18 -50.88 -4.57
C LEU A 164 36.22 -51.77 -3.78
N ASN A 165 34.95 -51.36 -3.76
CA ASN A 165 33.92 -52.07 -3.00
C ASN A 165 32.84 -52.69 -3.87
N SER A 166 32.35 -53.86 -3.45
CA SER A 166 31.25 -54.55 -4.13
C SER A 166 30.37 -55.32 -3.15
N TRP A 167 29.06 -55.11 -3.23
CA TRP A 167 28.09 -55.77 -2.37
C TRP A 167 27.28 -56.80 -3.14
N THR A 168 27.07 -57.96 -2.53
CA THR A 168 26.26 -59.02 -3.14
C THR A 168 24.77 -58.83 -2.85
N ASP A 169 23.94 -59.47 -3.67
CA ASP A 169 22.50 -59.51 -3.44
C ASP A 169 22.20 -60.50 -2.31
N GLN A 170 21.04 -60.36 -1.68
CA GLN A 170 20.60 -61.25 -0.60
C GLN A 170 20.65 -62.72 -1.02
N ASP A 171 21.15 -63.56 -0.12
CA ASP A 171 21.24 -64.99 -0.35
C ASP A 171 19.85 -65.62 -0.46
N SER A 172 19.71 -66.55 -1.39
CA SER A 172 18.43 -67.22 -1.64
C SER A 172 18.06 -68.23 -0.54
N LYS A 173 19.01 -68.49 0.36
CA LYS A 173 18.80 -69.43 1.46
C LYS A 173 19.01 -68.78 2.83
N ASP A 174 20.20 -68.23 3.05
CA ASP A 174 20.55 -67.61 4.33
C ASP A 174 19.90 -66.26 4.55
N SER A 175 19.53 -65.60 3.45
CA SER A 175 18.98 -64.22 3.46
C SER A 175 19.98 -63.22 4.06
N THR A 176 21.26 -63.44 3.79
CA THR A 176 22.34 -62.62 4.33
C THR A 176 23.06 -61.83 3.23
N TYR A 177 23.86 -60.85 3.64
CA TYR A 177 24.64 -60.02 2.73
C TYR A 177 26.13 -60.35 2.82
N SER A 178 26.87 -60.03 1.76
CA SER A 178 28.33 -60.18 1.73
C SER A 178 29.00 -59.06 0.95
N MET A 179 30.16 -58.64 1.44
CA MET A 179 30.90 -57.52 0.85
C MET A 179 32.39 -57.82 0.72
N SER A 180 33.01 -57.28 -0.32
CA SER A 180 34.45 -57.41 -0.55
C SER A 180 35.09 -56.06 -0.86
N SER A 181 36.22 -55.79 -0.20
CA SER A 181 36.97 -54.54 -0.40
C SER A 181 38.41 -54.83 -0.78
N THR A 182 38.94 -54.03 -1.72
CA THR A 182 40.31 -54.22 -2.22
C THR A 182 41.08 -52.90 -2.30
N LEU A 183 42.32 -52.93 -1.80
CA LEU A 183 43.23 -51.79 -1.91
C LEU A 183 44.10 -51.92 -3.16
N THR A 184 43.70 -51.23 -4.22
CA THR A 184 44.46 -51.25 -5.47
C THR A 184 45.68 -50.33 -5.37
N LEU A 185 46.82 -50.94 -5.05
CA LEU A 185 48.08 -50.22 -4.90
C LEU A 185 49.18 -50.81 -5.79
N THR A 186 50.28 -50.08 -5.93
CA THR A 186 51.43 -50.55 -6.69
C THR A 186 52.48 -51.20 -5.78
N LYS A 187 53.38 -51.98 -6.38
CA LYS A 187 54.48 -52.64 -5.66
C LYS A 187 55.37 -51.64 -4.93
N ASP A 188 55.57 -50.47 -5.55
CA ASP A 188 56.39 -49.40 -4.99
C ASP A 188 55.82 -48.86 -3.67
N GLU A 189 54.50 -48.77 -3.58
CA GLU A 189 53.82 -48.29 -2.38
C GLU A 189 53.65 -49.38 -1.33
N TYR A 190 53.61 -50.63 -1.78
CA TYR A 190 53.37 -51.78 -0.91
C TYR A 190 54.57 -52.14 -0.03
N GLU A 191 55.78 -52.05 -0.60
CA GLU A 191 57.00 -52.45 0.09
C GLU A 191 57.52 -51.41 1.09
N ARG A 192 57.03 -50.17 0.98
CA ARG A 192 57.44 -49.09 1.87
C ARG A 192 56.83 -49.22 3.27
N HIS A 193 55.57 -49.64 3.33
CA HIS A 193 54.85 -49.78 4.59
C HIS A 193 54.67 -51.26 4.97
N ASN A 194 54.44 -51.51 6.27
CA ASN A 194 54.42 -52.89 6.79
C ASN A 194 53.04 -53.44 7.14
N SER A 195 52.33 -52.78 8.05
CA SER A 195 51.05 -53.29 8.56
C SER A 195 49.84 -52.81 7.76
N TYR A 196 48.93 -53.74 7.49
CA TYR A 196 47.69 -53.45 6.76
C TYR A 196 46.50 -54.03 7.51
N THR A 197 45.62 -53.17 8.02
CA THR A 197 44.47 -53.60 8.79
C THR A 197 43.14 -53.39 8.04
N CYS A 198 42.29 -54.40 8.09
CA CYS A 198 40.94 -54.31 7.56
C CYS A 198 39.95 -54.17 8.71
N GLU A 199 39.21 -53.06 8.72
CA GLU A 199 38.31 -52.74 9.82
C GLU A 199 36.87 -52.57 9.35
N ALA A 200 35.93 -53.15 10.09
CA ALA A 200 34.51 -53.07 9.74
C ALA A 200 33.62 -52.86 10.96
N THR A 201 32.81 -51.79 10.91
CA THR A 201 31.84 -51.50 11.97
C THR A 201 30.45 -51.99 11.56
N HIS A 202 29.74 -52.60 12.51
CA HIS A 202 28.42 -53.15 12.26
C HIS A 202 27.48 -52.88 13.44
N LYS A 203 26.17 -53.08 13.22
CA LYS A 203 25.16 -52.87 14.25
C LYS A 203 25.18 -53.94 15.34
N THR A 204 25.75 -55.10 15.02
CA THR A 204 25.81 -56.24 15.95
C THR A 204 26.72 -55.98 17.15
N SER A 205 27.81 -55.26 16.93
CA SER A 205 28.77 -54.94 17.99
C SER A 205 29.36 -53.55 17.84
N THR A 206 29.54 -52.85 18.96
CA THR A 206 30.14 -51.52 18.98
C THR A 206 31.62 -51.56 18.62
N SER A 207 32.30 -52.64 19.04
CA SER A 207 33.70 -52.86 18.69
C SER A 207 33.81 -53.35 17.24
N PRO A 208 34.67 -52.68 16.44
CA PRO A 208 34.86 -53.08 15.05
C PRO A 208 35.74 -54.31 14.93
N ILE A 209 35.40 -55.20 14.00
CA ILE A 209 36.19 -56.39 13.73
C ILE A 209 37.43 -56.00 12.93
N VAL A 210 38.59 -56.15 13.56
CA VAL A 210 39.87 -55.75 12.95
C VAL A 210 40.69 -56.99 12.57
N LYS A 211 40.86 -57.20 11.28
CA LYS A 211 41.73 -58.25 10.77
C LYS A 211 42.92 -57.64 10.03
N SER A 212 44.12 -57.97 10.51
CA SER A 212 45.34 -57.35 10.00
C SER A 212 46.43 -58.37 9.68
N PHE A 213 47.36 -57.97 8.81
CA PHE A 213 48.53 -58.79 8.51
C PHE A 213 49.79 -57.94 8.37
N ASN A 214 50.93 -58.53 8.74
CA ASN A 214 52.23 -57.89 8.58
C ASN A 214 52.99 -58.50 7.41
N ARG A 215 53.67 -57.66 6.64
CA ARG A 215 54.46 -58.10 5.49
C ARG A 215 55.71 -58.86 5.93
N ASN A 216 56.18 -58.56 7.15
CA ASN A 216 57.36 -59.19 7.73
C ASN A 216 57.20 -60.68 7.99
N GLU A 217 55.97 -61.09 8.34
CA GLU A 217 55.61 -62.49 8.58
C GLU A 217 56.42 -63.12 9.73
N GLN B 1 9.61 -79.65 -24.26
CA GLN B 1 10.36 -78.73 -23.35
C GLN B 1 10.66 -77.41 -24.06
N VAL B 2 9.89 -76.39 -23.73
CA VAL B 2 10.01 -75.07 -24.37
C VAL B 2 11.23 -74.32 -23.85
N GLN B 3 12.10 -73.92 -24.76
CA GLN B 3 13.33 -73.21 -24.43
C GLN B 3 13.62 -72.06 -25.39
N LEU B 4 14.25 -71.02 -24.86
CA LEU B 4 14.73 -69.90 -25.69
C LEU B 4 16.20 -69.65 -25.40
N GLN B 5 17.04 -69.91 -26.41
CA GLN B 5 18.48 -69.75 -26.27
C GLN B 5 18.99 -68.51 -27.01
N GLN B 6 19.36 -67.49 -26.23
CA GLN B 6 19.95 -66.28 -26.78
C GLN B 6 21.46 -66.39 -26.92
N SER B 7 22.03 -65.52 -27.75
CA SER B 7 23.46 -65.48 -28.00
C SER B 7 24.26 -65.00 -26.78
N GLY B 8 25.59 -64.94 -26.93
CA GLY B 8 26.47 -64.50 -25.85
C GLY B 8 26.50 -62.98 -25.69
N PRO B 9 27.34 -62.49 -24.77
CA PRO B 9 27.53 -61.05 -24.52
C PRO B 9 28.15 -60.34 -25.72
N GLU B 10 27.93 -59.03 -25.82
CA GLU B 10 28.41 -58.27 -26.97
C GLU B 10 29.06 -56.94 -26.60
N LEU B 11 30.19 -56.67 -27.24
CA LEU B 11 30.91 -55.40 -27.09
C LEU B 11 30.94 -54.68 -28.44
N VAL B 12 30.37 -53.47 -28.46
CA VAL B 12 30.20 -52.72 -29.71
C VAL B 12 30.75 -51.30 -29.61
N LYS B 13 31.26 -50.78 -30.73
CA LYS B 13 31.66 -49.39 -30.85
C LYS B 13 30.45 -48.54 -31.27
N PRO B 14 30.38 -47.28 -30.80
CA PRO B 14 29.28 -46.38 -31.18
C PRO B 14 29.17 -46.15 -32.68
N GLY B 15 27.95 -46.31 -33.21
CA GLY B 15 27.69 -46.14 -34.64
C GLY B 15 27.80 -47.43 -35.44
N VAL B 16 27.70 -48.55 -34.75
CA VAL B 16 27.77 -49.87 -35.38
C VAL B 16 26.52 -50.69 -35.03
N SER B 17 25.86 -51.22 -36.05
CA SER B 17 24.68 -52.06 -35.86
C SER B 17 25.06 -53.47 -35.41
N VAL B 18 24.14 -54.11 -34.67
CA VAL B 18 24.39 -55.45 -34.13
C VAL B 18 23.14 -56.35 -34.20
N LYS B 19 23.34 -57.59 -34.63
CA LYS B 19 22.27 -58.59 -34.64
C LYS B 19 22.31 -59.48 -33.40
N ILE B 20 21.14 -59.65 -32.78
CA ILE B 20 20.99 -60.50 -31.61
C ILE B 20 20.04 -61.66 -31.93
N SER B 21 20.53 -62.88 -31.78
CA SER B 21 19.75 -64.08 -32.13
C SER B 21 19.08 -64.74 -30.92
N CYS B 22 17.94 -65.37 -31.17
CA CYS B 22 17.17 -66.05 -30.14
C CYS B 22 16.63 -67.38 -30.68
N LYS B 23 17.33 -68.47 -30.35
CA LYS B 23 16.98 -69.80 -30.83
C LYS B 23 15.82 -70.39 -30.03
N ALA B 24 14.81 -70.90 -30.73
CA ALA B 24 13.65 -71.49 -30.09
C ALA B 24 13.55 -72.99 -30.37
N SER B 25 13.26 -73.76 -29.32
CA SER B 25 13.13 -75.21 -29.43
C SER B 25 12.12 -75.76 -28.43
N GLY B 26 11.38 -76.78 -28.85
CA GLY B 26 10.38 -77.43 -28.00
C GLY B 26 8.94 -77.12 -28.34
N TYR B 27 8.74 -76.27 -29.35
CA TYR B 27 7.41 -75.87 -29.81
C TYR B 27 7.43 -75.45 -31.28
N SER B 28 6.23 -75.30 -31.86
CA SER B 28 6.10 -74.82 -33.24
C SER B 28 6.39 -73.33 -33.31
N PHE B 29 7.50 -72.99 -33.97
CA PHE B 29 8.05 -71.65 -34.02
C PHE B 29 7.11 -70.59 -34.63
N THR B 30 6.36 -70.99 -35.66
CA THR B 30 5.57 -70.06 -36.46
C THR B 30 4.18 -69.72 -35.89
N SER B 31 3.80 -70.37 -34.79
CA SER B 31 2.45 -70.23 -34.25
C SER B 31 2.33 -69.26 -33.05
N PHE B 32 3.45 -68.86 -32.48
CA PHE B 32 3.44 -67.99 -31.30
C PHE B 32 4.17 -66.65 -31.50
N TYR B 33 3.68 -65.62 -30.84
CA TYR B 33 4.30 -64.30 -30.86
C TYR B 33 5.60 -64.29 -30.05
N ILE B 34 6.56 -63.48 -30.49
CA ILE B 34 7.81 -63.28 -29.75
C ILE B 34 8.02 -61.79 -29.47
N TYR B 35 8.03 -61.45 -28.19
CA TYR B 35 8.22 -60.07 -27.74
C TYR B 35 9.67 -59.84 -27.32
N TRP B 36 10.14 -58.61 -27.49
CA TRP B 36 11.51 -58.24 -27.11
C TRP B 36 11.53 -57.13 -26.06
N VAL B 37 12.34 -57.32 -25.03
CA VAL B 37 12.37 -56.42 -23.88
C VAL B 37 13.80 -55.93 -23.59
N LYS B 38 13.93 -54.64 -23.29
CA LYS B 38 15.21 -54.03 -22.96
C LYS B 38 15.29 -53.72 -21.47
N GLN B 39 16.48 -53.93 -20.89
CA GLN B 39 16.73 -53.62 -19.49
C GLN B 39 18.01 -52.84 -19.23
N ARG B 40 17.85 -51.55 -18.96
CA ARG B 40 18.96 -50.67 -18.58
C ARG B 40 19.46 -51.11 -17.20
N PRO B 41 20.78 -51.33 -17.06
CA PRO B 41 21.38 -51.80 -15.80
C PRO B 41 20.96 -51.01 -14.57
N GLY B 42 20.36 -51.72 -13.61
CA GLY B 42 19.87 -51.11 -12.38
C GLY B 42 18.58 -50.34 -12.53
N GLN B 43 17.85 -50.61 -13.61
CA GLN B 43 16.59 -49.94 -13.90
C GLN B 43 15.47 -50.92 -14.27
N GLY B 44 14.35 -50.39 -14.76
CA GLY B 44 13.18 -51.20 -15.08
C GLY B 44 13.23 -51.89 -16.43
N LEU B 45 12.07 -52.39 -16.88
CA LEU B 45 11.94 -53.13 -18.12
C LEU B 45 11.24 -52.30 -19.20
N GLU B 46 11.70 -52.45 -20.44
CA GLU B 46 11.18 -51.69 -21.58
C GLU B 46 10.79 -52.61 -22.74
N TRP B 47 9.54 -52.55 -23.16
CA TRP B 47 9.08 -53.33 -24.32
C TRP B 47 9.53 -52.65 -25.61
N ILE B 48 10.15 -53.44 -26.49
CA ILE B 48 10.69 -52.92 -27.75
C ILE B 48 9.75 -53.17 -28.92
N GLY B 49 9.32 -54.42 -29.09
CA GLY B 49 8.40 -54.78 -30.17
C GLY B 49 8.14 -56.27 -30.27
N TRP B 50 7.05 -56.64 -30.93
CA TRP B 50 6.74 -58.04 -31.18
C TRP B 50 6.89 -58.44 -32.65
N ILE B 51 7.15 -59.72 -32.87
CA ILE B 51 7.32 -60.28 -34.22
C ILE B 51 6.59 -61.62 -34.31
N PHE B 52 5.88 -61.84 -35.41
CA PHE B 52 5.21 -63.10 -35.67
C PHE B 52 5.94 -63.88 -36.76
N PRO B 53 6.66 -64.95 -36.37
CA PRO B 53 7.51 -65.78 -37.24
C PRO B 53 6.85 -66.31 -38.51
N GLY B 54 5.51 -66.35 -38.54
CA GLY B 54 4.76 -66.82 -39.70
C GLY B 54 5.04 -66.01 -40.95
N SER B 55 4.78 -64.71 -40.88
CA SER B 55 5.04 -63.80 -41.99
C SER B 55 5.43 -62.40 -41.48
N THR B 56 5.91 -61.56 -42.39
CA THR B 56 6.37 -60.20 -42.04
C THR B 56 5.27 -59.36 -41.40
N ASN B 57 5.21 -59.41 -40.07
CA ASN B 57 4.24 -58.63 -39.29
C ASN B 57 4.84 -58.20 -37.96
N THR B 58 5.08 -56.89 -37.83
CA THR B 58 5.71 -56.33 -36.64
C THR B 58 5.01 -55.06 -36.16
N LYS B 59 5.02 -54.86 -34.85
CA LYS B 59 4.65 -53.58 -34.25
C LYS B 59 5.68 -53.21 -33.20
N TYR B 60 6.21 -51.99 -33.32
CA TYR B 60 7.28 -51.54 -32.44
C TYR B 60 6.79 -50.47 -31.46
N ASN B 61 7.59 -50.24 -30.43
CA ASN B 61 7.41 -49.10 -29.54
C ASN B 61 7.91 -47.85 -30.25
N GLU B 62 7.15 -46.75 -30.14
CA GLU B 62 7.49 -45.49 -30.81
C GLU B 62 8.86 -44.94 -30.43
N LYS B 63 9.33 -45.31 -29.23
CA LYS B 63 10.65 -44.91 -28.75
C LYS B 63 11.76 -45.70 -29.44
N PHE B 64 11.41 -46.87 -29.98
CA PHE B 64 12.37 -47.77 -30.59
C PHE B 64 12.19 -47.94 -32.11
N LYS B 65 11.12 -47.37 -32.65
CA LYS B 65 10.75 -47.52 -34.07
C LYS B 65 11.92 -47.43 -35.05
N GLY B 66 12.67 -46.33 -34.98
CA GLY B 66 13.75 -46.07 -35.92
C GLY B 66 15.09 -46.67 -35.53
N LYS B 67 15.09 -47.56 -34.54
CA LYS B 67 16.33 -48.16 -34.04
C LYS B 67 16.33 -49.68 -34.07
N ALA B 68 15.18 -50.29 -33.78
CA ALA B 68 15.08 -51.74 -33.73
C ALA B 68 14.30 -52.31 -34.92
N THR B 69 14.87 -53.36 -35.53
CA THR B 69 14.21 -54.08 -36.61
C THR B 69 14.19 -55.56 -36.29
N LEU B 70 13.04 -56.20 -36.50
CA LEU B 70 12.84 -57.60 -36.16
C LEU B 70 12.71 -58.51 -37.38
N THR B 71 13.44 -59.63 -37.35
CA THR B 71 13.39 -60.63 -38.40
C THR B 71 13.35 -62.04 -37.79
N ALA B 72 12.74 -62.98 -38.52
CA ALA B 72 12.66 -64.36 -38.07
C ALA B 72 12.83 -65.34 -39.25
N ASP B 73 13.75 -66.28 -39.09
CA ASP B 73 13.97 -67.34 -40.07
C ASP B 73 13.23 -68.60 -39.64
N THR B 74 12.34 -69.08 -40.49
CA THR B 74 11.50 -70.24 -40.17
C THR B 74 12.27 -71.56 -40.16
N SER B 75 13.24 -71.68 -41.08
CA SER B 75 14.02 -72.91 -41.23
C SER B 75 14.95 -73.19 -40.05
N SER B 76 15.54 -72.13 -39.51
CA SER B 76 16.44 -72.24 -38.36
C SER B 76 15.73 -72.03 -37.03
N SER B 77 14.46 -71.60 -37.11
CA SER B 77 13.63 -71.27 -35.94
C SER B 77 14.31 -70.31 -34.98
N THR B 78 14.87 -69.22 -35.53
CA THR B 78 15.59 -68.22 -34.76
C THR B 78 15.00 -66.82 -34.96
N ALA B 79 14.73 -66.14 -33.86
CA ALA B 79 14.29 -64.74 -33.88
C ALA B 79 15.51 -63.83 -33.74
N SER B 80 15.63 -62.87 -34.65
CA SER B 80 16.78 -61.97 -34.67
C SER B 80 16.40 -60.49 -34.63
N MET B 81 17.12 -59.73 -33.81
CA MET B 81 16.90 -58.31 -33.65
C MET B 81 18.16 -57.52 -34.01
N GLN B 82 18.01 -56.55 -34.92
CA GLN B 82 19.10 -55.66 -35.28
C GLN B 82 18.90 -54.28 -34.66
N LEU B 83 19.95 -53.75 -34.04
CA LEU B 83 19.90 -52.44 -33.39
C LEU B 83 20.90 -51.49 -34.04
N SER B 84 20.37 -50.52 -34.78
CA SER B 84 21.19 -49.58 -35.55
C SER B 84 21.88 -48.53 -34.67
N SER B 85 23.09 -48.14 -35.09
CA SER B 85 23.89 -47.10 -34.44
C SER B 85 23.71 -46.97 -32.93
N LEU B 86 24.39 -47.85 -32.19
CA LEU B 86 24.25 -47.93 -30.74
C LEU B 86 24.95 -46.78 -30.01
N THR B 87 24.27 -46.23 -29.00
CA THR B 87 24.80 -45.12 -28.22
C THR B 87 25.17 -45.57 -26.80
N SER B 88 25.42 -44.60 -25.92
CA SER B 88 25.72 -44.87 -24.52
C SER B 88 24.49 -45.35 -23.75
N GLU B 89 23.32 -44.84 -24.15
CA GLU B 89 22.05 -45.20 -23.52
C GLU B 89 21.43 -46.49 -24.10
N ASP B 90 22.23 -47.25 -24.84
CA ASP B 90 21.78 -48.51 -25.42
C ASP B 90 22.43 -49.72 -24.75
N SER B 91 23.50 -49.47 -23.99
CA SER B 91 24.20 -50.50 -23.23
C SER B 91 23.27 -51.10 -22.18
N ALA B 92 22.62 -52.21 -22.54
CA ALA B 92 21.58 -52.82 -21.71
C ALA B 92 21.48 -54.34 -21.94
N VAL B 93 20.64 -55.00 -21.14
CA VAL B 93 20.38 -56.43 -21.30
C VAL B 93 19.08 -56.63 -22.08
N TYR B 94 19.21 -57.25 -23.26
CA TYR B 94 18.07 -57.45 -24.15
C TYR B 94 17.53 -58.88 -24.08
N PHE B 95 16.23 -59.00 -23.87
CA PHE B 95 15.56 -60.30 -23.72
C PHE B 95 14.66 -60.63 -24.90
N CYS B 96 14.54 -61.93 -25.19
CA CYS B 96 13.51 -62.43 -26.09
C CYS B 96 12.53 -63.28 -25.29
N ALA B 97 11.24 -63.08 -25.53
CA ALA B 97 10.21 -63.78 -24.77
C ALA B 97 9.12 -64.37 -25.66
N ARG B 98 8.77 -65.62 -25.39
CA ARG B 98 7.66 -66.30 -26.07
C ARG B 98 6.35 -65.90 -25.39
N VAL B 99 5.40 -65.45 -26.19
CA VAL B 99 4.14 -64.93 -25.67
C VAL B 99 2.94 -65.66 -26.26
N ASP B 100 2.15 -66.28 -25.38
CA ASP B 100 0.84 -66.79 -25.74
C ASP B 100 -0.19 -65.90 -25.07
N GLY B 101 -0.84 -65.06 -25.88
CA GLY B 101 -1.76 -64.02 -25.44
C GLY B 101 -2.35 -64.15 -24.05
N TYR B 102 -2.13 -63.16 -23.19
CA TYR B 102 -1.35 -61.96 -23.53
C TYR B 102 -0.25 -61.75 -22.50
N ALA B 103 0.48 -62.82 -22.19
CA ALA B 103 1.54 -62.80 -21.20
C ALA B 103 2.79 -63.52 -21.70
N MET B 104 3.95 -63.05 -21.25
CA MET B 104 5.23 -63.62 -21.65
C MET B 104 5.55 -64.86 -20.81
N ASP B 105 5.31 -66.03 -21.40
CA ASP B 105 5.46 -67.31 -20.70
C ASP B 105 6.92 -67.72 -20.51
N TYR B 106 7.65 -67.83 -21.61
CA TYR B 106 9.03 -68.29 -21.59
C TYR B 106 10.00 -67.19 -22.00
N TRP B 107 11.19 -67.21 -21.38
CA TRP B 107 12.19 -66.16 -21.60
C TRP B 107 13.56 -66.74 -21.96
N GLY B 108 14.37 -65.92 -22.63
CA GLY B 108 15.78 -66.24 -22.87
C GLY B 108 16.63 -65.76 -21.71
N GLN B 109 17.93 -66.05 -21.78
CA GLN B 109 18.86 -65.65 -20.71
C GLN B 109 19.09 -64.14 -20.69
N GLY B 110 19.09 -63.53 -21.87
CA GLY B 110 19.35 -62.10 -22.01
C GLY B 110 20.78 -61.83 -22.42
N THR B 111 20.95 -61.08 -23.51
CA THR B 111 22.27 -60.72 -24.01
C THR B 111 22.68 -59.35 -23.46
N SER B 112 23.82 -59.31 -22.78
CA SER B 112 24.34 -58.07 -22.22
C SER B 112 25.20 -57.33 -23.24
N VAL B 113 24.65 -56.22 -23.75
CA VAL B 113 25.36 -55.37 -24.69
C VAL B 113 25.94 -54.18 -23.95
N THR B 114 27.23 -53.91 -24.18
CA THR B 114 27.93 -52.80 -23.52
C THR B 114 28.61 -51.88 -24.53
N VAL B 115 28.29 -50.59 -24.44
CA VAL B 115 28.91 -49.54 -25.26
C VAL B 115 29.12 -48.29 -24.38
N SER B 116 30.35 -47.99 -23.91
CA SER B 116 31.62 -48.74 -24.10
C SER B 116 32.34 -48.50 -25.43
N SER B 117 33.49 -47.85 -25.34
CA SER B 117 34.33 -47.55 -26.51
C SER B 117 35.80 -47.86 -26.22
N ALA B 118 36.03 -48.70 -25.22
CA ALA B 118 37.38 -49.04 -24.75
C ALA B 118 37.93 -50.30 -25.42
N LYS B 119 39.24 -50.50 -25.25
CA LYS B 119 39.93 -51.67 -25.78
C LYS B 119 39.66 -52.90 -24.93
N THR B 120 39.54 -54.06 -25.58
CA THR B 120 39.36 -55.33 -24.87
C THR B 120 40.67 -55.79 -24.25
N THR B 121 40.66 -55.97 -22.94
CA THR B 121 41.87 -56.33 -22.19
C THR B 121 41.80 -57.71 -21.57
N ALA B 122 42.97 -58.34 -21.42
CA ALA B 122 43.08 -59.68 -20.84
C ALA B 122 43.00 -59.64 -19.31
N PRO B 123 42.22 -60.57 -18.72
CA PRO B 123 42.12 -60.65 -17.26
C PRO B 123 43.36 -61.29 -16.62
N SER B 124 43.65 -60.92 -15.39
CA SER B 124 44.75 -61.51 -14.63
C SER B 124 44.23 -62.18 -13.36
N VAL B 125 44.41 -63.50 -13.29
CA VAL B 125 43.92 -64.29 -12.17
C VAL B 125 44.98 -64.42 -11.08
N TYR B 126 44.59 -64.15 -9.84
CA TYR B 126 45.49 -64.27 -8.70
C TYR B 126 44.87 -65.10 -7.58
N PRO B 127 45.58 -66.15 -7.13
CA PRO B 127 45.08 -66.99 -6.03
C PRO B 127 45.27 -66.32 -4.67
N LEU B 128 44.29 -66.47 -3.80
CA LEU B 128 44.34 -65.87 -2.47
C LEU B 128 44.36 -66.92 -1.36
N ALA B 129 45.58 -67.28 -0.94
CA ALA B 129 45.79 -68.22 0.15
C ALA B 129 45.70 -67.48 1.49
N PRO B 130 45.35 -68.21 2.58
CA PRO B 130 45.29 -67.60 3.91
C PRO B 130 46.62 -66.96 4.33
N VAL B 131 46.54 -66.01 5.27
CA VAL B 131 47.70 -65.27 5.76
C VAL B 131 48.87 -66.20 6.11
N CYS B 132 50.08 -65.78 5.75
CA CYS B 132 51.30 -66.56 5.98
C CYS B 132 51.36 -67.09 7.42
N GLY B 133 51.59 -68.40 7.53
CA GLY B 133 51.55 -69.11 8.80
C GLY B 133 50.86 -70.44 8.60
N ASP B 134 51.48 -71.50 9.10
CA ASP B 134 51.01 -72.87 8.88
C ASP B 134 49.64 -73.14 9.51
N THR B 135 48.59 -72.84 8.75
CA THR B 135 47.17 -73.05 9.14
C THR B 135 46.71 -72.31 10.40
N THR B 136 45.40 -72.28 10.60
CA THR B 136 44.80 -71.73 11.82
C THR B 136 43.77 -72.71 12.38
N GLY B 137 42.98 -73.31 11.51
CA GLY B 137 42.02 -74.35 11.89
C GLY B 137 40.55 -74.00 11.66
N SER B 138 39.69 -74.79 12.30
CA SER B 138 38.22 -74.65 12.23
C SER B 138 37.67 -74.64 10.80
N SER B 139 37.59 -73.46 10.20
CA SER B 139 37.12 -73.30 8.82
C SER B 139 37.75 -72.07 8.18
N VAL B 140 38.59 -72.31 7.16
CA VAL B 140 39.31 -71.24 6.48
C VAL B 140 38.70 -70.91 5.11
N THR B 141 38.79 -69.64 4.73
CA THR B 141 38.26 -69.17 3.46
C THR B 141 39.35 -69.04 2.41
N LEU B 142 38.97 -69.24 1.15
CA LEU B 142 39.88 -69.06 0.02
C LEU B 142 39.29 -68.05 -0.97
N GLY B 143 40.16 -67.34 -1.67
CA GLY B 143 39.72 -66.31 -2.61
C GLY B 143 40.36 -66.38 -3.98
N CYS B 144 39.74 -65.68 -4.94
CA CYS B 144 40.25 -65.62 -6.30
C CYS B 144 40.08 -64.21 -6.85
N LEU B 145 41.19 -63.57 -7.21
CA LEU B 145 41.17 -62.19 -7.68
C LEU B 145 41.31 -62.13 -9.19
N VAL B 146 40.35 -61.46 -9.84
CA VAL B 146 40.43 -61.18 -11.27
C VAL B 146 40.62 -59.67 -11.46
N LYS B 147 41.85 -59.28 -11.78
CA LYS B 147 42.24 -57.88 -11.84
C LYS B 147 42.36 -57.38 -13.27
N GLY B 148 41.72 -56.24 -13.54
CA GLY B 148 41.85 -55.51 -14.80
C GLY B 148 41.43 -56.28 -16.05
N TYR B 149 40.14 -56.25 -16.36
CA TYR B 149 39.63 -56.87 -17.59
C TYR B 149 38.55 -56.01 -18.24
N PHE B 150 38.32 -56.27 -19.53
CA PHE B 150 37.28 -55.58 -20.30
C PHE B 150 36.91 -56.40 -21.52
N PRO B 151 35.59 -56.57 -21.78
CA PRO B 151 34.47 -56.13 -20.97
C PRO B 151 33.86 -57.24 -20.11
N GLU B 152 32.60 -57.07 -19.72
CA GLU B 152 31.84 -58.07 -18.98
C GLU B 152 31.41 -59.22 -19.91
N PRO B 153 31.11 -60.41 -19.33
CA PRO B 153 31.29 -60.82 -17.94
C PRO B 153 32.49 -61.75 -17.73
N VAL B 154 32.62 -62.27 -16.51
CA VAL B 154 33.58 -63.33 -16.20
C VAL B 154 32.87 -64.42 -15.41
N THR B 155 32.85 -65.63 -15.97
CA THR B 155 32.24 -66.78 -15.32
C THR B 155 33.22 -67.45 -14.36
N LEU B 156 32.89 -67.43 -13.07
CA LEU B 156 33.74 -68.01 -12.03
C LEU B 156 33.26 -69.39 -11.63
N THR B 157 34.19 -70.32 -11.52
CA THR B 157 33.87 -71.71 -11.16
C THR B 157 34.93 -72.26 -10.20
N TRP B 158 34.49 -73.07 -9.24
CA TRP B 158 35.39 -73.71 -8.29
C TRP B 158 35.35 -75.23 -8.45
N ASN B 159 36.52 -75.80 -8.75
CA ASN B 159 36.67 -77.23 -9.05
C ASN B 159 35.69 -77.75 -10.11
N SER B 160 35.63 -77.02 -11.22
CA SER B 160 34.73 -77.34 -12.36
C SER B 160 33.24 -77.23 -12.04
N GLY B 161 32.91 -76.99 -10.77
CA GLY B 161 31.53 -76.80 -10.35
C GLY B 161 31.04 -77.76 -9.28
N SER B 162 31.96 -78.53 -8.70
CA SER B 162 31.62 -79.50 -7.66
C SER B 162 31.40 -78.81 -6.31
N LEU B 163 32.36 -77.99 -5.90
CA LEU B 163 32.24 -77.22 -4.66
C LEU B 163 31.67 -75.83 -4.93
N SER B 164 30.39 -75.79 -5.29
CA SER B 164 29.68 -74.54 -5.54
C SER B 164 28.47 -74.41 -4.62
N SER B 165 28.74 -74.33 -3.32
CA SER B 165 27.70 -74.20 -2.30
C SER B 165 28.00 -73.05 -1.34
N GLY B 166 29.23 -73.00 -0.84
CA GLY B 166 29.68 -71.92 0.05
C GLY B 166 30.54 -70.91 -0.69
N VAL B 167 30.03 -70.45 -1.83
CA VAL B 167 30.76 -69.51 -2.69
C VAL B 167 30.06 -68.16 -2.73
N HIS B 168 30.85 -67.09 -2.55
CA HIS B 168 30.34 -65.72 -2.68
C HIS B 168 30.98 -65.02 -3.88
N THR B 169 30.23 -64.95 -4.98
CA THR B 169 30.68 -64.24 -6.18
C THR B 169 30.20 -62.80 -6.16
N PHE B 170 31.13 -61.87 -6.38
CA PHE B 170 30.84 -60.45 -6.26
C PHE B 170 30.68 -59.77 -7.61
N PRO B 171 29.64 -58.92 -7.76
CA PRO B 171 29.40 -58.20 -9.01
C PRO B 171 30.55 -57.24 -9.35
N ALA B 172 30.87 -57.14 -10.64
CA ALA B 172 32.01 -56.35 -11.10
C ALA B 172 31.74 -54.85 -11.04
N VAL B 173 32.73 -54.10 -10.56
CA VAL B 173 32.65 -52.65 -10.46
C VAL B 173 33.74 -52.01 -11.33
N LEU B 174 33.35 -51.02 -12.13
CA LEU B 174 34.25 -50.36 -13.06
C LEU B 174 35.09 -49.29 -12.37
N GLN B 175 36.40 -49.31 -12.64
CA GLN B 175 37.33 -48.29 -12.17
C GLN B 175 38.35 -47.97 -13.27
N SER B 176 38.48 -46.69 -13.59
CA SER B 176 39.39 -46.19 -14.64
C SER B 176 39.33 -47.02 -15.93
N ASP B 177 38.10 -47.20 -16.44
CA ASP B 177 37.82 -47.94 -17.68
C ASP B 177 38.22 -49.43 -17.61
N LEU B 178 38.26 -49.98 -16.40
CA LEU B 178 38.62 -51.38 -16.19
C LEU B 178 37.75 -52.05 -15.12
N TYR B 179 37.34 -53.29 -15.39
CA TYR B 179 36.52 -54.06 -14.46
C TYR B 179 37.36 -54.91 -13.51
N THR B 180 36.91 -54.99 -12.25
CA THR B 180 37.51 -55.87 -11.26
C THR B 180 36.43 -56.67 -10.54
N LEU B 181 36.71 -57.95 -10.30
CA LEU B 181 35.74 -58.88 -9.71
C LEU B 181 36.44 -59.94 -8.87
N SER B 182 35.82 -60.28 -7.73
CA SER B 182 36.38 -61.27 -6.81
C SER B 182 35.38 -62.35 -6.42
N SER B 183 35.90 -63.51 -6.01
CA SER B 183 35.09 -64.63 -5.54
C SER B 183 35.75 -65.30 -4.34
N SER B 184 34.94 -65.66 -3.35
CA SER B 184 35.44 -66.32 -2.14
C SER B 184 34.70 -67.60 -1.84
N VAL B 185 35.46 -68.64 -1.48
CA VAL B 185 34.88 -69.94 -1.09
C VAL B 185 35.27 -70.30 0.34
N THR B 186 34.27 -70.61 1.15
CA THR B 186 34.48 -70.99 2.54
C THR B 186 34.28 -72.50 2.75
N VAL B 187 35.35 -73.18 3.15
CA VAL B 187 35.35 -74.63 3.32
C VAL B 187 35.92 -75.01 4.70
N THR B 188 35.64 -76.24 5.14
CA THR B 188 36.18 -76.76 6.39
C THR B 188 37.68 -76.99 6.31
N SER B 189 38.36 -76.93 7.45
CA SER B 189 39.81 -77.08 7.53
C SER B 189 40.29 -78.52 7.29
N SER B 190 39.36 -79.47 7.37
CA SER B 190 39.67 -80.88 7.15
C SER B 190 39.88 -81.21 5.68
N THR B 191 39.24 -80.44 4.80
CA THR B 191 39.30 -80.69 3.35
C THR B 191 40.28 -79.78 2.62
N TRP B 192 41.20 -79.16 3.37
CA TRP B 192 42.24 -78.30 2.78
C TRP B 192 43.48 -78.26 3.68
N PRO B 193 44.68 -78.43 3.08
CA PRO B 193 44.94 -78.66 1.65
C PRO B 193 45.00 -80.14 1.27
N SER B 194 44.22 -80.97 1.94
CA SER B 194 44.12 -82.40 1.62
C SER B 194 43.42 -82.60 0.28
N GLN B 195 42.32 -81.88 0.07
CA GLN B 195 41.60 -81.88 -1.19
C GLN B 195 41.98 -80.64 -2.00
N SER B 196 42.42 -80.85 -3.24
CA SER B 196 42.88 -79.77 -4.10
C SER B 196 41.72 -78.90 -4.61
N ILE B 197 41.72 -77.65 -4.18
CA ILE B 197 40.71 -76.68 -4.60
C ILE B 197 41.29 -75.72 -5.64
N THR B 198 40.69 -75.72 -6.83
CA THR B 198 41.16 -74.93 -7.96
C THR B 198 40.19 -73.81 -8.34
N CYS B 199 40.73 -72.73 -8.91
CA CYS B 199 39.92 -71.62 -9.39
C CYS B 199 39.85 -71.64 -10.92
N ASN B 200 38.63 -71.77 -11.44
CA ASN B 200 38.39 -71.78 -12.88
C ASN B 200 37.79 -70.45 -13.35
N VAL B 201 38.56 -69.72 -14.16
CA VAL B 201 38.17 -68.41 -14.66
C VAL B 201 38.09 -68.40 -16.19
N ALA B 202 36.97 -67.92 -16.72
CA ALA B 202 36.77 -67.85 -18.17
C ALA B 202 36.35 -66.45 -18.63
N HIS B 203 36.96 -65.99 -19.70
CA HIS B 203 36.65 -64.68 -20.30
C HIS B 203 36.42 -64.81 -21.81
N PRO B 204 35.28 -64.31 -22.30
CA PRO B 204 34.87 -64.52 -23.70
C PRO B 204 35.67 -63.72 -24.73
N ALA B 205 35.86 -62.43 -24.47
CA ALA B 205 36.50 -61.52 -25.44
C ALA B 205 37.98 -61.83 -25.66
N SER B 206 38.72 -62.01 -24.58
CA SER B 206 40.15 -62.32 -24.64
C SER B 206 40.38 -63.80 -24.98
N SER B 207 39.32 -64.59 -24.89
CA SER B 207 39.35 -66.04 -25.13
C SER B 207 40.35 -66.76 -24.21
N THR B 208 40.33 -66.39 -22.93
CA THR B 208 41.27 -66.92 -21.95
C THR B 208 40.58 -67.83 -20.92
N LYS B 209 41.14 -69.02 -20.75
CA LYS B 209 40.67 -69.97 -19.74
C LYS B 209 41.81 -70.31 -18.78
N VAL B 210 42.03 -69.44 -17.79
CA VAL B 210 43.11 -69.59 -16.84
C VAL B 210 42.65 -70.40 -15.61
N ASP B 211 43.35 -71.50 -15.37
CA ASP B 211 43.08 -72.34 -14.19
C ASP B 211 44.25 -72.24 -13.21
N LYS B 212 43.94 -71.87 -11.97
CA LYS B 212 44.95 -71.71 -10.93
C LYS B 212 44.62 -72.45 -9.65
N LYS B 213 45.57 -73.28 -9.21
CA LYS B 213 45.44 -74.03 -7.96
C LYS B 213 45.88 -73.14 -6.80
N ILE B 214 45.06 -73.09 -5.74
CA ILE B 214 45.40 -72.33 -4.55
C ILE B 214 46.28 -73.16 -3.63
N GLU B 215 47.56 -72.77 -3.56
CA GLU B 215 48.55 -73.45 -2.74
C GLU B 215 49.01 -72.55 -1.60
N PRO B 216 49.23 -73.13 -0.39
CA PRO B 216 49.70 -72.37 0.77
C PRO B 216 51.02 -71.63 0.49
N ARG B 217 51.08 -70.37 0.92
CA ARG B 217 52.25 -69.52 0.70
C ARG B 217 53.34 -69.81 1.73
N ASP C 1 -7.78 -7.31 -41.05
CA ASP C 1 -8.41 -8.61 -40.65
C ASP C 1 -9.30 -9.14 -41.78
N ILE C 2 -10.29 -8.34 -42.20
CA ILE C 2 -11.05 -8.63 -43.40
C ILE C 2 -10.36 -7.96 -44.58
N VAL C 3 -9.82 -8.77 -45.50
CA VAL C 3 -9.07 -8.26 -46.64
C VAL C 3 -10.00 -7.76 -47.73
N LEU C 4 -9.78 -6.51 -48.14
CA LEU C 4 -10.52 -5.91 -49.25
C LEU C 4 -9.57 -5.65 -50.42
N THR C 5 -9.86 -6.29 -51.55
CA THR C 5 -9.05 -6.14 -52.76
C THR C 5 -9.80 -5.38 -53.84
N GLN C 6 -9.10 -4.46 -54.52
CA GLN C 6 -9.71 -3.63 -55.55
C GLN C 6 -9.11 -3.89 -56.94
N SER C 7 -10.01 -4.10 -57.90
CA SER C 7 -9.61 -4.38 -59.29
C SER C 7 -10.32 -3.42 -60.25
N PRO C 8 -9.57 -2.80 -61.17
CA PRO C 8 -8.12 -2.92 -61.32
C PRO C 8 -7.36 -1.99 -60.37
N ALA C 9 -6.03 -2.10 -60.35
CA ALA C 9 -5.18 -1.23 -59.54
C ALA C 9 -5.12 0.18 -60.12
N SER C 10 -5.19 0.27 -61.45
CA SER C 10 -5.17 1.54 -62.16
C SER C 10 -5.96 1.43 -63.46
N LEU C 11 -6.80 2.43 -63.72
CA LEU C 11 -7.59 2.48 -64.96
C LEU C 11 -7.53 3.84 -65.66
N ALA C 12 -7.52 3.81 -66.99
CA ALA C 12 -7.50 5.01 -67.80
C ALA C 12 -8.82 5.15 -68.56
N VAL C 13 -9.52 6.26 -68.33
CA VAL C 13 -10.84 6.49 -68.91
C VAL C 13 -10.93 7.89 -69.50
N SER C 14 -11.37 7.97 -70.76
CA SER C 14 -11.54 9.25 -71.46
C SER C 14 -12.67 10.09 -70.84
N LEU C 15 -12.55 11.40 -70.97
CA LEU C 15 -13.50 12.34 -70.38
C LEU C 15 -14.91 12.15 -70.93
N GLY C 16 -15.86 11.88 -70.04
CA GLY C 16 -17.26 11.68 -70.41
C GLY C 16 -17.67 10.22 -70.54
N GLN C 17 -16.73 9.31 -70.29
CA GLN C 17 -16.99 7.87 -70.39
C GLN C 17 -17.24 7.23 -69.02
N ARG C 18 -17.50 5.92 -69.03
CA ARG C 18 -17.84 5.17 -67.82
C ARG C 18 -16.61 4.45 -67.25
N ALA C 19 -16.49 4.47 -65.92
CA ALA C 19 -15.42 3.77 -65.23
C ALA C 19 -15.98 2.78 -64.20
N THR C 20 -15.47 1.56 -64.22
CA THR C 20 -15.92 0.51 -63.30
C THR C 20 -14.84 0.14 -62.29
N ILE C 21 -15.18 0.18 -61.00
CA ILE C 21 -14.26 -0.15 -59.92
C ILE C 21 -14.87 -1.25 -59.04
N SER C 22 -14.13 -2.34 -58.86
CA SER C 22 -14.60 -3.47 -58.06
C SER C 22 -13.93 -3.53 -56.68
N CYS C 23 -14.65 -4.12 -55.72
CA CYS C 23 -14.15 -4.29 -54.35
C CYS C 23 -14.58 -5.66 -53.81
N ARG C 24 -13.67 -6.62 -53.85
CA ARG C 24 -13.92 -7.97 -53.35
C ARG C 24 -13.60 -8.08 -51.86
N ALA C 25 -14.41 -8.85 -51.14
CA ALA C 25 -14.24 -9.03 -49.69
C ALA C 25 -13.93 -10.48 -49.32
N SER C 26 -13.16 -10.64 -48.26
CA SER C 26 -12.80 -11.97 -47.75
C SER C 26 -13.91 -12.55 -46.88
N GLU C 27 -14.77 -11.68 -46.36
CA GLU C 27 -15.93 -12.07 -45.55
C GLU C 27 -17.11 -11.20 -45.94
N SER C 28 -18.32 -11.76 -45.83
CA SER C 28 -19.53 -11.03 -46.21
C SER C 28 -19.83 -9.92 -45.20
N VAL C 29 -19.68 -8.68 -45.67
CA VAL C 29 -19.91 -7.49 -44.86
C VAL C 29 -21.42 -7.15 -44.76
N ASP C 30 -22.20 -7.71 -45.68
CA ASP C 30 -23.64 -7.45 -45.76
C ASP C 30 -24.46 -8.16 -44.68
N SER C 31 -23.77 -8.81 -43.73
CA SER C 31 -24.41 -9.60 -42.68
C SER C 31 -25.43 -8.82 -41.87
N TYR C 32 -26.37 -9.55 -41.27
CA TYR C 32 -27.43 -9.00 -40.41
C TYR C 32 -28.62 -8.45 -41.20
N GLY C 33 -28.41 -8.16 -42.48
CA GLY C 33 -29.48 -7.70 -43.36
C GLY C 33 -29.03 -6.75 -44.46
N ASN C 34 -28.27 -5.73 -44.06
CA ASN C 34 -27.82 -4.68 -44.99
C ASN C 34 -26.31 -4.69 -45.19
N SER C 35 -25.87 -4.19 -46.35
CA SER C 35 -24.45 -4.07 -46.67
C SER C 35 -23.81 -2.91 -45.92
N PHE C 36 -22.65 -3.16 -45.30
CA PHE C 36 -21.92 -2.14 -44.57
C PHE C 36 -20.63 -1.75 -45.30
N MET C 37 -20.76 -1.47 -46.59
CA MET C 37 -19.62 -1.08 -47.43
C MET C 37 -19.68 0.39 -47.78
N ASN C 38 -18.59 1.10 -47.50
CA ASN C 38 -18.49 2.53 -47.81
C ASN C 38 -17.48 2.81 -48.92
N TRP C 39 -17.63 3.95 -49.57
CA TRP C 39 -16.75 4.37 -50.66
C TRP C 39 -16.16 5.76 -50.42
N TYR C 40 -14.90 5.94 -50.81
CA TYR C 40 -14.20 7.20 -50.58
C TYR C 40 -13.44 7.71 -51.80
N GLN C 41 -13.30 9.03 -51.88
CA GLN C 41 -12.52 9.70 -52.92
C GLN C 41 -11.41 10.51 -52.25
N GLN C 42 -10.16 10.24 -52.60
CA GLN C 42 -9.04 10.98 -52.03
C GLN C 42 -8.10 11.57 -53.06
N LYS C 43 -8.08 12.91 -53.11
CA LYS C 43 -7.16 13.65 -53.95
C LYS C 43 -5.84 13.87 -53.17
N PRO C 44 -4.70 13.88 -53.87
CA PRO C 44 -3.40 14.04 -53.20
C PRO C 44 -3.30 15.30 -52.35
N GLY C 45 -2.78 15.15 -51.13
CA GLY C 45 -2.65 16.26 -50.19
C GLY C 45 -3.92 16.52 -49.37
N GLN C 46 -5.01 15.87 -49.76
CA GLN C 46 -6.31 16.04 -49.11
C GLN C 46 -6.76 14.76 -48.40
N PRO C 47 -7.61 14.89 -47.35
CA PRO C 47 -8.23 13.74 -46.72
C PRO C 47 -9.28 13.06 -47.61
N PRO C 48 -9.58 11.77 -47.35
CA PRO C 48 -10.61 11.06 -48.12
C PRO C 48 -12.00 11.68 -47.95
N LYS C 49 -12.77 11.71 -49.04
CA LYS C 49 -14.12 12.24 -49.03
C LYS C 49 -15.13 11.12 -49.27
N LEU C 50 -16.06 10.97 -48.34
CA LEU C 50 -17.11 9.95 -48.42
C LEU C 50 -18.07 10.24 -49.57
N LEU C 51 -18.22 9.26 -50.46
CA LEU C 51 -19.10 9.38 -51.61
C LEU C 51 -20.40 8.62 -51.36
N ILE C 52 -20.28 7.32 -51.10
CA ILE C 52 -21.42 6.43 -50.94
C ILE C 52 -21.23 5.51 -49.73
N TYR C 53 -22.24 5.46 -48.86
CA TYR C 53 -22.24 4.56 -47.72
C TYR C 53 -23.29 3.46 -47.91
N ARG C 54 -22.95 2.25 -47.45
CA ARG C 54 -23.82 1.07 -47.58
C ARG C 54 -24.05 0.64 -49.02
N ALA C 55 -23.00 0.77 -49.84
CA ALA C 55 -23.02 0.39 -51.25
C ALA C 55 -23.98 1.20 -52.14
N SER C 56 -25.16 1.52 -51.64
CA SER C 56 -26.20 2.17 -52.45
C SER C 56 -26.46 3.63 -52.11
N ASN C 57 -26.50 3.96 -50.81
CA ASN C 57 -26.86 5.30 -50.35
C ASN C 57 -25.73 6.32 -50.49
N LEU C 58 -25.96 7.35 -51.29
CA LEU C 58 -24.97 8.42 -51.46
C LEU C 58 -25.07 9.48 -50.36
N GLU C 59 -23.94 10.11 -50.06
CA GLU C 59 -23.88 11.19 -49.07
C GLU C 59 -24.38 12.49 -49.69
N SER C 60 -25.02 13.33 -48.88
CA SER C 60 -25.53 14.62 -49.33
C SER C 60 -24.43 15.53 -49.84
N GLY C 61 -24.62 16.07 -51.04
CA GLY C 61 -23.61 16.92 -51.68
C GLY C 61 -22.85 16.21 -52.80
N ILE C 62 -22.96 14.88 -52.82
CA ILE C 62 -22.30 14.07 -53.84
C ILE C 62 -23.25 13.83 -55.02
N PRO C 63 -22.79 14.15 -56.26
CA PRO C 63 -23.61 14.02 -57.47
C PRO C 63 -24.08 12.59 -57.75
N ALA C 64 -25.21 12.47 -58.45
CA ALA C 64 -25.83 11.18 -58.74
C ALA C 64 -25.04 10.33 -59.74
N ARG C 65 -24.09 10.95 -60.42
CA ARG C 65 -23.22 10.26 -61.39
C ARG C 65 -22.31 9.22 -60.72
N PHE C 66 -22.02 9.44 -59.44
CA PHE C 66 -21.31 8.46 -58.62
C PHE C 66 -22.30 7.41 -58.13
N SER C 67 -22.17 6.20 -58.66
CA SER C 67 -23.09 5.11 -58.33
C SER C 67 -22.36 3.87 -57.85
N GLY C 68 -22.84 3.30 -56.75
CA GLY C 68 -22.27 2.08 -56.20
C GLY C 68 -23.28 0.96 -56.11
N SER C 69 -22.79 -0.28 -56.16
CA SER C 69 -23.66 -1.45 -56.08
C SER C 69 -22.92 -2.64 -55.45
N GLY C 70 -23.65 -3.74 -55.25
CA GLY C 70 -23.06 -4.97 -54.74
C GLY C 70 -23.69 -5.51 -53.47
N SER C 71 -23.44 -6.78 -53.19
CA SER C 71 -23.88 -7.45 -51.97
C SER C 71 -22.90 -8.58 -51.61
N ARG C 72 -22.99 -9.04 -50.36
CA ARG C 72 -22.11 -10.09 -49.81
C ARG C 72 -20.63 -9.71 -49.80
N THR C 73 -19.90 -10.11 -50.83
CA THR C 73 -18.45 -9.89 -50.90
C THR C 73 -18.06 -9.05 -52.12
N ASP C 74 -18.84 -9.16 -53.19
CA ASP C 74 -18.56 -8.45 -54.43
C ASP C 74 -19.31 -7.13 -54.50
N PHE C 75 -18.55 -6.04 -54.60
CA PHE C 75 -19.11 -4.68 -54.63
C PHE C 75 -18.45 -3.85 -55.74
N THR C 76 -19.24 -2.96 -56.36
CA THR C 76 -18.75 -2.14 -57.47
C THR C 76 -19.14 -0.67 -57.37
N LEU C 77 -18.18 0.20 -57.70
CA LEU C 77 -18.41 1.64 -57.79
C LEU C 77 -18.20 2.10 -59.23
N THR C 78 -19.14 2.89 -59.75
CA THR C 78 -19.04 3.44 -61.11
C THR C 78 -19.25 4.94 -61.14
N ILE C 79 -18.48 5.62 -61.99
CA ILE C 79 -18.61 7.05 -62.21
C ILE C 79 -18.96 7.28 -63.68
N ASN C 80 -20.17 7.77 -63.91
CA ASN C 80 -20.65 8.03 -65.28
C ASN C 80 -21.58 9.25 -65.35
N PRO C 81 -21.17 10.31 -66.06
CA PRO C 81 -19.88 10.40 -66.76
C PRO C 81 -18.75 10.92 -65.87
N VAL C 82 -17.51 10.73 -66.29
CA VAL C 82 -16.34 11.21 -65.55
C VAL C 82 -15.98 12.65 -65.92
N GLU C 83 -15.42 13.37 -64.95
CA GLU C 83 -14.99 14.75 -65.15
C GLU C 83 -13.50 14.91 -64.84
N ALA C 84 -12.96 16.09 -65.15
CA ALA C 84 -11.55 16.39 -64.94
C ALA C 84 -11.16 16.38 -63.46
N ASP C 85 -12.09 16.75 -62.58
CA ASP C 85 -11.84 16.81 -61.14
C ASP C 85 -12.10 15.47 -60.43
N ASP C 86 -12.13 14.39 -61.20
CA ASP C 86 -12.32 13.04 -60.65
C ASP C 86 -10.99 12.31 -60.43
N VAL C 87 -9.89 12.98 -60.75
CA VAL C 87 -8.54 12.43 -60.57
C VAL C 87 -8.27 12.22 -59.08
N ALA C 88 -8.34 10.96 -58.66
CA ALA C 88 -8.17 10.58 -57.26
C ALA C 88 -7.97 9.08 -57.10
N THR C 89 -7.48 8.67 -55.93
CA THR C 89 -7.40 7.26 -55.57
C THR C 89 -8.65 6.90 -54.77
N TYR C 90 -9.40 5.93 -55.26
CA TYR C 90 -10.68 5.55 -54.65
C TYR C 90 -10.54 4.33 -53.75
N TYR C 91 -11.23 4.36 -52.61
CA TYR C 91 -11.14 3.30 -51.61
C TYR C 91 -12.50 2.79 -51.18
N CYS C 92 -12.57 1.49 -50.89
CA CYS C 92 -13.76 0.90 -50.28
C CYS C 92 -13.43 0.48 -48.86
N GLN C 93 -14.29 0.83 -47.90
CA GLN C 93 -14.10 0.40 -46.53
C GLN C 93 -15.29 -0.40 -46.01
N GLN C 94 -15.04 -1.24 -45.01
CA GLN C 94 -16.07 -2.08 -44.42
C GLN C 94 -16.22 -1.82 -42.91
N SER C 95 -17.46 -1.85 -42.44
CA SER C 95 -17.76 -1.75 -41.02
C SER C 95 -17.91 -3.16 -40.45
N ASN C 96 -19.15 -3.52 -40.09
CA ASN C 96 -19.49 -4.88 -39.66
C ASN C 96 -18.60 -5.40 -38.52
N GLU C 97 -17.66 -6.27 -38.87
CA GLU C 97 -16.66 -6.79 -37.93
C GLU C 97 -15.27 -6.67 -38.56
N ASP C 98 -14.21 -6.54 -37.76
CA ASP C 98 -14.28 -6.29 -36.32
C ASP C 98 -13.31 -5.14 -36.02
N PRO C 99 -12.06 -5.23 -36.51
CA PRO C 99 -11.30 -4.00 -36.75
C PRO C 99 -11.57 -3.50 -38.16
N PHE C 100 -11.97 -2.24 -38.27
CA PHE C 100 -12.35 -1.63 -39.55
C PHE C 100 -11.17 -1.63 -40.52
N THR C 101 -11.41 -2.08 -41.75
CA THR C 101 -10.36 -2.13 -42.76
C THR C 101 -10.76 -1.40 -44.03
N PHE C 102 -9.79 -0.71 -44.63
CA PHE C 102 -9.97 -0.05 -45.91
C PHE C 102 -9.68 -1.01 -47.05
N GLY C 103 -9.88 -0.56 -48.28
CA GLY C 103 -9.71 -1.39 -49.46
C GLY C 103 -8.26 -1.68 -49.79
N SER C 104 -7.90 -1.43 -51.04
CA SER C 104 -6.55 -1.72 -51.52
C SER C 104 -6.00 -0.55 -52.33
N GLY C 105 -6.89 0.31 -52.81
CA GLY C 105 -6.52 1.43 -53.65
C GLY C 105 -6.73 1.11 -55.12
N THR C 106 -7.33 2.07 -55.83
CA THR C 106 -7.47 2.00 -57.28
C THR C 106 -7.39 3.41 -57.88
N LYS C 107 -6.26 3.69 -58.54
CA LYS C 107 -5.98 5.02 -59.05
C LYS C 107 -6.67 5.30 -60.38
N LEU C 108 -7.44 6.38 -60.41
CA LEU C 108 -8.15 6.79 -61.61
C LEU C 108 -7.35 7.86 -62.36
N GLU C 109 -7.21 7.67 -63.67
CA GLU C 109 -6.47 8.59 -64.53
C GLU C 109 -7.24 8.81 -65.83
N ILE C 110 -7.12 10.01 -66.40
CA ILE C 110 -7.91 10.40 -67.57
C ILE C 110 -7.07 10.42 -68.85
N LYS C 111 -7.59 9.80 -69.90
CA LYS C 111 -6.98 9.82 -71.22
C LYS C 111 -7.52 10.97 -72.06
N ARG C 112 -6.62 11.77 -72.61
CA ARG C 112 -6.98 12.88 -73.50
C ARG C 112 -5.95 13.02 -74.64
N ALA C 113 -6.12 14.07 -75.44
CA ALA C 113 -5.22 14.35 -76.56
C ALA C 113 -3.79 14.60 -76.09
N ASP C 114 -2.82 14.09 -76.87
CA ASP C 114 -1.41 14.22 -76.55
C ASP C 114 -0.93 15.67 -76.64
N ALA C 115 -0.21 16.11 -75.62
CA ALA C 115 0.28 17.49 -75.56
C ALA C 115 1.80 17.55 -75.44
N ALA C 116 2.38 18.58 -76.03
CA ALA C 116 3.83 18.79 -75.98
C ALA C 116 4.21 19.71 -74.82
N PRO C 117 5.27 19.35 -74.07
CA PRO C 117 5.72 20.16 -72.93
C PRO C 117 6.35 21.49 -73.34
N THR C 118 5.99 22.56 -72.62
CA THR C 118 6.65 23.85 -72.80
C THR C 118 7.88 23.91 -71.89
N VAL C 119 9.05 23.70 -72.50
CA VAL C 119 10.30 23.58 -71.77
C VAL C 119 10.93 24.95 -71.52
N SER C 120 11.33 25.19 -70.27
CA SER C 120 11.96 26.45 -69.87
C SER C 120 13.18 26.20 -68.98
N ILE C 121 14.34 26.62 -69.45
CA ILE C 121 15.59 26.46 -68.72
C ILE C 121 15.92 27.71 -67.90
N PHE C 122 16.41 27.50 -66.67
CA PHE C 122 16.75 28.59 -65.76
C PHE C 122 18.17 28.46 -65.22
N PRO C 123 18.99 29.51 -65.39
CA PRO C 123 20.34 29.56 -64.83
C PRO C 123 20.30 29.76 -63.31
N PRO C 124 21.39 29.40 -62.60
CA PRO C 124 21.43 29.62 -61.15
C PRO C 124 21.43 31.10 -60.80
N SER C 125 20.77 31.44 -59.69
CA SER C 125 20.68 32.82 -59.22
C SER C 125 22.02 33.34 -58.71
N SER C 126 22.13 34.67 -58.61
CA SER C 126 23.34 35.33 -58.12
C SER C 126 23.60 35.05 -56.64
N LYS C 127 22.54 34.71 -55.91
CA LYS C 127 22.64 34.39 -54.49
C LYS C 127 23.11 32.96 -54.23
N LEU C 128 23.00 32.11 -55.25
CA LEU C 128 23.53 30.74 -55.19
C LEU C 128 25.06 30.73 -55.21
N GLY C 129 25.65 31.60 -56.03
CA GLY C 129 27.10 31.71 -56.16
C GLY C 129 27.79 32.15 -54.88
N THR C 130 27.13 33.03 -54.12
CA THR C 130 27.65 33.52 -52.85
C THR C 130 27.65 32.42 -51.78
N SER C 131 26.64 31.57 -51.81
CA SER C 131 26.54 30.44 -50.88
C SER C 131 27.47 29.29 -51.28
N GLY C 132 27.86 29.26 -52.55
CA GLY C 132 28.78 28.25 -53.07
C GLY C 132 28.11 27.17 -53.91
N GLY C 133 26.79 27.26 -54.04
CA GLY C 133 26.01 26.28 -54.81
C GLY C 133 25.70 26.73 -56.22
N ALA C 134 25.27 25.79 -57.05
CA ALA C 134 24.88 26.06 -58.44
C ALA C 134 23.88 25.03 -58.94
N SER C 135 22.61 25.43 -58.98
CA SER C 135 21.54 24.55 -59.44
C SER C 135 20.86 25.09 -60.69
N VAL C 136 20.98 24.35 -61.79
CA VAL C 136 20.33 24.69 -63.05
C VAL C 136 18.97 24.01 -63.12
N VAL C 137 17.92 24.82 -63.21
CA VAL C 137 16.55 24.32 -63.15
C VAL C 137 15.91 24.26 -64.54
N CYS C 138 15.11 23.22 -64.77
CA CYS C 138 14.42 23.04 -66.04
C CYS C 138 12.99 22.58 -65.80
N PHE C 139 12.02 23.39 -66.23
CA PHE C 139 10.61 23.10 -66.05
C PHE C 139 9.96 22.57 -67.32
N LEU C 140 9.23 21.46 -67.18
CA LEU C 140 8.41 20.92 -68.26
C LEU C 140 6.96 20.99 -67.82
N ASN C 141 6.22 21.95 -68.39
CA ASN C 141 4.85 22.22 -67.96
C ASN C 141 3.79 21.77 -68.95
N ASN C 142 2.70 21.22 -68.41
CA ASN C 142 1.50 20.83 -69.16
C ASN C 142 1.76 19.93 -70.37
N PHE C 143 1.89 18.63 -70.13
CA PHE C 143 2.08 17.65 -71.21
C PHE C 143 1.39 16.32 -70.92
N TYR C 144 1.07 15.60 -72.00
CA TYR C 144 0.45 14.29 -71.92
C TYR C 144 1.03 13.36 -72.99
N PRO C 145 1.33 12.10 -72.63
CA PRO C 145 1.15 11.44 -71.33
C PRO C 145 2.27 11.73 -70.33
N LYS C 146 2.27 10.99 -69.22
CA LYS C 146 3.24 11.18 -68.13
C LYS C 146 4.66 10.71 -68.47
N ASP C 147 4.77 9.79 -69.42
CA ASP C 147 6.05 9.19 -69.78
C ASP C 147 6.97 10.17 -70.50
N ILE C 148 8.04 10.55 -69.81
CA ILE C 148 9.03 11.50 -70.33
C ILE C 148 10.40 11.28 -69.67
N ASN C 149 11.46 11.47 -70.46
CA ASN C 149 12.83 11.37 -69.95
C ASN C 149 13.63 12.65 -70.18
N VAL C 150 14.30 13.10 -69.12
CA VAL C 150 15.11 14.31 -69.18
C VAL C 150 16.60 13.97 -69.13
N LYS C 151 17.34 14.49 -70.09
CA LYS C 151 18.80 14.29 -70.14
C LYS C 151 19.53 15.62 -70.07
N TRP C 152 20.43 15.74 -69.10
CA TRP C 152 21.26 16.94 -68.93
C TRP C 152 22.56 16.80 -69.69
N LYS C 153 22.95 17.86 -70.40
CA LYS C 153 24.22 17.91 -71.11
C LYS C 153 25.04 19.15 -70.72
N ILE C 154 26.28 18.90 -70.33
CA ILE C 154 27.22 19.97 -70.00
C ILE C 154 28.38 19.94 -70.99
N ASP C 155 28.54 21.02 -71.75
CA ASP C 155 29.55 21.13 -72.80
C ASP C 155 29.53 19.99 -73.81
N GLY C 156 28.33 19.57 -74.20
CA GLY C 156 28.14 18.52 -75.19
C GLY C 156 28.12 17.10 -74.63
N SER C 157 28.51 16.95 -73.36
CA SER C 157 28.59 15.64 -72.73
C SER C 157 27.51 15.46 -71.65
N GLU C 158 26.95 14.26 -71.59
CA GLU C 158 25.87 13.94 -70.65
C GLU C 158 26.34 13.85 -69.20
N ARG C 159 25.49 14.33 -68.29
CA ARG C 159 25.76 14.27 -66.85
C ARG C 159 24.54 13.71 -66.13
N GLN C 160 24.76 12.68 -65.32
CA GLN C 160 23.68 12.01 -64.60
C GLN C 160 23.81 12.11 -63.09
N ASN C 161 24.96 12.56 -62.61
CA ASN C 161 25.22 12.72 -61.19
C ASN C 161 24.73 14.07 -60.67
N GLY C 162 23.86 14.02 -59.67
CA GLY C 162 23.30 15.23 -59.06
C GLY C 162 22.03 15.72 -59.73
N VAL C 163 21.31 14.82 -60.38
CA VAL C 163 20.05 15.15 -61.05
C VAL C 163 18.88 14.82 -60.12
N LEU C 164 18.08 15.85 -59.82
CA LEU C 164 16.93 15.71 -58.93
C LEU C 164 15.63 15.90 -59.71
N ASN C 165 14.79 14.87 -59.72
CA ASN C 165 13.55 14.88 -60.49
C ASN C 165 12.31 14.80 -59.61
N SER C 166 11.25 15.50 -60.03
CA SER C 166 9.95 15.46 -59.34
C SER C 166 8.80 15.62 -60.32
N TRP C 167 7.82 14.71 -60.24
CA TRP C 167 6.64 14.73 -61.10
C TRP C 167 5.40 15.14 -60.32
N THR C 168 4.58 15.99 -60.93
CA THR C 168 3.32 16.42 -60.31
C THR C 168 2.19 15.44 -60.60
N ASP C 169 1.15 15.50 -59.77
CA ASP C 169 -0.08 14.74 -60.00
C ASP C 169 -0.88 15.39 -61.13
N GLN C 170 -1.77 14.63 -61.76
CA GLN C 170 -2.62 15.13 -62.83
C GLN C 170 -3.41 16.38 -62.41
N ASP C 171 -3.46 17.35 -63.32
CA ASP C 171 -4.18 18.60 -63.09
C ASP C 171 -5.68 18.35 -62.96
N SER C 172 -6.32 19.05 -62.03
CA SER C 172 -7.74 18.89 -61.78
C SER C 172 -8.61 19.52 -62.88
N LYS C 173 -7.98 20.27 -63.78
CA LYS C 173 -8.68 20.94 -64.88
C LYS C 173 -8.15 20.51 -66.24
N ASP C 174 -6.86 20.71 -66.47
CA ASP C 174 -6.22 20.40 -67.75
C ASP C 174 -6.01 18.90 -67.98
N SER C 175 -5.95 18.15 -66.87
CA SER C 175 -5.64 16.70 -66.88
C SER C 175 -4.26 16.42 -67.50
N THR C 176 -3.31 17.32 -67.23
CA THR C 176 -1.96 17.23 -67.76
C THR C 176 -0.91 16.98 -66.67
N TYR C 177 0.29 16.60 -67.09
CA TYR C 177 1.39 16.35 -66.17
C TYR C 177 2.45 17.44 -66.27
N SER C 178 3.26 17.58 -65.22
CA SER C 178 4.37 18.53 -65.19
C SER C 178 5.57 17.97 -64.41
N MET C 179 6.77 18.26 -64.90
CA MET C 179 8.00 17.73 -64.32
C MET C 179 9.08 18.82 -64.19
N SER C 180 9.90 18.70 -63.15
CA SER C 180 11.02 19.61 -62.93
C SER C 180 12.31 18.85 -62.62
N SER C 181 13.39 19.25 -63.29
CA SER C 181 14.70 18.63 -63.09
C SER C 181 15.75 19.67 -62.71
N THR C 182 16.64 19.30 -61.77
CA THR C 182 17.67 20.21 -61.28
C THR C 182 19.04 19.54 -61.21
N LEU C 183 20.06 20.25 -61.71
CA LEU C 183 21.45 19.81 -61.59
C LEU C 183 22.11 20.40 -60.36
N THR C 184 22.15 19.61 -59.29
CA THR C 184 22.79 20.04 -58.04
C THR C 184 24.31 19.97 -58.15
N LEU C 185 24.92 21.10 -58.47
CA LEU C 185 26.37 21.20 -58.62
C LEU C 185 26.95 22.30 -57.75
N THR C 186 28.28 22.30 -57.60
CA THR C 186 28.97 23.34 -56.84
C THR C 186 29.48 24.45 -57.76
N LYS C 187 29.81 25.61 -57.16
CA LYS C 187 30.34 26.76 -57.87
C LYS C 187 31.64 26.43 -58.62
N ASP C 188 32.45 25.57 -58.00
CA ASP C 188 33.73 25.13 -58.57
C ASP C 188 33.56 24.36 -59.88
N GLU C 189 32.50 23.55 -59.97
CA GLU C 189 32.20 22.77 -61.17
C GLU C 189 31.46 23.58 -62.22
N TYR C 190 30.74 24.61 -61.76
CA TYR C 190 29.89 25.43 -62.64
C TYR C 190 30.69 26.40 -63.52
N GLU C 191 31.74 26.98 -62.95
CA GLU C 191 32.53 28.01 -63.64
C GLU C 191 33.53 27.42 -64.65
N ARG C 192 33.81 26.13 -64.54
CA ARG C 192 34.76 25.45 -65.43
C ARG C 192 34.18 25.21 -66.82
N HIS C 193 32.89 24.88 -66.88
CA HIS C 193 32.20 24.59 -68.14
C HIS C 193 31.24 25.72 -68.53
N ASN C 194 30.90 25.80 -69.81
CA ASN C 194 30.12 26.92 -70.34
C ASN C 194 28.66 26.63 -70.68
N SER C 195 28.43 25.68 -71.58
CA SER C 195 27.09 25.39 -72.08
C SER C 195 26.35 24.32 -71.29
N TYR C 196 25.08 24.59 -71.01
CA TYR C 196 24.21 23.67 -70.28
C TYR C 196 22.89 23.49 -71.04
N THR C 197 22.65 22.28 -71.53
CA THR C 197 21.43 22.00 -72.30
C THR C 197 20.46 21.09 -71.55
N CYS C 198 19.19 21.45 -71.60
CA CYS C 198 18.11 20.62 -71.05
C CYS C 198 17.36 19.97 -72.20
N GLU C 199 17.36 18.64 -72.22
CA GLU C 199 16.79 17.87 -73.32
C GLU C 199 15.69 16.93 -72.84
N ALA C 200 14.59 16.88 -73.58
CA ALA C 200 13.45 16.04 -73.22
C ALA C 200 12.82 15.36 -74.44
N THR C 201 12.74 14.02 -74.39
CA THR C 201 12.08 13.24 -75.44
C THR C 201 10.66 12.88 -75.03
N HIS C 202 9.73 12.99 -75.98
CA HIS C 202 8.32 12.72 -75.73
C HIS C 202 7.68 11.96 -76.89
N LYS C 203 6.49 11.41 -76.67
CA LYS C 203 5.76 10.67 -77.70
C LYS C 203 5.19 11.58 -78.79
N THR C 204 5.01 12.86 -78.48
CA THR C 204 4.44 13.83 -79.40
C THR C 204 5.33 14.12 -80.60
N SER C 205 6.64 14.13 -80.39
CA SER C 205 7.60 14.40 -81.46
C SER C 205 8.88 13.58 -81.30
N THR C 206 9.40 13.08 -82.43
CA THR C 206 10.64 12.31 -82.45
C THR C 206 11.85 13.17 -82.10
N SER C 207 11.82 14.43 -82.52
CA SER C 207 12.86 15.40 -82.17
C SER C 207 12.69 15.87 -80.72
N PRO C 208 13.77 15.79 -79.92
CA PRO C 208 13.72 16.22 -78.53
C PRO C 208 13.77 17.74 -78.41
N ILE C 209 13.00 18.30 -77.48
CA ILE C 209 13.00 19.73 -77.22
C ILE C 209 14.25 20.09 -76.42
N VAL C 210 15.13 20.85 -77.05
CA VAL C 210 16.40 21.23 -76.44
C VAL C 210 16.41 22.71 -76.08
N LYS C 211 16.44 22.98 -74.77
CA LYS C 211 16.58 24.35 -74.27
C LYS C 211 17.91 24.50 -73.54
N SER C 212 18.73 25.43 -74.02
CA SER C 212 20.09 25.60 -73.52
C SER C 212 20.43 27.05 -73.20
N PHE C 213 21.42 27.24 -72.33
CA PHE C 213 21.95 28.57 -72.03
C PHE C 213 23.47 28.56 -71.91
N ASN C 214 24.08 29.68 -72.28
CA ASN C 214 25.52 29.88 -72.11
C ASN C 214 25.82 30.80 -70.95
N ARG C 215 26.85 30.48 -70.18
CA ARG C 215 27.27 31.29 -69.03
C ARG C 215 27.89 32.60 -69.48
N ASN C 216 28.44 32.62 -70.69
CA ASN C 216 29.08 33.80 -71.27
C ASN C 216 28.11 34.96 -71.55
N GLU C 217 26.86 34.60 -71.88
CA GLU C 217 25.78 35.57 -72.12
C GLU C 217 26.10 36.54 -73.26
N GLN D 1 -21.91 24.36 -39.11
CA GLN D 1 -20.78 24.01 -40.03
C GLN D 1 -19.79 23.09 -39.33
N VAL D 2 -19.87 21.80 -39.65
CA VAL D 2 -19.04 20.78 -39.02
C VAL D 2 -17.61 20.83 -39.55
N GLN D 3 -16.65 20.98 -38.63
CA GLN D 3 -15.24 21.08 -38.97
C GLN D 3 -14.36 20.28 -38.00
N LEU D 4 -13.25 19.76 -38.53
CA LEU D 4 -12.24 19.09 -37.72
C LEU D 4 -10.87 19.70 -38.01
N GLN D 5 -10.32 20.38 -37.01
CA GLN D 5 -9.03 21.05 -37.15
C GLN D 5 -7.92 20.31 -36.41
N GLN D 6 -7.05 19.67 -37.19
CA GLN D 6 -5.89 18.97 -36.65
C GLN D 6 -4.69 19.91 -36.51
N SER D 7 -3.73 19.50 -35.69
CA SER D 7 -2.52 20.27 -35.44
C SER D 7 -1.59 20.31 -36.66
N GLY D 8 -0.45 20.98 -36.52
CA GLY D 8 0.53 21.11 -37.59
C GLY D 8 1.39 19.87 -37.75
N PRO D 9 2.36 19.92 -38.69
CA PRO D 9 3.31 18.83 -38.94
C PRO D 9 4.23 18.59 -37.73
N GLU D 10 4.78 17.39 -37.63
CA GLU D 10 5.61 17.00 -36.48
C GLU D 10 6.88 16.26 -36.86
N LEU D 11 7.98 16.66 -36.23
CA LEU D 11 9.27 16.00 -36.38
C LEU D 11 9.70 15.42 -35.03
N VAL D 12 9.90 14.11 -35.01
CA VAL D 12 10.18 13.39 -33.76
C VAL D 12 11.43 12.52 -33.86
N LYS D 13 12.13 12.36 -32.75
CA LYS D 13 13.24 11.42 -32.63
C LYS D 13 12.70 10.05 -32.21
N PRO D 14 13.35 8.96 -32.67
CA PRO D 14 12.93 7.60 -32.29
C PRO D 14 12.97 7.35 -30.79
N GLY D 15 11.87 6.81 -30.25
CA GLY D 15 11.76 6.52 -28.83
C GLY D 15 11.14 7.65 -28.02
N VAL D 16 10.43 8.54 -28.72
CA VAL D 16 9.75 9.67 -28.08
C VAL D 16 8.26 9.66 -28.43
N SER D 17 7.42 9.73 -27.42
CA SER D 17 5.97 9.78 -27.60
C SER D 17 5.50 11.16 -28.05
N VAL D 18 4.38 11.20 -28.77
CA VAL D 18 3.84 12.44 -29.31
C VAL D 18 2.31 12.49 -29.25
N LYS D 19 1.78 13.63 -28.81
CA LYS D 19 0.34 13.87 -28.80
C LYS D 19 -0.12 14.64 -30.04
N ILE D 20 -1.20 14.13 -30.66
CA ILE D 20 -1.80 14.76 -31.84
C ILE D 20 -3.22 15.19 -31.50
N SER D 21 -3.50 16.48 -31.65
CA SER D 21 -4.81 17.04 -31.29
C SER D 21 -5.73 17.22 -32.51
N CYS D 22 -7.04 17.11 -32.26
CA CYS D 22 -8.06 17.25 -33.29
C CYS D 22 -9.25 18.05 -32.74
N LYS D 23 -9.27 19.35 -33.06
CA LYS D 23 -10.30 20.27 -32.58
C LYS D 23 -11.58 20.12 -33.38
N ALA D 24 -12.70 19.97 -32.68
CA ALA D 24 -14.01 19.82 -33.31
C ALA D 24 -14.92 21.01 -33.03
N SER D 25 -15.59 21.49 -34.07
CA SER D 25 -16.51 22.63 -33.97
C SER D 25 -17.65 22.52 -34.96
N GLY D 26 -18.84 22.97 -34.53
CA GLY D 26 -20.02 22.96 -35.39
C GLY D 26 -21.05 21.89 -35.03
N TYR D 27 -20.74 21.07 -34.03
CA TYR D 27 -21.63 20.01 -33.57
C TYR D 27 -21.38 19.66 -32.10
N SER D 28 -22.28 18.88 -31.51
CA SER D 28 -22.13 18.41 -30.13
C SER D 28 -21.05 17.33 -30.07
N PHE D 29 -19.94 17.67 -29.40
CA PHE D 29 -18.73 16.85 -29.36
C PHE D 29 -18.93 15.45 -28.75
N THR D 30 -19.77 15.38 -27.72
CA THR D 30 -19.92 14.15 -26.92
C THR D 30 -20.89 13.11 -27.49
N SER D 31 -21.56 13.44 -28.58
CA SER D 31 -22.61 12.56 -29.12
C SER D 31 -22.19 11.70 -30.31
N PHE D 32 -21.02 11.99 -30.90
CA PHE D 32 -20.55 11.25 -32.08
C PHE D 32 -19.20 10.54 -31.87
N TYR D 33 -19.05 9.40 -32.54
CA TYR D 33 -17.79 8.66 -32.52
C TYR D 33 -16.71 9.38 -33.33
N ILE D 34 -15.46 9.22 -32.89
CA ILE D 34 -14.31 9.74 -33.63
C ILE D 34 -13.31 8.63 -33.92
N TYR D 35 -13.11 8.34 -35.20
CA TYR D 35 -12.19 7.30 -35.66
C TYR D 35 -10.86 7.92 -36.07
N TRP D 36 -9.78 7.16 -35.92
CA TRP D 36 -8.45 7.61 -36.30
C TRP D 36 -7.81 6.69 -37.35
N VAL D 37 -7.25 7.31 -38.39
CA VAL D 37 -6.73 6.57 -39.54
C VAL D 37 -5.27 6.95 -39.83
N LYS D 38 -4.45 5.95 -40.12
CA LYS D 38 -3.04 6.15 -40.46
C LYS D 38 -2.80 5.95 -41.96
N GLN D 39 -1.94 6.78 -42.53
CA GLN D 39 -1.56 6.66 -43.95
C GLN D 39 -0.06 6.72 -44.20
N ARG D 40 0.52 5.54 -44.48
CA ARG D 40 1.92 5.43 -44.86
C ARG D 40 2.09 6.07 -46.24
N PRO D 41 3.07 6.98 -46.39
CA PRO D 41 3.31 7.72 -47.63
C PRO D 41 3.38 6.82 -48.87
N GLY D 42 2.50 7.08 -49.84
CA GLY D 42 2.43 6.29 -51.07
C GLY D 42 1.78 4.94 -50.90
N GLN D 43 1.02 4.76 -49.82
CA GLN D 43 0.34 3.51 -49.53
C GLN D 43 -1.13 3.71 -49.16
N GLY D 44 -1.76 2.65 -48.67
CA GLY D 44 -3.19 2.67 -48.34
C GLY D 44 -3.53 3.28 -46.99
N LEU D 45 -4.76 3.04 -46.54
CA LEU D 45 -5.28 3.59 -45.28
C LEU D 45 -5.40 2.51 -44.21
N GLU D 46 -5.10 2.90 -42.97
CA GLU D 46 -5.10 1.97 -41.83
C GLU D 46 -5.92 2.53 -40.67
N TRP D 47 -6.94 1.78 -40.24
CA TRP D 47 -7.75 2.16 -39.08
C TRP D 47 -7.00 1.86 -37.79
N ILE D 48 -6.93 2.86 -36.92
CA ILE D 48 -6.18 2.73 -35.66
C ILE D 48 -7.09 2.41 -34.49
N GLY D 49 -8.15 3.20 -34.32
CA GLY D 49 -9.10 3.01 -33.23
C GLY D 49 -10.14 4.11 -33.13
N TRP D 50 -11.26 3.81 -32.46
CA TRP D 50 -12.29 4.80 -32.20
C TRP D 50 -12.38 5.21 -30.73
N ILE D 51 -12.88 6.44 -30.52
CA ILE D 51 -13.04 6.98 -29.18
C ILE D 51 -14.40 7.70 -29.08
N PHE D 52 -15.09 7.49 -27.97
CA PHE D 52 -16.36 8.17 -27.72
C PHE D 52 -16.18 9.22 -26.62
N PRO D 53 -16.18 10.52 -27.02
CA PRO D 53 -15.93 11.68 -26.15
C PRO D 53 -16.77 11.75 -24.87
N GLY D 54 -17.90 11.04 -24.85
CA GLY D 54 -18.78 11.01 -23.68
C GLY D 54 -18.10 10.50 -22.42
N SER D 55 -17.59 9.28 -22.50
CA SER D 55 -16.86 8.66 -21.39
C SER D 55 -15.77 7.71 -21.90
N THR D 56 -14.90 7.27 -20.99
CA THR D 56 -13.77 6.40 -21.34
C THR D 56 -14.21 5.09 -21.99
N ASN D 57 -14.29 5.10 -23.32
CA ASN D 57 -14.67 3.92 -24.09
C ASN D 57 -13.93 3.89 -25.42
N THR D 58 -13.02 2.93 -25.56
CA THR D 58 -12.18 2.81 -26.75
C THR D 58 -12.06 1.37 -27.22
N LYS D 59 -11.94 1.20 -28.53
CA LYS D 59 -11.55 -0.07 -29.14
C LYS D 59 -10.49 0.20 -30.19
N TYR D 60 -9.37 -0.52 -30.08
CA TYR D 60 -8.23 -0.31 -30.96
C TYR D 60 -8.04 -1.47 -31.94
N ASN D 61 -7.25 -1.22 -32.98
CA ASN D 61 -6.78 -2.27 -33.86
C ASN D 61 -5.67 -3.03 -33.16
N GLU D 62 -5.68 -4.37 -33.27
CA GLU D 62 -4.70 -5.23 -32.60
C GLU D 62 -3.26 -4.92 -32.99
N LYS D 63 -3.07 -4.36 -34.19
CA LYS D 63 -1.76 -3.96 -34.67
C LYS D 63 -1.27 -2.69 -33.98
N PHE D 64 -2.21 -1.91 -33.43
CA PHE D 64 -1.90 -0.62 -32.83
C PHE D 64 -2.14 -0.58 -31.32
N LYS D 65 -2.72 -1.65 -30.77
CA LYS D 65 -3.11 -1.72 -29.35
C LYS D 65 -2.08 -1.15 -28.36
N GLY D 66 -0.85 -1.66 -28.44
CA GLY D 66 0.20 -1.26 -27.50
C GLY D 66 0.98 -0.02 -27.90
N LYS D 67 0.48 0.72 -28.88
CA LYS D 67 1.18 1.89 -29.39
C LYS D 67 0.34 3.17 -29.35
N ALA D 68 -0.95 3.04 -29.66
CA ALA D 68 -1.85 4.20 -29.70
C ALA D 68 -2.81 4.24 -28.51
N THR D 69 -2.91 5.41 -27.89
CA THR D 69 -3.86 5.65 -26.81
C THR D 69 -4.71 6.89 -27.12
N LEU D 70 -6.01 6.76 -26.90
CA LEU D 70 -6.95 7.83 -27.25
C LEU D 70 -7.56 8.51 -26.03
N THR D 71 -7.57 9.84 -26.07
CA THR D 71 -8.17 10.66 -25.01
C THR D 71 -8.99 11.79 -25.62
N ALA D 72 -10.01 12.24 -24.89
CA ALA D 72 -10.84 13.36 -25.32
C ALA D 72 -11.25 14.26 -24.16
N ASP D 73 -11.00 15.55 -24.32
CA ASP D 73 -11.40 16.55 -23.33
C ASP D 73 -12.71 17.20 -23.77
N THR D 74 -13.72 17.10 -22.91
CA THR D 74 -15.07 17.59 -23.22
C THR D 74 -15.16 19.12 -23.23
N SER D 75 -14.42 19.76 -22.33
CA SER D 75 -14.45 21.21 -22.17
C SER D 75 -13.83 21.96 -23.35
N SER D 76 -12.75 21.41 -23.91
CA SER D 76 -12.07 22.01 -25.05
C SER D 76 -12.55 21.42 -26.38
N SER D 77 -13.37 20.37 -26.29
CA SER D 77 -13.89 19.63 -27.45
C SER D 77 -12.78 19.21 -28.43
N THR D 78 -11.72 18.62 -27.88
CA THR D 78 -10.57 18.18 -28.65
C THR D 78 -10.27 16.69 -28.45
N ALA D 79 -10.12 15.98 -29.55
CA ALA D 79 -9.71 14.57 -29.52
C ALA D 79 -8.20 14.48 -29.67
N SER D 80 -7.56 13.75 -28.75
CA SER D 80 -6.10 13.64 -28.75
C SER D 80 -5.60 12.20 -28.79
N MET D 81 -4.59 11.97 -29.61
CA MET D 81 -3.97 10.66 -29.77
C MET D 81 -2.49 10.70 -29.42
N GLN D 82 -2.07 9.82 -28.51
CA GLN D 82 -0.66 9.68 -28.16
C GLN D 82 -0.08 8.42 -28.78
N LEU D 83 1.09 8.57 -29.40
CA LEU D 83 1.77 7.44 -30.04
C LEU D 83 3.13 7.21 -29.40
N SER D 84 3.24 6.10 -28.66
CA SER D 84 4.44 5.78 -27.89
C SER D 84 5.59 5.29 -28.77
N SER D 85 6.82 5.63 -28.36
CA SER D 85 8.07 5.21 -29.01
C SER D 85 7.97 5.01 -30.53
N LEU D 86 8.06 6.11 -31.27
CA LEU D 86 7.89 6.10 -32.71
C LEU D 86 9.11 5.53 -33.44
N THR D 87 8.85 4.70 -34.45
CA THR D 87 9.89 4.06 -35.25
C THR D 87 9.94 4.64 -36.66
N SER D 88 10.68 3.98 -37.54
CA SER D 88 10.79 4.36 -38.94
C SER D 88 9.49 4.08 -39.70
N GLU D 89 8.81 3.01 -39.30
CA GLU D 89 7.54 2.60 -39.93
C GLU D 89 6.32 3.33 -39.35
N ASP D 90 6.57 4.41 -38.62
CA ASP D 90 5.49 5.21 -38.03
C ASP D 90 5.36 6.57 -38.70
N SER D 91 6.39 6.96 -39.47
CA SER D 91 6.39 8.20 -40.22
C SER D 91 5.28 8.19 -41.27
N ALA D 92 4.13 8.76 -40.91
CA ALA D 92 2.93 8.69 -41.73
C ALA D 92 2.00 9.89 -41.51
N VAL D 93 0.94 9.97 -42.29
CA VAL D 93 -0.08 11.01 -42.14
C VAL D 93 -1.26 10.46 -41.35
N TYR D 94 -1.50 11.05 -40.17
CA TYR D 94 -2.56 10.59 -39.27
C TYR D 94 -3.79 11.48 -39.35
N PHE D 95 -4.95 10.85 -39.54
CA PHE D 95 -6.22 11.57 -39.70
C PHE D 95 -7.16 11.34 -38.52
N CYS D 96 -7.96 12.36 -38.22
CA CYS D 96 -9.10 12.20 -37.32
C CYS D 96 -10.39 12.37 -38.12
N ALA D 97 -11.36 11.48 -37.88
CA ALA D 97 -12.60 11.49 -38.63
C ALA D 97 -13.83 11.38 -37.74
N ARG D 98 -14.82 12.24 -38.00
CA ARG D 98 -16.12 12.18 -37.32
C ARG D 98 -16.99 11.13 -37.99
N VAL D 99 -17.52 10.21 -37.19
CA VAL D 99 -18.29 9.08 -37.71
C VAL D 99 -19.70 9.02 -37.12
N ASP D 100 -20.69 9.11 -37.99
CA ASP D 100 -22.07 8.81 -37.63
C ASP D 100 -22.43 7.49 -38.30
N GLY D 101 -22.51 6.44 -37.48
CA GLY D 101 -22.70 5.05 -37.92
C GLY D 101 -23.27 4.83 -39.31
N TYR D 102 -22.54 4.13 -40.17
CA TYR D 102 -21.23 3.57 -39.83
C TYR D 102 -20.18 4.00 -40.87
N ALA D 103 -20.19 5.30 -41.17
CA ALA D 103 -19.28 5.87 -42.17
C ALA D 103 -18.64 7.16 -41.67
N MET D 104 -17.41 7.41 -42.14
CA MET D 104 -16.66 8.60 -41.74
C MET D 104 -17.09 9.81 -42.57
N ASP D 105 -17.94 10.64 -41.98
CA ASP D 105 -18.53 11.79 -42.68
C ASP D 105 -17.54 12.94 -42.87
N TYR D 106 -16.99 13.44 -41.77
CA TYR D 106 -16.10 14.60 -41.81
C TYR D 106 -14.68 14.22 -41.39
N TRP D 107 -13.70 14.88 -42.01
CA TRP D 107 -12.29 14.58 -41.81
C TRP D 107 -11.47 15.81 -41.44
N GLY D 108 -10.34 15.58 -40.79
CA GLY D 108 -9.35 16.63 -40.54
C GLY D 108 -8.37 16.70 -41.70
N GLN D 109 -7.45 17.67 -41.65
CA GLN D 109 -6.46 17.85 -42.71
C GLN D 109 -5.43 16.71 -42.74
N GLY D 110 -5.08 16.21 -41.56
CA GLY D 110 -4.08 15.17 -41.42
C GLY D 110 -2.74 15.74 -41.00
N THR D 111 -2.18 15.19 -39.93
CA THR D 111 -0.88 15.63 -39.43
C THR D 111 0.23 14.73 -39.98
N SER D 112 1.19 15.32 -40.67
CA SER D 112 2.31 14.59 -41.23
C SER D 112 3.44 14.44 -40.21
N VAL D 113 3.60 13.22 -39.70
CA VAL D 113 4.66 12.89 -38.76
C VAL D 113 5.81 12.24 -39.51
N THR D 114 7.03 12.72 -39.28
CA THR D 114 8.22 12.19 -39.94
C THR D 114 9.30 11.80 -38.94
N VAL D 115 9.75 10.55 -39.02
CA VAL D 115 10.85 10.02 -38.21
C VAL D 115 11.72 9.10 -39.09
N SER D 116 12.91 9.52 -39.56
CA SER D 116 13.56 10.85 -39.38
C SER D 116 14.28 11.07 -38.05
N SER D 117 15.61 11.15 -38.14
CA SER D 117 16.47 11.37 -36.98
C SER D 117 17.51 12.45 -37.27
N ALA D 118 17.24 13.28 -38.27
CA ALA D 118 18.17 14.30 -38.74
C ALA D 118 17.95 15.65 -38.08
N LYS D 119 18.92 16.55 -38.25
CA LYS D 119 18.84 17.91 -37.72
C LYS D 119 17.94 18.79 -38.57
N THR D 120 17.19 19.68 -37.92
CA THR D 120 16.33 20.63 -38.62
C THR D 120 17.17 21.74 -39.25
N THR D 121 17.06 21.89 -40.56
CA THR D 121 17.86 22.85 -41.31
C THR D 121 17.04 23.97 -41.93
N ALA D 122 17.66 25.14 -42.09
CA ALA D 122 17.01 26.31 -42.67
C ALA D 122 16.95 26.24 -44.20
N PRO D 123 15.79 26.57 -44.78
CA PRO D 123 15.66 26.59 -46.24
C PRO D 123 16.34 27.80 -46.87
N SER D 124 16.77 27.66 -48.12
CA SER D 124 17.37 28.75 -48.88
C SER D 124 16.55 29.02 -50.15
N VAL D 125 15.98 30.22 -50.22
CA VAL D 125 15.12 30.61 -51.33
C VAL D 125 15.93 31.31 -52.42
N TYR D 126 15.75 30.86 -53.66
CA TYR D 126 16.43 31.46 -54.81
C TYR D 126 15.45 31.80 -55.93
N PRO D 127 15.45 33.07 -56.38
CA PRO D 127 14.57 33.49 -57.47
C PRO D 127 15.10 33.04 -58.83
N LEU D 128 14.19 32.63 -59.71
CA LEU D 128 14.56 32.14 -61.03
C LEU D 128 13.99 33.03 -62.14
N ALA D 129 14.81 34.00 -62.55
CA ALA D 129 14.46 34.90 -63.65
C ALA D 129 14.79 34.23 -64.99
N PRO D 130 14.09 34.64 -66.07
CA PRO D 130 14.38 34.11 -67.41
C PRO D 130 15.83 34.31 -67.84
N VAL D 131 16.29 33.48 -68.78
CA VAL D 131 17.67 33.50 -69.28
C VAL D 131 18.12 34.93 -69.63
N CYS D 132 19.36 35.25 -69.26
CA CYS D 132 19.94 36.58 -69.50
C CYS D 132 19.70 37.05 -70.93
N GLY D 133 19.16 38.27 -71.04
CA GLY D 133 18.73 38.83 -72.32
C GLY D 133 17.42 39.55 -72.11
N ASP D 134 17.35 40.78 -72.62
CA ASP D 134 16.20 41.66 -72.40
C ASP D 134 14.91 41.13 -73.03
N THR D 135 14.20 40.29 -72.26
CA THR D 135 12.91 39.68 -72.64
C THR D 135 12.93 38.81 -73.90
N THR D 136 11.85 38.05 -74.10
CA THR D 136 11.65 37.26 -75.31
C THR D 136 10.24 37.49 -75.88
N GLY D 137 9.25 37.57 -74.99
CA GLY D 137 7.88 37.91 -75.37
C GLY D 137 6.86 36.80 -75.14
N SER D 138 5.70 36.96 -75.78
CA SER D 138 4.55 36.04 -75.70
C SER D 138 4.10 35.73 -74.27
N SER D 139 4.70 34.70 -73.66
CA SER D 139 4.39 34.31 -72.29
C SER D 139 5.61 33.64 -71.64
N VAL D 140 6.17 34.31 -70.64
CA VAL D 140 7.36 33.82 -69.96
C VAL D 140 7.05 33.21 -68.60
N THR D 141 7.83 32.20 -68.21
CA THR D 141 7.66 31.50 -66.94
C THR D 141 8.64 32.02 -65.89
N LEU D 142 8.22 31.97 -64.62
CA LEU D 142 9.08 32.33 -63.50
C LEU D 142 9.15 31.16 -62.52
N GLY D 143 10.27 31.05 -61.81
CA GLY D 143 10.48 29.94 -60.88
C GLY D 143 10.97 30.36 -59.51
N CYS D 144 10.86 29.45 -58.54
CA CYS D 144 11.31 29.68 -57.18
C CYS D 144 11.95 28.40 -56.65
N LEU D 145 13.22 28.49 -56.28
CA LEU D 145 13.98 27.33 -55.82
C LEU D 145 14.13 27.35 -54.30
N VAL D 146 13.72 26.27 -53.66
CA VAL D 146 13.93 26.08 -52.23
C VAL D 146 14.93 24.93 -52.03
N LYS D 147 16.18 25.29 -51.72
CA LYS D 147 17.27 24.34 -51.67
C LYS D 147 17.66 23.99 -50.23
N GLY D 148 17.76 22.69 -49.96
CA GLY D 148 18.27 22.16 -48.69
C GLY D 148 17.51 22.56 -47.45
N TYR D 149 16.45 21.83 -47.14
CA TYR D 149 15.69 22.06 -45.91
C TYR D 149 15.27 20.75 -45.25
N PHE D 150 14.94 20.82 -43.96
CA PHE D 150 14.45 19.68 -43.19
C PHE D 150 13.68 20.16 -41.96
N PRO D 151 12.50 19.58 -41.71
CA PRO D 151 11.81 18.59 -42.51
C PRO D 151 10.69 19.17 -43.37
N GLU D 152 9.73 18.33 -43.75
CA GLU D 152 8.54 18.74 -44.48
C GLU D 152 7.55 19.46 -43.56
N PRO D 153 6.64 20.28 -44.14
CA PRO D 153 6.55 20.72 -45.52
C PRO D 153 7.03 22.16 -45.73
N VAL D 154 6.86 22.66 -46.96
CA VAL D 154 7.07 24.08 -47.28
C VAL D 154 5.86 24.60 -48.06
N THR D 155 5.18 25.59 -47.50
CA THR D 155 4.03 26.20 -48.15
C THR D 155 4.47 27.30 -49.10
N LEU D 156 4.20 27.11 -50.39
CA LEU D 156 4.59 28.05 -51.44
C LEU D 156 3.41 28.93 -51.83
N THR D 157 3.67 30.23 -51.94
CA THR D 157 2.64 31.21 -52.31
C THR D 157 3.21 32.25 -53.26
N TRP D 158 2.39 32.67 -54.22
CA TRP D 158 2.78 33.70 -55.18
C TRP D 158 1.92 34.95 -55.01
N ASN D 159 2.57 36.07 -54.72
CA ASN D 159 1.91 37.35 -54.42
C ASN D 159 0.80 37.23 -53.36
N SER D 160 1.15 36.60 -52.24
CA SER D 160 0.24 36.37 -51.10
C SER D 160 -0.95 35.44 -51.42
N GLY D 161 -1.09 35.06 -52.68
CA GLY D 161 -2.14 34.14 -53.11
C GLY D 161 -3.08 34.67 -54.17
N SER D 162 -2.74 35.81 -54.75
CA SER D 162 -3.56 36.44 -55.79
C SER D 162 -3.37 35.74 -57.14
N LEU D 163 -2.11 35.57 -57.55
CA LEU D 163 -1.79 34.88 -58.79
C LEU D 163 -1.49 33.40 -58.52
N SER D 164 -2.54 32.66 -58.16
CA SER D 164 -2.44 31.24 -57.90
C SER D 164 -3.37 30.44 -58.82
N SER D 165 -3.10 30.53 -60.13
CA SER D 165 -3.90 29.85 -61.14
C SER D 165 -3.02 29.05 -62.10
N GLY D 166 -1.97 29.70 -62.61
CA GLY D 166 -1.00 29.05 -63.49
C GLY D 166 0.27 28.68 -62.76
N VAL D 167 0.12 28.01 -61.62
CA VAL D 167 1.24 27.64 -60.76
C VAL D 167 1.42 26.12 -60.72
N HIS D 168 2.66 25.67 -60.91
CA HIS D 168 2.99 24.26 -60.77
C HIS D 168 3.92 24.04 -59.58
N THR D 169 3.34 23.56 -58.48
CA THR D 169 4.12 23.22 -57.28
C THR D 169 4.51 21.75 -57.30
N PHE D 170 5.79 21.49 -57.08
CA PHE D 170 6.35 20.15 -57.21
C PHE D 170 6.60 19.50 -55.85
N PRO D 171 6.20 18.22 -55.70
CA PRO D 171 6.42 17.48 -54.45
C PRO D 171 7.90 17.33 -54.12
N ALA D 172 8.22 17.41 -52.83
CA ALA D 172 9.61 17.39 -52.37
C ALA D 172 10.22 15.99 -52.43
N VAL D 173 11.46 15.92 -52.92
CA VAL D 173 12.20 14.66 -53.02
C VAL D 173 13.46 14.74 -52.16
N LEU D 174 13.69 13.71 -51.35
CA LEU D 174 14.80 13.65 -50.42
C LEU D 174 16.10 13.23 -51.12
N GLN D 175 17.17 13.98 -50.84
CA GLN D 175 18.52 13.64 -51.32
C GLN D 175 19.54 13.95 -50.23
N SER D 176 20.36 12.94 -49.90
CA SER D 176 21.40 13.04 -48.86
C SER D 176 20.89 13.69 -47.58
N ASP D 177 19.78 13.17 -47.07
CA ASP D 177 19.14 13.63 -45.83
C ASP D 177 18.64 15.08 -45.89
N LEU D 178 18.36 15.57 -47.10
CA LEU D 178 17.88 16.94 -47.31
C LEU D 178 16.78 17.00 -48.37
N TYR D 179 15.77 17.81 -48.10
CA TYR D 179 14.65 17.99 -49.03
C TYR D 179 14.87 19.16 -49.98
N THR D 180 14.45 18.98 -51.24
CA THR D 180 14.46 20.04 -52.24
C THR D 180 13.10 20.10 -52.94
N LEU D 181 12.64 21.32 -53.19
CA LEU D 181 11.32 21.56 -53.77
C LEU D 181 11.29 22.84 -54.61
N SER D 182 10.59 22.78 -55.75
CA SER D 182 10.51 23.90 -56.67
C SER D 182 9.07 24.25 -57.06
N SER D 183 8.86 25.50 -57.47
CA SER D 183 7.56 25.98 -57.94
C SER D 183 7.73 26.91 -59.14
N SER D 184 6.87 26.76 -60.13
CA SER D 184 6.91 27.58 -61.33
C SER D 184 5.58 28.24 -61.64
N VAL D 185 5.63 29.53 -62.00
CA VAL D 185 4.44 30.28 -62.37
C VAL D 185 4.55 30.81 -63.81
N THR D 186 3.54 30.50 -64.62
CA THR D 186 3.50 30.93 -66.01
C THR D 186 2.50 32.08 -66.21
N VAL D 187 3.01 33.24 -66.61
CA VAL D 187 2.20 34.44 -66.79
C VAL D 187 2.47 35.07 -68.16
N THR D 188 1.56 35.94 -68.60
CA THR D 188 1.71 36.67 -69.86
C THR D 188 2.82 37.70 -69.77
N SER D 189 3.42 38.02 -70.92
CA SER D 189 4.55 38.96 -71.00
C SER D 189 4.15 40.41 -70.77
N SER D 190 2.84 40.69 -70.85
CA SER D 190 2.31 42.03 -70.62
C SER D 190 2.31 42.43 -69.15
N THR D 191 2.22 41.44 -68.27
CA THR D 191 2.13 41.67 -66.83
C THR D 191 3.46 41.47 -66.09
N TRP D 192 4.56 41.46 -66.84
CA TRP D 192 5.90 41.31 -66.26
C TRP D 192 6.95 41.96 -67.16
N PRO D 193 7.86 42.77 -66.57
CA PRO D 193 7.95 43.11 -65.15
C PRO D 193 7.19 44.39 -64.76
N SER D 194 6.07 44.64 -65.43
CA SER D 194 5.20 45.77 -65.10
C SER D 194 4.50 45.56 -63.76
N GLN D 195 3.99 44.34 -63.56
CA GLN D 195 3.40 43.95 -62.29
C GLN D 195 4.41 43.13 -61.49
N SER D 196 4.65 43.55 -60.24
CA SER D 196 5.65 42.90 -59.39
C SER D 196 5.17 41.54 -58.88
N ILE D 197 5.86 40.49 -59.31
CA ILE D 197 5.55 39.13 -58.87
C ILE D 197 6.57 38.65 -57.84
N THR D 198 6.07 38.31 -56.65
CA THR D 198 6.92 37.93 -55.52
C THR D 198 6.72 36.46 -55.15
N CYS D 199 7.77 35.86 -54.58
CA CYS D 199 7.72 34.49 -54.09
C CYS D 199 7.65 34.46 -52.56
N ASN D 200 6.57 33.90 -52.03
CA ASN D 200 6.37 33.77 -50.59
C ASN D 200 6.61 32.33 -50.12
N VAL D 201 7.66 32.15 -49.32
CA VAL D 201 8.06 30.84 -48.82
C VAL D 201 8.00 30.81 -47.30
N ALA D 202 7.35 29.78 -46.75
CA ALA D 202 7.22 29.61 -45.31
C ALA D 202 7.64 28.21 -44.85
N HIS D 203 8.42 28.16 -43.77
CA HIS D 203 8.89 26.91 -43.18
C HIS D 203 8.62 26.90 -41.67
N PRO D 204 7.95 25.85 -41.17
CA PRO D 204 7.50 25.79 -39.78
C PRO D 204 8.61 25.56 -38.74
N ALA D 205 9.49 24.59 -39.01
CA ALA D 205 10.52 24.20 -38.04
C ALA D 205 11.59 25.28 -37.82
N SER D 206 12.10 25.83 -38.91
CA SER D 206 13.11 26.89 -38.84
C SER D 206 12.49 28.24 -38.52
N SER D 207 11.16 28.31 -38.60
CA SER D 207 10.39 29.55 -38.36
C SER D 207 10.82 30.69 -39.28
N THR D 208 10.99 30.37 -40.56
CA THR D 208 11.48 31.34 -41.54
C THR D 208 10.40 31.71 -42.56
N LYS D 209 10.20 33.01 -42.74
CA LYS D 209 9.29 33.53 -43.75
C LYS D 209 10.04 34.45 -44.71
N VAL D 210 10.71 33.85 -45.69
CA VAL D 210 11.52 34.57 -46.66
C VAL D 210 10.69 34.99 -47.88
N ASP D 211 10.65 36.30 -48.12
CA ASP D 211 9.97 36.85 -49.29
C ASP D 211 10.99 37.40 -50.28
N LYS D 212 10.93 36.92 -51.52
CA LYS D 212 11.86 37.35 -52.57
C LYS D 212 11.17 37.79 -53.84
N LYS D 213 11.49 39.00 -54.29
CA LYS D 213 10.97 39.55 -55.54
C LYS D 213 11.82 39.05 -56.71
N ILE D 214 11.16 38.56 -57.75
CA ILE D 214 11.86 38.10 -58.95
C ILE D 214 12.14 39.29 -59.87
N GLU D 215 13.41 39.67 -59.95
CA GLU D 215 13.86 40.80 -60.77
C GLU D 215 14.74 40.30 -61.92
N PRO D 216 14.60 40.89 -63.12
CA PRO D 216 15.41 40.53 -64.28
C PRO D 216 16.91 40.64 -64.02
N ARG D 217 17.66 39.62 -64.44
CA ARG D 217 19.10 39.57 -64.22
C ARG D 217 19.85 40.41 -65.26
N ASP E 1 -42.65 59.04 2.39
CA ASP E 1 -43.53 58.66 1.23
C ASP E 1 -44.99 59.03 1.53
N ILE E 2 -45.53 58.51 2.62
CA ILE E 2 -46.83 58.96 3.13
C ILE E 2 -46.58 60.09 4.13
N VAL E 3 -47.02 61.29 3.76
CA VAL E 3 -46.78 62.49 4.57
C VAL E 3 -47.77 62.54 5.75
N LEU E 4 -47.22 62.68 6.95
CA LEU E 4 -48.02 62.87 8.15
C LEU E 4 -47.78 64.26 8.73
N THR E 5 -48.85 65.04 8.81
CA THR E 5 -48.77 66.40 9.34
C THR E 5 -49.50 66.52 10.68
N GLN E 6 -48.88 67.23 11.62
CA GLN E 6 -49.44 67.39 12.96
C GLN E 6 -49.81 68.82 13.28
N SER E 7 -51.03 69.01 13.77
CA SER E 7 -51.56 70.33 14.12
C SER E 7 -52.11 70.33 15.55
N PRO E 8 -51.70 71.33 16.37
CA PRO E 8 -50.77 72.40 16.01
C PRO E 8 -49.31 71.98 16.17
N ALA E 9 -48.38 72.85 15.76
CA ALA E 9 -46.96 72.60 15.92
C ALA E 9 -46.54 72.71 17.38
N SER E 10 -47.19 73.60 18.12
CA SER E 10 -46.93 73.81 19.54
C SER E 10 -48.19 74.28 20.26
N LEU E 11 -48.46 73.67 21.42
CA LEU E 11 -49.62 74.04 22.23
C LEU E 11 -49.27 74.25 23.70
N ALA E 12 -49.94 75.23 24.31
CA ALA E 12 -49.76 75.53 25.73
C ALA E 12 -51.02 75.21 26.51
N VAL E 13 -50.90 74.30 27.48
CA VAL E 13 -52.05 73.82 28.26
C VAL E 13 -51.73 73.85 29.75
N SER E 14 -52.64 74.46 30.53
CA SER E 14 -52.51 74.53 31.99
C SER E 14 -52.62 73.16 32.64
N LEU E 15 -51.98 73.01 33.80
CA LEU E 15 -51.93 71.73 34.52
C LEU E 15 -53.34 71.27 34.93
N GLY E 16 -53.72 70.08 34.48
CA GLY E 16 -55.02 69.49 34.79
C GLY E 16 -56.07 69.67 33.71
N GLN E 17 -55.69 70.33 32.61
CA GLN E 17 -56.61 70.59 31.50
C GLN E 17 -56.43 69.59 30.35
N ARG E 18 -57.25 69.75 29.31
CA ARG E 18 -57.25 68.86 28.16
C ARG E 18 -56.42 69.40 27.00
N ALA E 19 -55.67 68.53 26.35
CA ALA E 19 -54.86 68.88 25.18
C ALA E 19 -55.24 68.01 23.97
N THR E 20 -55.46 68.66 22.83
CA THR E 20 -55.82 67.96 21.60
C THR E 20 -54.72 68.02 20.55
N ILE E 21 -54.32 66.86 20.04
CA ILE E 21 -53.27 66.75 19.03
C ILE E 21 -53.79 65.98 17.81
N SER E 22 -53.69 66.61 16.63
CA SER E 22 -54.17 66.00 15.39
C SER E 22 -53.04 65.45 14.52
N CYS E 23 -53.37 64.44 13.72
CA CYS E 23 -52.42 63.81 12.80
C CYS E 23 -53.11 63.47 11.48
N ARG E 24 -52.92 64.33 10.48
CA ARG E 24 -53.49 64.14 9.15
C ARG E 24 -52.58 63.30 8.27
N ALA E 25 -53.18 62.44 7.44
CA ALA E 25 -52.44 61.55 6.56
C ALA E 25 -52.71 61.84 5.09
N SER E 26 -51.70 61.61 4.25
CA SER E 26 -51.81 61.79 2.81
C SER E 26 -52.48 60.60 2.14
N GLU E 27 -52.43 59.45 2.81
CA GLU E 27 -53.06 58.22 2.35
C GLU E 27 -53.72 57.51 3.53
N SER E 28 -54.82 56.80 3.28
CA SER E 28 -55.54 56.12 4.35
C SER E 28 -54.73 54.92 4.86
N VAL E 29 -54.28 55.05 6.11
CA VAL E 29 -53.49 54.01 6.77
C VAL E 29 -54.37 52.90 7.34
N ASP E 30 -55.67 53.19 7.48
CA ASP E 30 -56.63 52.26 8.06
C ASP E 30 -57.04 51.12 7.12
N SER E 31 -56.37 51.05 5.96
CA SER E 31 -56.70 50.07 4.92
C SER E 31 -56.68 48.61 5.41
N TYR E 32 -57.42 47.76 4.70
CA TYR E 32 -57.51 46.32 4.99
C TYR E 32 -58.51 45.99 6.10
N GLY E 33 -58.85 46.98 6.93
CA GLY E 33 -59.85 46.81 7.99
C GLY E 33 -59.60 47.66 9.22
N ASN E 34 -58.37 47.63 9.72
CA ASN E 34 -58.00 48.32 10.95
C ASN E 34 -57.00 49.45 10.72
N SER E 35 -57.00 50.44 11.60
CA SER E 35 -56.07 51.56 11.53
C SER E 35 -54.68 51.14 12.02
N PHE E 36 -53.66 51.50 11.24
CA PHE E 36 -52.28 51.19 11.61
C PHE E 36 -51.50 52.45 11.99
N MET E 37 -52.10 53.24 12.89
CA MET E 37 -51.51 54.48 13.36
C MET E 37 -51.02 54.34 14.81
N ASN E 38 -49.75 54.66 15.03
CA ASN E 38 -49.16 54.60 16.36
C ASN E 38 -48.83 55.98 16.91
N TRP E 39 -48.72 56.07 18.23
CA TRP E 39 -48.40 57.33 18.92
C TRP E 39 -47.21 57.20 19.84
N TYR E 40 -46.39 58.24 19.90
CA TYR E 40 -45.16 58.23 20.70
C TYR E 40 -44.97 59.48 21.56
N GLN E 41 -44.28 59.29 22.69
CA GLN E 41 -43.90 60.38 23.58
C GLN E 41 -42.38 60.40 23.70
N GLN E 42 -41.76 61.54 23.37
CA GLN E 42 -40.31 61.67 23.46
C GLN E 42 -39.85 62.87 24.26
N LYS E 43 -39.23 62.60 25.41
CA LYS E 43 -38.61 63.61 26.24
C LYS E 43 -37.17 63.83 25.76
N PRO E 44 -36.67 65.08 25.84
CA PRO E 44 -35.31 65.40 25.38
C PRO E 44 -34.22 64.53 26.01
N GLY E 45 -33.32 64.03 25.17
CA GLY E 45 -32.24 63.15 25.63
C GLY E 45 -32.64 61.68 25.73
N GLN E 46 -33.94 61.42 25.60
CA GLN E 46 -34.48 60.07 25.72
C GLN E 46 -35.08 59.58 24.40
N PRO E 47 -35.12 58.25 24.19
CA PRO E 47 -35.81 57.66 23.04
C PRO E 47 -37.33 57.81 23.14
N PRO E 48 -38.04 57.74 21.99
CA PRO E 48 -39.50 57.81 21.99
C PRO E 48 -40.15 56.64 22.73
N LYS E 49 -41.22 56.92 23.45
CA LYS E 49 -41.96 55.91 24.21
C LYS E 49 -43.34 55.71 23.59
N LEU E 50 -43.64 54.47 23.23
CA LEU E 50 -44.93 54.11 22.63
C LEU E 50 -46.06 54.25 23.64
N LEU E 51 -47.06 55.03 23.27
CA LEU E 51 -48.23 55.26 24.13
C LEU E 51 -49.41 54.43 23.65
N ILE E 52 -49.80 54.65 22.40
CA ILE E 52 -50.99 54.01 21.82
C ILE E 52 -50.69 53.49 20.43
N TYR E 53 -51.01 52.23 20.19
CA TYR E 53 -50.89 51.62 18.87
C TYR E 53 -52.27 51.35 18.26
N ARG E 54 -52.38 51.53 16.94
CA ARG E 54 -53.62 51.36 16.19
C ARG E 54 -54.71 52.36 16.58
N ALA E 55 -54.28 53.59 16.86
CA ALA E 55 -55.17 54.70 17.22
C ALA E 55 -55.93 54.53 18.54
N SER E 56 -56.39 53.31 18.84
CA SER E 56 -57.24 53.07 20.00
C SER E 56 -56.57 52.30 21.14
N ASN E 57 -55.81 51.26 20.79
CA ASN E 57 -55.22 50.35 21.79
C ASN E 57 -53.98 50.94 22.46
N LEU E 58 -54.04 51.11 23.78
CA LEU E 58 -52.89 51.61 24.55
C LEU E 58 -51.93 50.49 24.94
N GLU E 59 -50.65 50.85 25.07
CA GLU E 59 -49.62 49.90 25.49
C GLU E 59 -49.67 49.71 27.00
N SER E 60 -49.34 48.50 27.46
CA SER E 60 -49.34 48.18 28.88
C SER E 60 -48.34 49.04 29.66
N GLY E 61 -48.81 49.65 30.74
CA GLY E 61 -47.99 50.55 31.55
C GLY E 61 -48.32 52.02 31.33
N ILE E 62 -49.03 52.31 30.23
CA ILE E 62 -49.45 53.67 29.88
C ILE E 62 -50.83 53.97 30.48
N PRO E 63 -50.95 55.08 31.24
CA PRO E 63 -52.20 55.45 31.90
C PRO E 63 -53.36 55.70 30.92
N ALA E 64 -54.59 55.51 31.42
CA ALA E 64 -55.80 55.64 30.60
C ALA E 64 -56.11 57.09 30.20
N ARG E 65 -55.45 58.04 30.84
CA ARG E 65 -55.62 59.47 30.54
C ARG E 65 -55.11 59.82 29.14
N PHE E 66 -54.17 59.04 28.63
CA PHE E 66 -53.72 59.14 27.24
C PHE E 66 -54.69 58.41 26.34
N SER E 67 -55.44 59.17 25.55
CA SER E 67 -56.46 58.60 24.67
C SER E 67 -56.27 59.04 23.22
N GLY E 68 -56.37 58.07 22.31
CA GLY E 68 -56.24 58.34 20.88
C GLY E 68 -57.48 57.90 20.12
N SER E 69 -57.74 58.56 18.98
CA SER E 69 -58.88 58.24 18.14
C SER E 69 -58.60 58.54 16.68
N GLY E 70 -59.54 58.19 15.81
CA GLY E 70 -59.45 58.51 14.39
C GLY E 70 -59.53 57.31 13.45
N SER E 71 -59.82 57.61 12.19
CA SER E 71 -59.86 56.60 11.12
C SER E 71 -59.50 57.24 9.78
N ARG E 72 -59.17 56.39 8.80
CA ARG E 72 -58.75 56.82 7.46
C ARG E 72 -57.47 57.67 7.44
N THR E 73 -57.64 58.99 7.44
CA THR E 73 -56.52 59.92 7.34
C THR E 73 -56.43 60.84 8.56
N ASP E 74 -57.58 61.14 9.16
CA ASP E 74 -57.65 62.05 10.30
C ASP E 74 -57.60 61.28 11.62
N PHE E 75 -56.58 61.59 12.43
CA PHE E 75 -56.36 60.92 13.71
C PHE E 75 -56.04 61.93 14.80
N THR E 76 -56.48 61.66 16.03
CA THR E 76 -56.29 62.57 17.15
C THR E 76 -55.84 61.89 18.44
N LEU E 77 -54.89 62.53 19.12
CA LEU E 77 -54.42 62.09 20.44
C LEU E 77 -54.74 63.16 21.48
N THR E 78 -55.32 62.73 22.60
CA THR E 78 -55.65 63.64 23.70
C THR E 78 -55.11 63.16 25.04
N ILE E 79 -54.64 64.11 25.84
CA ILE E 79 -54.17 63.83 27.20
C ILE E 79 -55.04 64.61 28.19
N ASN E 80 -55.81 63.87 28.98
CA ASN E 80 -56.71 64.48 29.97
C ASN E 80 -56.85 63.64 31.23
N PRO E 81 -56.39 64.17 32.38
CA PRO E 81 -55.75 65.47 32.53
C PRO E 81 -54.23 65.42 32.29
N VAL E 82 -53.63 66.59 32.05
CA VAL E 82 -52.19 66.68 31.83
C VAL E 82 -51.42 66.83 33.15
N GLU E 83 -50.19 66.30 33.16
CA GLU E 83 -49.32 66.39 34.33
C GLU E 83 -48.01 67.09 33.99
N ALA E 84 -47.21 67.37 35.02
CA ALA E 84 -45.92 68.05 34.86
C ALA E 84 -44.91 67.24 34.04
N ASP E 85 -45.00 65.91 34.14
CA ASP E 85 -44.08 65.02 33.43
C ASP E 85 -44.55 64.66 32.01
N ASP E 86 -45.46 65.47 31.48
CA ASP E 86 -45.96 65.28 30.11
C ASP E 86 -45.23 66.16 29.10
N VAL E 87 -44.27 66.94 29.58
CA VAL E 87 -43.46 67.81 28.72
C VAL E 87 -42.62 66.96 27.76
N ALA E 88 -43.06 66.91 26.51
CA ALA E 88 -42.43 66.10 25.47
C ALA E 88 -42.92 66.49 24.09
N THR E 89 -42.18 66.07 23.06
CA THR E 89 -42.62 66.21 21.68
C THR E 89 -43.30 64.90 21.26
N TYR E 90 -44.55 65.01 20.84
CA TYR E 90 -45.37 63.84 20.50
C TYR E 90 -45.41 63.58 19.00
N TYR E 91 -45.33 62.30 18.63
CA TYR E 91 -45.28 61.90 17.23
C TYR E 91 -46.30 60.84 16.89
N CYS E 92 -46.83 60.90 15.67
CA CYS E 92 -47.68 59.84 15.13
C CYS E 92 -46.94 59.12 14.01
N GLN E 93 -46.93 57.80 14.04
CA GLN E 93 -46.32 57.03 12.96
C GLN E 93 -47.32 56.07 12.30
N GLN E 94 -47.04 55.73 11.05
CA GLN E 94 -47.90 54.84 10.28
C GLN E 94 -47.15 53.60 9.80
N SER E 95 -47.83 52.46 9.83
CA SER E 95 -47.30 51.22 9.28
C SER E 95 -47.80 51.05 7.85
N ASN E 96 -48.71 50.07 7.64
CA ASN E 96 -49.38 49.89 6.35
C ASN E 96 -48.42 49.76 5.17
N GLU E 97 -48.31 50.83 4.40
CA GLU E 97 -47.37 50.94 3.28
C GLU E 97 -46.60 52.26 3.37
N ASP E 98 -45.37 52.32 2.87
CA ASP E 98 -44.60 51.17 2.39
C ASP E 98 -43.20 51.30 3.01
N PRO E 99 -42.57 52.48 2.88
CA PRO E 99 -41.55 52.84 3.87
C PRO E 99 -42.19 53.57 5.04
N PHE E 100 -41.95 53.07 6.26
CA PHE E 100 -42.57 53.61 7.47
C PHE E 100 -42.18 55.07 7.68
N THR E 101 -43.18 55.92 7.95
CA THR E 101 -42.92 57.35 8.17
C THR E 101 -43.49 57.82 9.49
N PHE E 102 -42.75 58.70 10.15
CA PHE E 102 -43.20 59.35 11.37
C PHE E 102 -44.00 60.61 11.03
N GLY E 103 -44.54 61.25 12.08
CA GLY E 103 -45.39 62.42 11.90
C GLY E 103 -44.63 63.66 11.50
N SER E 104 -44.86 64.74 12.24
CA SER E 104 -44.24 66.03 11.93
C SER E 104 -43.69 66.69 13.18
N GLY E 105 -44.17 66.24 14.34
CA GLY E 105 -43.78 66.82 15.61
C GLY E 105 -44.80 67.83 16.10
N THR E 106 -45.14 67.71 17.39
CA THR E 106 -45.99 68.69 18.07
C THR E 106 -45.57 68.83 19.53
N LYS E 107 -44.92 69.96 19.84
CA LYS E 107 -44.34 70.19 21.15
C LYS E 107 -45.36 70.64 22.18
N LEU E 108 -45.44 69.90 23.29
CA LEU E 108 -46.35 70.21 24.38
C LEU E 108 -45.63 70.99 25.47
N GLU E 109 -46.25 72.09 25.90
CA GLU E 109 -45.70 72.96 26.94
C GLU E 109 -46.79 73.35 27.93
N ILE E 110 -46.42 73.54 29.20
CA ILE E 110 -47.38 73.78 30.26
C ILE E 110 -47.39 75.24 30.72
N LYS E 111 -48.59 75.82 30.81
CA LYS E 111 -48.79 77.16 31.34
C LYS E 111 -49.04 77.13 32.85
N ARG E 112 -48.27 77.93 33.58
CA ARG E 112 -48.45 78.07 35.03
C ARG E 112 -48.19 79.50 35.48
N ALA E 113 -48.21 79.73 36.79
CA ALA E 113 -47.97 81.04 37.37
C ALA E 113 -46.58 81.57 37.04
N ASP E 114 -46.49 82.87 36.77
CA ASP E 114 -45.24 83.53 36.42
C ASP E 114 -44.25 83.55 37.58
N ALA E 115 -43.01 83.16 37.30
CA ALA E 115 -41.97 83.09 38.33
C ALA E 115 -40.77 83.97 37.98
N ALA E 116 -40.14 84.53 39.01
CA ALA E 116 -38.96 85.37 38.85
C ALA E 116 -37.68 84.55 38.97
N PRO E 117 -36.70 84.78 38.07
CA PRO E 117 -35.44 84.04 38.10
C PRO E 117 -34.55 84.42 39.28
N THR E 118 -33.96 83.41 39.93
CA THR E 118 -32.95 83.64 40.95
C THR E 118 -31.57 83.77 40.30
N VAL E 119 -31.12 85.01 40.15
CA VAL E 119 -29.89 85.31 39.42
C VAL E 119 -28.66 85.20 40.32
N SER E 120 -27.64 84.49 39.83
CA SER E 120 -26.39 84.32 40.57
C SER E 120 -25.19 84.51 39.65
N ILE E 121 -24.36 85.49 39.98
CA ILE E 121 -23.16 85.81 39.21
C ILE E 121 -21.93 85.11 39.80
N PHE E 122 -21.07 84.61 38.92
CA PHE E 122 -19.86 83.90 39.33
C PHE E 122 -18.62 84.45 38.63
N PRO E 123 -17.60 84.85 39.42
CA PRO E 123 -16.32 85.30 38.89
C PRO E 123 -15.50 84.12 38.34
N PRO E 124 -14.54 84.40 37.44
CA PRO E 124 -13.69 83.32 36.92
C PRO E 124 -12.81 82.70 38.00
N SER E 125 -12.58 81.39 37.89
CA SER E 125 -11.77 80.66 38.86
C SER E 125 -10.29 81.02 38.76
N SER E 126 -9.54 80.69 39.80
CA SER E 126 -8.10 80.96 39.86
C SER E 126 -7.32 80.12 38.84
N LYS E 127 -7.89 78.99 38.44
CA LYS E 127 -7.27 78.10 37.46
C LYS E 127 -7.48 78.58 36.02
N LEU E 128 -8.45 79.45 35.81
CA LEU E 128 -8.69 80.09 34.52
C LEU E 128 -7.58 81.09 34.17
N GLY E 129 -7.15 81.85 35.17
CA GLY E 129 -6.10 82.85 35.01
C GLY E 129 -4.75 82.26 34.61
N THR E 130 -4.46 81.07 35.13
CA THR E 130 -3.21 80.37 34.81
C THR E 130 -3.20 79.86 33.37
N SER E 131 -4.36 79.44 32.87
CA SER E 131 -4.51 78.98 31.50
C SER E 131 -4.57 80.16 30.52
N GLY E 132 -4.93 81.34 31.02
CA GLY E 132 -4.99 82.56 30.21
C GLY E 132 -6.40 83.00 29.86
N GLY E 133 -7.39 82.22 30.29
CA GLY E 133 -8.80 82.51 30.01
C GLY E 133 -9.50 83.21 31.14
N ALA E 134 -10.67 83.77 30.84
CA ALA E 134 -11.51 84.46 31.82
C ALA E 134 -12.98 84.43 31.42
N SER E 135 -13.74 83.55 32.06
CA SER E 135 -15.16 83.40 31.77
C SER E 135 -16.03 83.73 32.99
N VAL E 136 -16.83 84.80 32.86
CA VAL E 136 -17.75 85.21 33.91
C VAL E 136 -19.10 84.54 33.67
N VAL E 137 -19.53 83.74 34.63
CA VAL E 137 -20.74 82.93 34.49
C VAL E 137 -21.92 83.55 35.25
N CYS E 138 -23.11 83.45 34.66
CA CYS E 138 -24.33 83.96 35.27
C CYS E 138 -25.48 82.97 35.09
N PHE E 139 -26.01 82.47 36.19
CA PHE E 139 -27.09 81.49 36.17
C PHE E 139 -28.45 82.12 36.49
N LEU E 140 -29.43 81.83 35.64
CA LEU E 140 -30.82 82.21 35.88
C LEU E 140 -31.64 80.94 36.06
N ASN E 141 -31.99 80.64 37.31
CA ASN E 141 -32.65 79.39 37.63
C ASN E 141 -34.14 79.52 37.96
N ASN E 142 -34.92 78.56 37.47
CA ASN E 142 -36.36 78.43 37.78
C ASN E 142 -37.18 79.70 37.55
N PHE E 143 -37.59 79.92 36.30
CA PHE E 143 -38.43 81.06 35.95
C PHE E 143 -39.44 80.74 34.84
N TYR E 144 -40.53 81.50 34.83
CA TYR E 144 -41.57 81.35 33.81
C TYR E 144 -42.11 82.74 33.42
N PRO E 145 -42.31 82.99 32.11
CA PRO E 145 -42.11 82.08 30.98
C PRO E 145 -40.67 82.01 30.48
N LYS E 146 -40.47 81.39 29.32
CA LYS E 146 -39.14 81.18 28.73
C LYS E 146 -38.49 82.45 28.19
N ASP E 147 -39.31 83.44 27.84
CA ASP E 147 -38.84 84.68 27.23
C ASP E 147 -38.05 85.55 28.19
N ILE E 148 -36.75 85.66 27.95
CA ILE E 148 -35.83 86.43 28.79
C ILE E 148 -34.61 86.89 27.98
N ASN E 149 -34.13 88.10 28.28
CA ASN E 149 -32.93 88.64 27.66
C ASN E 149 -31.85 89.01 28.67
N VAL E 150 -30.62 88.57 28.40
CA VAL E 150 -29.49 88.83 29.27
C VAL E 150 -28.54 89.82 28.62
N LYS E 151 -28.21 90.89 29.36
CA LYS E 151 -27.28 91.90 28.90
C LYS E 151 -26.08 91.99 29.83
N TRP E 152 -24.88 91.85 29.25
CA TRP E 152 -23.64 91.96 30.01
C TRP E 152 -23.11 93.40 29.97
N LYS E 153 -22.68 93.89 31.13
CA LYS E 153 -22.07 95.21 31.22
C LYS E 153 -20.70 95.15 31.90
N ILE E 154 -19.71 95.73 31.24
CA ILE E 154 -18.35 95.83 31.77
C ILE E 154 -18.01 97.31 31.96
N ASP E 155 -17.76 97.69 33.21
CA ASP E 155 -17.47 99.08 33.60
C ASP E 155 -18.52 100.08 33.12
N GLY E 156 -19.79 99.68 33.22
CA GLY E 156 -20.91 100.55 32.85
C GLY E 156 -21.33 100.48 31.39
N SER E 157 -20.49 99.85 30.57
CA SER E 157 -20.75 99.75 29.13
C SER E 157 -21.08 98.33 28.69
N GLU E 158 -22.04 98.21 27.76
CA GLU E 158 -22.52 96.92 27.28
C GLU E 158 -21.50 96.20 26.39
N ARG E 159 -21.45 94.88 26.56
CA ARG E 159 -20.58 94.02 25.75
C ARG E 159 -21.39 92.85 25.19
N GLN E 160 -21.31 92.66 23.87
CA GLN E 160 -22.07 91.61 23.20
C GLN E 160 -21.17 90.57 22.52
N ASN E 161 -19.89 90.87 22.42
CA ASN E 161 -18.92 89.96 21.80
C ASN E 161 -18.38 88.94 22.80
N GLY E 162 -18.56 87.66 22.47
CA GLY E 162 -18.10 86.57 23.32
C GLY E 162 -19.12 86.11 24.34
N VAL E 163 -20.40 86.34 24.05
CA VAL E 163 -21.48 85.92 24.93
C VAL E 163 -22.04 84.58 24.47
N LEU E 164 -22.00 83.58 25.36
CA LEU E 164 -22.47 82.23 25.07
C LEU E 164 -23.70 81.92 25.89
N ASN E 165 -24.81 81.64 25.21
CA ASN E 165 -26.09 81.39 25.88
C ASN E 165 -26.61 79.98 25.65
N SER E 166 -27.26 79.42 26.68
CA SER E 166 -27.89 78.10 26.59
C SER E 166 -29.14 78.02 27.47
N TRP E 167 -30.24 77.56 26.87
CA TRP E 167 -31.52 77.42 27.57
C TRP E 167 -31.85 75.95 27.81
N THR E 168 -32.35 75.65 29.00
CA THR E 168 -32.76 74.29 29.35
C THR E 168 -34.19 74.01 28.91
N ASP E 169 -34.52 72.73 28.79
CA ASP E 169 -35.90 72.28 28.53
C ASP E 169 -36.72 72.44 29.81
N GLN E 170 -38.05 72.49 29.66
CA GLN E 170 -38.96 72.59 30.80
C GLN E 170 -38.74 71.48 31.83
N ASP E 171 -38.76 71.86 33.10
CA ASP E 171 -38.58 70.91 34.20
C ASP E 171 -39.73 69.93 34.26
N SER E 172 -39.42 68.67 34.54
CA SER E 172 -40.41 67.60 34.61
C SER E 172 -41.29 67.69 35.86
N LYS E 173 -40.92 68.57 36.78
CA LYS E 173 -41.65 68.74 38.04
C LYS E 173 -42.13 70.18 38.22
N ASP E 174 -41.20 71.13 38.21
CA ASP E 174 -41.52 72.54 38.44
C ASP E 174 -42.18 73.20 37.23
N SER E 175 -41.95 72.64 36.05
CA SER E 175 -42.42 73.19 34.76
C SER E 175 -41.83 74.60 34.51
N THR E 176 -40.58 74.79 34.93
CA THR E 176 -39.90 76.07 34.82
C THR E 176 -38.72 76.02 33.85
N TYR E 177 -38.22 77.20 33.46
CA TYR E 177 -37.08 77.31 32.56
C TYR E 177 -35.83 77.79 33.30
N SER E 178 -34.67 77.51 32.73
CA SER E 178 -33.39 77.99 33.26
C SER E 178 -32.40 78.32 32.16
N MET E 179 -31.62 79.38 32.37
CA MET E 179 -30.69 79.88 31.37
C MET E 179 -29.32 80.21 31.99
N SER E 180 -28.27 80.02 31.21
CA SER E 180 -26.91 80.36 31.62
C SER E 180 -26.17 81.16 30.54
N SER E 181 -25.51 82.24 30.96
CA SER E 181 -24.75 83.10 30.05
C SER E 181 -23.31 83.24 30.51
N THR E 182 -22.38 83.22 29.55
CA THR E 182 -20.95 83.31 29.86
C THR E 182 -20.22 84.31 28.96
N LEU E 183 -19.39 85.15 29.57
CA LEU E 183 -18.53 86.08 28.84
C LEU E 183 -17.16 85.45 28.59
N THR E 184 -16.97 84.91 27.39
CA THR E 184 -15.70 84.30 27.01
C THR E 184 -14.68 85.38 26.66
N LEU E 185 -13.84 85.73 27.64
CA LEU E 185 -12.81 86.76 27.48
C LEU E 185 -11.43 86.22 27.86
N THR E 186 -10.40 86.98 27.49
CA THR E 186 -9.02 86.62 27.85
C THR E 186 -8.57 87.33 29.12
N LYS E 187 -7.50 86.83 29.73
CA LYS E 187 -6.91 87.40 30.95
C LYS E 187 -6.48 88.85 30.73
N ASP E 188 -5.99 89.15 29.53
CA ASP E 188 -5.54 90.49 29.14
C ASP E 188 -6.68 91.52 29.18
N GLU E 189 -7.87 91.10 28.76
CA GLU E 189 -9.05 91.96 28.76
C GLU E 189 -9.73 92.05 30.11
N TYR E 190 -9.55 91.00 30.92
CA TYR E 190 -10.21 90.89 32.23
C TYR E 190 -9.59 91.80 33.30
N GLU E 191 -8.27 91.92 33.28
CA GLU E 191 -7.55 92.68 34.31
C GLU E 191 -7.59 94.20 34.08
N ARG E 192 -7.94 94.62 32.87
CA ARG E 192 -8.01 96.03 32.52
C ARG E 192 -9.23 96.73 33.12
N HIS E 193 -10.37 96.03 33.14
CA HIS E 193 -11.61 96.57 33.67
C HIS E 193 -11.98 95.94 35.03
N ASN E 194 -12.81 96.64 35.80
CA ASN E 194 -13.11 96.24 37.18
C ASN E 194 -14.49 95.61 37.41
N SER E 195 -15.54 96.36 37.09
CA SER E 195 -16.91 95.93 37.40
C SER E 195 -17.57 95.14 36.27
N TYR E 196 -18.24 94.05 36.64
CA TYR E 196 -18.95 93.18 35.70
C TYR E 196 -20.36 92.93 36.20
N THR E 197 -21.36 93.43 35.48
CA THR E 197 -22.76 93.28 35.88
C THR E 197 -23.54 92.32 34.96
N CYS E 198 -24.32 91.45 35.57
CA CYS E 198 -25.23 90.56 34.85
C CYS E 198 -26.66 91.07 35.02
N GLU E 199 -27.29 91.41 33.89
CA GLU E 199 -28.61 92.04 33.91
C GLU E 199 -29.63 91.20 33.12
N ALA E 200 -30.82 91.04 33.69
CA ALA E 200 -31.89 90.25 33.05
C ALA E 200 -33.25 90.90 33.21
N THR E 201 -33.92 91.14 32.08
CA THR E 201 -35.28 91.66 32.06
C THR E 201 -36.29 90.54 31.87
N HIS E 202 -37.39 90.60 32.63
CA HIS E 202 -38.43 89.57 32.59
C HIS E 202 -39.83 90.20 32.67
N LYS E 203 -40.85 89.41 32.35
CA LYS E 203 -42.24 89.86 32.39
C LYS E 203 -42.77 90.06 33.81
N THR E 204 -42.13 89.40 34.77
CA THR E 204 -42.54 89.45 36.18
C THR E 204 -42.34 90.83 36.82
N SER E 205 -41.28 91.52 36.42
CA SER E 205 -40.97 92.85 36.95
C SER E 205 -40.35 93.76 35.89
N THR E 206 -40.76 95.03 35.92
CA THR E 206 -40.23 96.04 35.00
C THR E 206 -38.76 96.35 35.28
N SER E 207 -38.39 96.32 36.56
CA SER E 207 -37.00 96.50 36.98
C SER E 207 -36.19 95.24 36.72
N PRO E 208 -35.05 95.37 36.02
CA PRO E 208 -34.20 94.22 35.73
C PRO E 208 -33.39 93.80 36.94
N ILE E 209 -33.23 92.48 37.12
CA ILE E 209 -32.42 91.95 38.22
C ILE E 209 -30.94 92.08 37.86
N VAL E 210 -30.25 92.92 38.61
CA VAL E 210 -28.84 93.22 38.36
C VAL E 210 -27.96 92.58 39.43
N LYS E 211 -27.16 91.60 39.02
CA LYS E 211 -26.17 90.98 39.90
C LYS E 211 -24.77 91.28 39.37
N SER E 212 -23.96 91.91 40.22
CA SER E 212 -22.64 92.39 39.82
C SER E 212 -21.54 92.02 40.81
N PHE E 213 -20.31 91.99 40.33
CA PHE E 213 -19.14 91.78 41.20
C PHE E 213 -17.97 92.68 40.79
N ASN E 214 -17.17 93.07 41.78
CA ASN E 214 -15.95 93.83 41.55
C ASN E 214 -14.72 92.95 41.70
N ARG E 215 -13.75 93.15 40.82
CA ARG E 215 -12.49 92.38 40.86
C ARG E 215 -11.63 92.78 42.05
N ASN E 216 -11.82 94.00 42.53
CA ASN E 216 -11.08 94.54 43.68
C ASN E 216 -11.38 93.83 45.00
N GLU E 217 -12.62 93.35 45.14
CA GLU E 217 -13.07 92.60 46.31
C GLU E 217 -12.93 93.39 47.61
N GLN F 1 -37.05 40.72 31.37
CA GLN F 1 -36.85 42.20 31.27
C GLN F 1 -36.21 42.56 29.93
N VAL F 2 -37.05 43.06 29.01
CA VAL F 2 -36.60 43.39 27.65
C VAL F 2 -35.79 44.69 27.63
N GLN F 3 -34.58 44.59 27.11
CA GLN F 3 -33.66 45.73 27.04
C GLN F 3 -32.92 45.80 25.70
N LEU F 4 -32.62 47.01 25.27
CA LEU F 4 -31.79 47.25 24.09
C LEU F 4 -30.64 48.19 24.44
N GLN F 5 -29.42 47.65 24.41
CA GLN F 5 -28.23 48.42 24.76
C GLN F 5 -27.41 48.79 23.53
N GLN F 6 -27.46 50.07 23.17
CA GLN F 6 -26.67 50.61 22.07
C GLN F 6 -25.28 51.04 22.52
N SER F 7 -24.38 51.17 21.56
CA SER F 7 -23.00 51.58 21.82
C SER F 7 -22.90 53.06 22.25
N GLY F 8 -21.68 53.51 22.51
CA GLY F 8 -21.44 54.89 22.92
C GLY F 8 -21.46 55.87 21.76
N PRO F 9 -21.19 57.17 22.04
CA PRO F 9 -21.13 58.22 21.02
C PRO F 9 -19.99 58.01 20.04
N GLU F 10 -20.11 58.59 18.84
CA GLU F 10 -19.12 58.37 17.78
C GLU F 10 -18.72 59.66 17.05
N LEU F 11 -17.41 59.81 16.83
CA LEU F 11 -16.85 60.92 16.07
C LEU F 11 -16.15 60.36 14.83
N VAL F 12 -16.62 60.79 13.66
CA VAL F 12 -16.14 60.25 12.38
C VAL F 12 -15.70 61.35 11.42
N LYS F 13 -14.69 61.03 10.59
CA LYS F 13 -14.28 61.89 9.49
C LYS F 13 -15.12 61.58 8.25
N PRO F 14 -15.38 62.60 7.41
CA PRO F 14 -16.14 62.39 6.16
C PRO F 14 -15.50 61.39 5.22
N GLY F 15 -16.29 60.42 4.75
CA GLY F 15 -15.81 59.39 3.83
C GLY F 15 -15.33 58.13 4.54
N VAL F 16 -15.79 57.95 5.78
CA VAL F 16 -15.42 56.78 6.58
C VAL F 16 -16.70 56.08 7.08
N SER F 17 -16.78 54.78 6.83
CA SER F 17 -17.90 53.97 7.27
C SER F 17 -17.81 53.65 8.77
N VAL F 18 -18.97 53.44 9.39
CA VAL F 18 -19.04 53.18 10.83
C VAL F 18 -20.10 52.13 11.17
N LYS F 19 -19.74 51.20 12.05
CA LYS F 19 -20.67 50.19 12.57
C LYS F 19 -21.27 50.61 13.91
N ILE F 20 -22.59 50.48 14.03
CA ILE F 20 -23.32 50.79 15.25
C ILE F 20 -23.99 49.52 15.77
N SER F 21 -23.65 49.14 17.00
CA SER F 21 -24.17 47.90 17.59
C SER F 21 -25.36 48.14 18.54
N CYS F 22 -26.24 47.14 18.61
CA CYS F 22 -27.43 47.18 19.46
C CYS F 22 -27.64 45.83 20.13
N LYS F 23 -27.20 45.73 21.39
CA LYS F 23 -27.28 44.50 22.16
C LYS F 23 -28.70 44.28 22.71
N ALA F 24 -29.24 43.08 22.49
CA ALA F 24 -30.58 42.74 22.97
C ALA F 24 -30.55 41.65 24.03
N SER F 25 -31.31 41.85 25.09
CA SER F 25 -31.39 40.91 26.20
C SER F 25 -32.77 40.92 26.86
N GLY F 26 -33.22 39.74 27.28
CA GLY F 26 -34.51 39.59 27.96
C GLY F 26 -35.59 38.94 27.11
N TYR F 27 -35.25 38.61 25.87
CA TYR F 27 -36.18 37.96 24.93
C TYR F 27 -35.44 37.15 23.87
N SER F 28 -36.19 36.33 23.12
CA SER F 28 -35.62 35.56 22.03
C SER F 28 -35.31 36.46 20.83
N PHE F 29 -34.02 36.62 20.56
CA PHE F 29 -33.51 37.57 19.58
C PHE F 29 -34.00 37.34 18.15
N THR F 30 -34.15 36.07 17.77
CA THR F 30 -34.43 35.69 16.37
C THR F 30 -35.92 35.74 15.98
N SER F 31 -36.80 36.02 16.94
CA SER F 31 -38.24 35.95 16.69
C SER F 31 -38.93 37.30 16.44
N PHE F 32 -38.23 38.40 16.70
CA PHE F 32 -38.80 39.74 16.55
C PHE F 32 -38.06 40.63 15.57
N TYR F 33 -38.81 41.49 14.88
CA TYR F 33 -38.23 42.49 13.97
C TYR F 33 -37.50 43.58 14.72
N ILE F 34 -36.44 44.12 14.11
CA ILE F 34 -35.72 45.26 14.66
C ILE F 34 -35.65 46.39 13.63
N TYR F 35 -36.27 47.52 13.98
CA TYR F 35 -36.32 48.69 13.11
C TYR F 35 -35.25 49.70 13.53
N TRP F 36 -34.75 50.47 12.57
CA TRP F 36 -33.75 51.51 12.85
C TRP F 36 -34.23 52.89 12.44
N VAL F 37 -34.04 53.85 13.33
CA VAL F 37 -34.57 55.20 13.15
C VAL F 37 -33.47 56.26 13.31
N LYS F 38 -33.48 57.25 12.42
CA LYS F 38 -32.53 58.36 12.44
C LYS F 38 -33.19 59.64 12.94
N GLN F 39 -32.44 60.41 13.73
CA GLN F 39 -32.92 61.71 14.24
C GLN F 39 -31.92 62.85 14.07
N ARG F 40 -32.18 63.70 13.09
CA ARG F 40 -31.39 64.91 12.87
C ARG F 40 -31.64 65.87 14.05
N PRO F 41 -30.57 66.39 14.67
CA PRO F 41 -30.66 67.25 15.84
C PRO F 41 -31.64 68.41 15.67
N GLY F 42 -32.63 68.48 16.55
CA GLY F 42 -33.66 69.52 16.50
C GLY F 42 -34.70 69.31 15.41
N GLN F 43 -34.81 68.09 14.91
CA GLN F 43 -35.76 67.75 13.85
C GLN F 43 -36.55 66.49 14.17
N GLY F 44 -37.28 65.97 13.17
CA GLY F 44 -38.15 64.81 13.35
C GLY F 44 -37.45 63.46 13.28
N LEU F 45 -38.24 62.41 13.13
CA LEU F 45 -37.75 61.03 13.11
C LEU F 45 -37.82 60.44 11.70
N GLU F 46 -36.80 59.64 11.36
CA GLU F 46 -36.69 59.04 10.03
C GLU F 46 -36.46 57.53 10.11
N TRP F 47 -37.35 56.76 9.50
CA TRP F 47 -37.18 55.31 9.44
C TRP F 47 -36.14 54.93 8.40
N ILE F 48 -35.18 54.10 8.79
CA ILE F 48 -34.09 53.71 7.91
C ILE F 48 -34.33 52.34 7.27
N GLY F 49 -34.64 51.34 8.09
CA GLY F 49 -34.89 49.99 7.62
C GLY F 49 -35.10 48.97 8.72
N TRP F 50 -35.72 47.85 8.39
CA TRP F 50 -35.88 46.75 9.34
C TRP F 50 -35.03 45.52 9.00
N ILE F 51 -34.71 44.75 10.03
CA ILE F 51 -33.91 43.53 9.88
C ILE F 51 -34.51 42.42 10.74
N PHE F 52 -34.58 41.22 10.17
CA PHE F 52 -35.06 40.05 10.91
C PHE F 52 -33.89 39.12 11.24
N PRO F 53 -33.47 39.08 12.52
CA PRO F 53 -32.31 38.33 13.02
C PRO F 53 -32.27 36.84 12.64
N GLY F 54 -33.42 36.27 12.29
CA GLY F 54 -33.50 34.87 11.89
C GLY F 54 -32.63 34.52 10.70
N SER F 55 -32.87 35.20 9.58
CA SER F 55 -32.08 35.03 8.36
C SER F 55 -31.99 36.33 7.57
N THR F 56 -31.12 36.35 6.57
CA THR F 56 -30.87 37.54 5.75
C THR F 56 -32.13 38.05 5.05
N ASN F 57 -32.84 38.95 5.71
CA ASN F 57 -34.06 39.56 5.18
C ASN F 57 -34.18 41.02 5.64
N THR F 58 -34.02 41.93 4.69
CA THR F 58 -34.06 43.36 4.99
C THR F 58 -34.89 44.14 3.96
N LYS F 59 -35.53 45.20 4.44
CA LYS F 59 -36.13 46.21 3.57
C LYS F 59 -35.75 47.59 4.06
N TYR F 60 -35.21 48.41 3.16
CA TYR F 60 -34.71 49.73 3.51
C TYR F 60 -35.60 50.84 2.95
N ASN F 61 -35.42 52.04 3.50
CA ASN F 61 -36.00 53.25 2.94
C ASN F 61 -35.20 53.65 1.71
N GLU F 62 -35.90 54.03 0.64
CA GLU F 62 -35.27 54.39 -0.63
C GLU F 62 -34.26 55.53 -0.50
N LYS F 63 -34.44 56.38 0.51
CA LYS F 63 -33.53 57.48 0.80
C LYS F 63 -32.22 56.98 1.43
N PHE F 64 -32.28 55.79 2.03
CA PHE F 64 -31.15 55.23 2.76
C PHE F 64 -30.55 53.97 2.11
N LYS F 65 -31.22 53.47 1.06
CA LYS F 65 -30.85 52.21 0.40
C LYS F 65 -29.34 52.03 0.18
N GLY F 66 -28.72 52.99 -0.47
CA GLY F 66 -27.30 52.89 -0.83
C GLY F 66 -26.33 53.38 0.23
N LYS F 67 -26.83 53.59 1.45
CA LYS F 67 -26.01 54.11 2.54
C LYS F 67 -26.01 53.23 3.78
N ALA F 68 -27.16 52.65 4.10
CA ALA F 68 -27.30 51.82 5.30
C ALA F 68 -27.39 50.33 4.97
N THR F 69 -26.61 49.53 5.69
CA THR F 69 -26.66 48.07 5.58
C THR F 69 -26.85 47.45 6.95
N LEU F 70 -27.75 46.48 7.03
CA LEU F 70 -28.11 45.86 8.31
C LEU F 70 -27.64 44.42 8.43
N THR F 71 -27.03 44.11 9.58
CA THR F 71 -26.57 42.76 9.89
C THR F 71 -26.92 42.39 11.33
N ALA F 72 -27.09 41.10 11.58
CA ALA F 72 -27.39 40.60 12.92
C ALA F 72 -26.70 39.27 13.20
N ASP F 73 -25.98 39.22 14.32
CA ASP F 73 -25.32 38.00 14.77
C ASP F 73 -26.18 37.32 15.83
N THR F 74 -26.55 36.07 15.55
CA THR F 74 -27.45 35.30 16.42
C THR F 74 -26.80 34.88 17.73
N SER F 75 -25.51 34.54 17.67
CA SER F 75 -24.76 34.05 18.83
C SER F 75 -24.54 35.13 19.90
N SER F 76 -24.28 36.35 19.47
CA SER F 76 -24.07 37.48 20.37
C SER F 76 -25.35 38.27 20.63
N SER F 77 -26.40 37.93 19.89
CA SER F 77 -27.70 38.63 19.93
C SER F 77 -27.56 40.16 19.81
N THR F 78 -26.81 40.58 18.80
CA THR F 78 -26.55 42.00 18.55
C THR F 78 -26.93 42.40 17.13
N ALA F 79 -27.70 43.48 17.02
CA ALA F 79 -28.06 44.06 15.73
C ALA F 79 -27.06 45.16 15.40
N SER F 80 -26.49 45.10 14.19
CA SER F 80 -25.47 46.05 13.77
C SER F 80 -25.81 46.76 12.47
N MET F 81 -25.57 48.07 12.44
CA MET F 81 -25.83 48.91 11.27
C MET F 81 -24.55 49.60 10.81
N GLN F 82 -24.22 49.44 9.53
CA GLN F 82 -23.08 50.12 8.93
C GLN F 82 -23.55 51.25 8.03
N LEU F 83 -22.94 52.42 8.20
CA LEU F 83 -23.28 53.60 7.41
C LEU F 83 -22.08 54.07 6.60
N SER F 84 -22.17 53.89 5.29
CA SER F 84 -21.06 54.18 4.37
C SER F 84 -20.88 55.68 4.13
N SER F 85 -19.62 56.08 3.95
CA SER F 85 -19.22 57.46 3.63
C SER F 85 -20.13 58.56 4.22
N LEU F 86 -19.91 58.87 5.49
CA LEU F 86 -20.75 59.81 6.22
C LEU F 86 -20.49 61.26 5.82
N THR F 87 -21.56 62.02 5.67
CA THR F 87 -21.49 63.43 5.28
C THR F 87 -21.87 64.35 6.45
N SER F 88 -22.08 65.63 6.15
CA SER F 88 -22.51 66.61 7.14
C SER F 88 -23.97 66.40 7.55
N GLU F 89 -24.78 65.93 6.60
CA GLU F 89 -26.21 65.66 6.84
C GLU F 89 -26.47 64.28 7.44
N ASP F 90 -25.42 63.64 7.95
CA ASP F 90 -25.53 62.32 8.58
C ASP F 90 -25.31 62.40 10.09
N SER F 91 -24.76 63.51 10.55
CA SER F 91 -24.54 63.75 11.97
C SER F 91 -25.87 63.81 12.72
N ALA F 92 -26.27 62.66 13.27
CA ALA F 92 -27.58 62.49 13.88
C ALA F 92 -27.58 61.44 14.99
N VAL F 93 -28.72 61.30 15.68
CA VAL F 93 -28.88 60.28 16.71
C VAL F 93 -29.62 59.07 16.14
N TYR F 94 -28.95 57.93 16.10
CA TYR F 94 -29.49 56.71 15.51
C TYR F 94 -30.01 55.75 16.57
N PHE F 95 -31.25 55.30 16.39
CA PHE F 95 -31.93 54.43 17.36
C PHE F 95 -32.13 53.02 16.79
N CYS F 96 -32.10 52.03 17.70
CA CYS F 96 -32.56 50.68 17.37
C CYS F 96 -33.81 50.38 18.19
N ALA F 97 -34.82 49.81 17.53
CA ALA F 97 -36.10 49.54 18.19
C ALA F 97 -36.61 48.13 17.93
N ARG F 98 -37.07 47.48 18.99
CA ARG F 98 -37.70 46.16 18.91
C ARG F 98 -39.17 46.34 18.54
N VAL F 99 -39.60 45.64 17.49
CA VAL F 99 -40.94 45.80 16.96
C VAL F 99 -41.71 44.49 16.93
N ASP F 100 -42.83 44.46 17.64
CA ASP F 100 -43.80 43.38 17.53
C ASP F 100 -45.02 43.95 16.81
N GLY F 101 -45.17 43.57 15.54
CA GLY F 101 -46.18 44.11 14.62
C GLY F 101 -47.38 44.80 15.24
N TYR F 102 -47.60 46.08 14.90
CA TYR F 102 -46.74 46.81 13.98
C TYR F 102 -46.28 48.12 14.60
N ALA F 103 -45.82 48.03 15.85
CA ALA F 103 -45.39 49.19 16.62
C ALA F 103 -44.06 48.92 17.32
N MET F 104 -43.27 49.98 17.50
CA MET F 104 -41.96 49.89 18.14
C MET F 104 -42.11 49.92 19.65
N ASP F 105 -42.05 48.74 20.27
CA ASP F 105 -42.28 48.58 21.71
C ASP F 105 -41.11 49.07 22.56
N TYR F 106 -39.93 48.51 22.33
CA TYR F 106 -38.74 48.82 23.12
C TYR F 106 -37.69 49.53 22.30
N TRP F 107 -36.96 50.45 22.94
CA TRP F 107 -35.97 51.29 22.26
C TRP F 107 -34.61 51.25 22.95
N GLY F 108 -33.56 51.56 22.19
CA GLY F 108 -32.23 51.77 22.74
C GLY F 108 -32.04 53.22 23.14
N GLN F 109 -30.88 53.53 23.73
CA GLN F 109 -30.60 54.90 24.19
C GLN F 109 -30.40 55.86 23.01
N GLY F 110 -29.80 55.35 21.93
CA GLY F 110 -29.49 56.16 20.76
C GLY F 110 -28.04 56.58 20.75
N THR F 111 -27.35 56.30 19.64
CA THR F 111 -25.96 56.67 19.48
C THR F 111 -25.85 58.00 18.74
N SER F 112 -25.19 58.96 19.37
CA SER F 112 -25.00 60.28 18.76
C SER F 112 -23.75 60.31 17.89
N VAL F 113 -23.96 60.35 16.58
CA VAL F 113 -22.87 60.42 15.62
C VAL F 113 -22.70 61.87 15.17
N THR F 114 -21.47 62.37 15.20
CA THR F 114 -21.18 63.75 14.80
C THR F 114 -20.08 63.82 13.75
N VAL F 115 -20.38 64.48 12.63
CA VAL F 115 -19.43 64.73 11.55
C VAL F 115 -19.66 66.15 11.01
N SER F 116 -18.82 67.15 11.33
CA SER F 116 -17.64 67.12 12.22
C SER F 116 -16.35 66.57 11.60
N SER F 117 -15.38 67.46 11.42
CA SER F 117 -14.07 67.13 10.85
C SER F 117 -12.94 67.75 11.67
N ALA F 118 -13.25 68.09 12.92
CA ALA F 118 -12.30 68.78 13.80
C ALA F 118 -11.51 67.82 14.68
N LYS F 119 -10.46 68.35 15.31
CA LYS F 119 -9.61 67.58 16.22
C LYS F 119 -10.28 67.40 17.57
N THR F 120 -10.08 66.23 18.17
CA THR F 120 -10.60 65.94 19.51
C THR F 120 -9.77 66.67 20.57
N THR F 121 -10.43 67.51 21.36
CA THR F 121 -9.75 68.34 22.35
C THR F 121 -10.13 67.97 23.79
N ALA F 122 -9.20 68.20 24.71
CA ALA F 122 -9.41 67.91 26.12
C ALA F 122 -10.23 69.00 26.81
N PRO F 123 -11.22 68.59 27.65
CA PRO F 123 -12.02 69.56 28.40
C PRO F 123 -11.26 70.16 29.59
N SER F 124 -11.62 71.38 29.97
CA SER F 124 -11.04 72.04 31.13
C SER F 124 -12.13 72.37 32.15
N VAL F 125 -12.03 71.75 33.33
CA VAL F 125 -13.02 71.90 34.39
C VAL F 125 -12.62 73.04 35.33
N TYR F 126 -13.58 73.94 35.59
CA TYR F 126 -13.36 75.06 36.50
C TYR F 126 -14.47 75.15 37.55
N PRO F 127 -14.09 75.16 38.84
CA PRO F 127 -15.06 75.28 39.92
C PRO F 127 -15.56 76.72 40.08
N LEU F 128 -16.85 76.87 40.36
CA LEU F 128 -17.46 78.19 40.51
C LEU F 128 -17.99 78.40 41.93
N ALA F 129 -17.15 78.99 42.77
CA ALA F 129 -17.51 79.33 44.14
C ALA F 129 -18.25 80.68 44.16
N PRO F 130 -19.09 80.92 45.18
CA PRO F 130 -19.79 82.20 45.31
C PRO F 130 -18.84 83.40 45.37
N VAL F 131 -19.36 84.57 45.03
CA VAL F 131 -18.60 85.82 44.98
C VAL F 131 -17.76 86.01 46.25
N CYS F 132 -16.52 86.48 46.08
CA CYS F 132 -15.59 86.69 47.18
C CYS F 132 -16.24 87.45 48.34
N GLY F 133 -16.11 86.90 49.53
CA GLY F 133 -16.80 87.40 50.73
C GLY F 133 -17.30 86.22 51.53
N ASP F 134 -17.03 86.23 52.83
CA ASP F 134 -17.34 85.12 53.72
C ASP F 134 -18.85 84.87 53.86
N THR F 135 -19.38 84.07 52.93
CA THR F 135 -20.80 83.66 52.88
C THR F 135 -21.81 84.80 52.75
N THR F 136 -23.06 84.43 52.46
CA THR F 136 -24.18 85.38 52.41
C THR F 136 -25.38 84.83 53.21
N GLY F 137 -25.63 83.52 53.05
CA GLY F 137 -26.66 82.84 53.82
C GLY F 137 -27.82 82.28 53.01
N SER F 138 -28.90 81.95 53.72
CA SER F 138 -30.14 81.38 53.15
C SER F 138 -29.91 80.13 52.28
N SER F 139 -29.67 80.34 50.99
CA SER F 139 -29.40 79.24 50.06
C SER F 139 -28.51 79.72 48.91
N VAL F 140 -27.29 79.19 48.86
CA VAL F 140 -26.31 79.59 47.86
C VAL F 140 -26.16 78.55 46.75
N THR F 141 -25.88 79.03 45.54
CA THR F 141 -25.71 78.16 44.38
C THR F 141 -24.23 77.91 44.07
N LEU F 142 -23.95 76.73 43.52
CA LEU F 142 -22.59 76.39 43.08
C LEU F 142 -22.61 76.01 41.60
N GLY F 143 -21.50 76.25 40.92
CA GLY F 143 -21.41 75.98 39.48
C GLY F 143 -20.18 75.20 39.06
N CYS F 144 -20.23 74.66 37.85
CA CYS F 144 -19.11 73.92 37.27
C CYS F 144 -18.99 74.25 35.80
N LEU F 145 -17.83 74.79 35.42
CA LEU F 145 -17.59 75.22 34.04
C LEU F 145 -16.73 74.21 33.30
N VAL F 146 -17.23 73.74 32.16
CA VAL F 146 -16.45 72.90 31.25
C VAL F 146 -16.18 73.69 29.97
N LYS F 147 -14.95 74.18 29.84
CA LYS F 147 -14.56 75.08 28.77
C LYS F 147 -13.74 74.38 27.69
N GLY F 148 -14.15 74.57 26.44
CA GLY F 148 -13.40 74.11 25.27
C GLY F 148 -13.16 72.62 25.17
N TYR F 149 -14.13 71.88 24.63
CA TYR F 149 -13.98 70.45 24.40
C TYR F 149 -14.58 70.03 23.06
N PHE F 150 -14.14 68.86 22.57
CA PHE F 150 -14.67 68.28 21.34
C PHE F 150 -14.40 66.78 21.32
N PRO F 151 -15.42 65.97 20.96
CA PRO F 151 -16.79 66.35 20.66
C PRO F 151 -17.75 66.11 21.83
N GLU F 152 -19.04 65.97 21.51
CA GLU F 152 -20.07 65.63 22.47
C GLU F 152 -20.00 64.15 22.86
N PRO F 153 -20.57 63.78 24.03
CA PRO F 153 -21.11 64.62 25.10
C PRO F 153 -20.18 64.72 26.32
N VAL F 154 -20.67 65.37 27.38
CA VAL F 154 -19.99 65.38 28.67
C VAL F 154 -21.02 65.05 29.76
N THR F 155 -20.77 63.96 30.48
CA THR F 155 -21.65 63.53 31.57
C THR F 155 -21.27 64.24 32.87
N LEU F 156 -22.20 65.05 33.38
CA LEU F 156 -21.98 65.82 34.60
C LEU F 156 -22.62 65.14 35.80
N THR F 157 -21.86 65.06 36.89
CA THR F 157 -22.33 64.42 38.12
C THR F 157 -21.90 65.22 39.34
N TRP F 158 -22.77 65.28 40.35
CA TRP F 158 -22.47 65.97 41.60
C TRP F 158 -22.43 64.99 42.76
N ASN F 159 -21.27 64.92 43.42
CA ASN F 159 -21.01 63.96 44.51
C ASN F 159 -21.35 62.51 44.14
N SER F 160 -20.84 62.07 42.98
CA SER F 160 -21.06 60.73 42.44
C SER F 160 -22.52 60.42 42.07
N GLY F 161 -23.42 61.34 42.40
CA GLY F 161 -24.84 61.20 42.05
C GLY F 161 -25.80 61.22 43.23
N SER F 162 -25.29 61.57 44.41
CA SER F 162 -26.11 61.64 45.61
C SER F 162 -26.97 62.92 45.64
N LEU F 163 -26.32 64.06 45.43
CA LEU F 163 -27.03 65.34 45.36
C LEU F 163 -27.37 65.70 43.92
N SER F 164 -28.31 64.95 43.34
CA SER F 164 -28.78 65.19 41.98
C SER F 164 -30.29 65.45 41.98
N SER F 165 -30.69 66.54 42.62
CA SER F 165 -32.11 66.92 42.71
C SER F 165 -32.30 68.39 42.30
N GLY F 166 -31.48 69.27 42.87
CA GLY F 166 -31.52 70.69 42.53
C GLY F 166 -30.40 71.07 41.58
N VAL F 167 -30.27 70.31 40.50
CA VAL F 167 -29.19 70.51 39.52
C VAL F 167 -29.77 70.96 38.18
N HIS F 168 -29.17 72.01 37.62
CA HIS F 168 -29.52 72.49 36.28
C HIS F 168 -28.36 72.27 35.31
N THR F 169 -28.47 71.22 34.50
CA THR F 169 -27.48 70.93 33.46
C THR F 169 -27.90 71.57 32.14
N PHE F 170 -26.97 72.30 31.53
CA PHE F 170 -27.26 73.08 30.33
C PHE F 170 -26.71 72.41 29.06
N PRO F 171 -27.54 72.36 27.99
CA PRO F 171 -27.12 71.78 26.72
C PRO F 171 -25.95 72.54 26.09
N ALA F 172 -25.03 71.79 25.47
CA ALA F 172 -23.81 72.36 24.92
C ALA F 172 -24.05 73.14 23.64
N VAL F 173 -23.42 74.31 23.55
CA VAL F 173 -23.52 75.17 22.36
C VAL F 173 -22.14 75.34 21.73
N LEU F 174 -22.07 75.16 20.42
CA LEU F 174 -20.82 75.23 19.67
C LEU F 174 -20.41 76.67 19.37
N GLN F 175 -19.13 76.97 19.63
CA GLN F 175 -18.55 78.27 19.28
C GLN F 175 -17.11 78.07 18.78
N SER F 176 -16.84 78.60 17.59
CA SER F 176 -15.52 78.50 16.95
C SER F 176 -14.95 77.07 16.98
N ASP F 177 -15.76 76.11 16.53
CA ASP F 177 -15.40 74.69 16.46
C ASP F 177 -15.11 74.06 17.83
N LEU F 178 -15.68 74.64 18.89
CA LEU F 178 -15.48 74.14 20.25
C LEU F 178 -16.77 74.19 21.07
N TYR F 179 -17.00 73.14 21.86
CA TYR F 179 -18.19 73.04 22.70
C TYR F 179 -17.94 73.59 24.11
N THR F 180 -18.95 74.27 24.65
CA THR F 180 -18.94 74.73 26.04
C THR F 180 -20.24 74.36 26.73
N LEU F 181 -20.13 73.93 27.99
CA LEU F 181 -21.26 73.45 28.76
C LEU F 181 -21.10 73.73 30.25
N SER F 182 -22.20 74.11 30.90
CA SER F 182 -22.18 74.45 32.33
C SER F 182 -23.26 73.71 33.12
N SER F 183 -23.02 73.57 34.42
CA SER F 183 -23.98 72.95 35.35
C SER F 183 -24.00 73.69 36.67
N SER F 184 -25.19 73.89 37.22
CA SER F 184 -25.36 74.60 38.49
C SER F 184 -26.17 73.79 39.49
N VAL F 185 -25.70 73.77 40.74
CA VAL F 185 -26.41 73.09 41.82
C VAL F 185 -26.78 74.07 42.94
N THR F 186 -28.06 74.08 43.30
CA THR F 186 -28.57 74.96 44.36
C THR F 186 -28.86 74.17 45.64
N VAL F 187 -28.13 74.51 46.70
CA VAL F 187 -28.24 73.81 47.99
C VAL F 187 -28.42 74.83 49.13
N THR F 188 -28.89 74.34 50.27
CA THR F 188 -29.05 75.16 51.47
C THR F 188 -27.70 75.57 52.06
N SER F 189 -27.69 76.71 52.75
CA SER F 189 -26.45 77.26 53.33
C SER F 189 -25.95 76.47 54.54
N SER F 190 -26.81 75.63 55.10
CA SER F 190 -26.45 74.79 56.25
C SER F 190 -25.53 73.63 55.86
N THR F 191 -25.65 73.17 54.62
CA THR F 191 -24.90 72.01 54.13
C THR F 191 -23.65 72.39 53.31
N TRP F 192 -23.22 73.64 53.42
CA TRP F 192 -22.02 74.13 52.73
C TRP F 192 -21.38 75.29 53.48
N PRO F 193 -20.05 75.24 53.68
CA PRO F 193 -19.12 74.20 53.25
C PRO F 193 -18.89 73.11 54.31
N SER F 194 -19.92 72.82 55.10
CA SER F 194 -19.85 71.74 56.09
C SER F 194 -19.82 70.37 55.41
N GLN F 195 -20.66 70.19 54.40
CA GLN F 195 -20.66 68.98 53.57
C GLN F 195 -19.91 69.25 52.27
N SER F 196 -18.93 68.42 51.97
CA SER F 196 -18.08 68.59 50.78
C SER F 196 -18.83 68.25 49.50
N ILE F 197 -19.02 69.27 48.65
CA ILE F 197 -19.69 69.10 47.36
C ILE F 197 -18.66 69.12 46.24
N THR F 198 -18.60 68.02 45.49
CA THR F 198 -17.61 67.85 44.43
C THR F 198 -18.26 67.81 43.04
N CYS F 199 -17.49 68.22 42.03
CA CYS F 199 -17.94 68.18 40.64
C CYS F 199 -17.26 67.03 39.89
N ASN F 200 -18.06 66.09 39.40
CA ASN F 200 -17.56 64.95 38.63
C ASN F 200 -17.83 65.12 37.14
N VAL F 201 -16.75 65.25 36.37
CA VAL F 201 -16.84 65.48 34.92
C VAL F 201 -16.15 64.35 34.17
N ALA F 202 -16.84 63.77 33.18
CA ALA F 202 -16.30 62.70 32.37
C ALA F 202 -16.43 62.98 30.87
N HIS F 203 -15.36 62.72 30.13
CA HIS F 203 -15.33 62.90 28.68
C HIS F 203 -14.77 61.64 27.99
N PRO F 204 -15.52 61.11 27.01
CA PRO F 204 -15.19 59.82 26.39
C PRO F 204 -13.98 59.85 25.45
N ALA F 205 -13.92 60.83 24.56
CA ALA F 205 -12.88 60.91 23.53
C ALA F 205 -11.48 61.16 24.11
N SER F 206 -11.38 62.15 24.99
CA SER F 206 -10.11 62.49 25.62
C SER F 206 -9.76 61.52 26.75
N SER F 207 -10.74 60.71 27.15
CA SER F 207 -10.61 59.73 28.23
C SER F 207 -10.20 60.39 29.56
N THR F 208 -10.85 61.51 29.87
CA THR F 208 -10.53 62.30 31.06
C THR F 208 -11.63 62.25 32.11
N LYS F 209 -11.25 61.92 33.34
CA LYS F 209 -12.17 61.94 34.47
C LYS F 209 -11.65 62.89 35.55
N VAL F 210 -11.94 64.18 35.37
CA VAL F 210 -11.47 65.23 36.27
C VAL F 210 -12.48 65.47 37.39
N ASP F 211 -12.02 65.31 38.63
CA ASP F 211 -12.82 65.57 39.82
C ASP F 211 -12.31 66.81 40.54
N LYS F 212 -13.19 67.78 40.75
CA LYS F 212 -12.81 69.03 41.41
C LYS F 212 -13.75 69.41 42.56
N LYS F 213 -13.15 69.65 43.72
CA LYS F 213 -13.89 70.07 44.91
C LYS F 213 -14.07 71.59 44.87
N ILE F 214 -15.30 72.04 45.10
CA ILE F 214 -15.59 73.47 45.14
C ILE F 214 -15.28 74.03 46.53
N GLU F 215 -14.21 74.81 46.61
CA GLU F 215 -13.76 75.41 47.86
C GLU F 215 -13.91 76.93 47.80
N PRO F 216 -14.32 77.56 48.92
CA PRO F 216 -14.46 79.02 48.99
C PRO F 216 -13.18 79.76 48.63
N ARG F 217 -13.32 80.81 47.81
CA ARG F 217 -12.19 81.59 47.35
C ARG F 217 -11.76 82.61 48.39
N ASP G 1 -15.46 -11.22 45.16
CA ASP G 1 -16.84 -10.86 45.59
C ASP G 1 -17.59 -12.10 46.08
N ILE G 2 -17.70 -13.12 45.23
CA ILE G 2 -18.18 -14.43 45.65
C ILE G 2 -16.98 -15.27 46.07
N VAL G 3 -16.90 -15.59 47.36
CA VAL G 3 -15.77 -16.31 47.91
C VAL G 3 -15.89 -17.81 47.61
N LEU G 4 -14.83 -18.36 47.03
CA LEU G 4 -14.74 -19.79 46.78
C LEU G 4 -13.62 -20.40 47.62
N THR G 5 -13.99 -21.35 48.48
CA THR G 5 -13.04 -22.01 49.37
C THR G 5 -12.85 -23.47 48.97
N GLN G 6 -11.60 -23.93 48.98
CA GLN G 6 -11.28 -25.30 48.58
C GLN G 6 -10.71 -26.12 49.73
N SER G 7 -11.28 -27.32 49.91
CA SER G 7 -10.87 -28.23 50.98
C SER G 7 -10.56 -29.62 50.41
N PRO G 8 -9.40 -30.20 50.78
CA PRO G 8 -8.38 -29.61 51.64
C PRO G 8 -7.43 -28.68 50.88
N ALA G 9 -6.55 -28.00 51.61
CA ALA G 9 -5.54 -27.13 51.01
C ALA G 9 -4.46 -27.94 50.29
N SER G 10 -4.16 -29.12 50.84
CA SER G 10 -3.16 -30.02 50.27
C SER G 10 -3.52 -31.48 50.59
N LEU G 11 -3.43 -32.34 49.59
CA LEU G 11 -3.71 -33.76 49.77
C LEU G 11 -2.64 -34.66 49.15
N ALA G 12 -2.35 -35.77 49.82
CA ALA G 12 -1.39 -36.76 49.35
C ALA G 12 -2.09 -38.06 48.98
N VAL G 13 -1.94 -38.46 47.72
CA VAL G 13 -2.63 -39.63 47.18
C VAL G 13 -1.66 -40.53 46.42
N SER G 14 -1.65 -41.82 46.75
CA SER G 14 -0.79 -42.80 46.08
C SER G 14 -1.21 -43.01 44.62
N LEU G 15 -0.25 -43.39 43.78
CA LEU G 15 -0.48 -43.58 42.35
C LEU G 15 -1.51 -44.67 42.07
N GLY G 16 -2.56 -44.29 41.37
CA GLY G 16 -3.64 -45.22 41.01
C GLY G 16 -4.85 -45.16 41.92
N GLN G 17 -4.81 -44.28 42.92
CA GLN G 17 -5.90 -44.14 43.87
C GLN G 17 -6.81 -42.94 43.55
N ARG G 18 -7.84 -42.75 44.38
CA ARG G 18 -8.83 -41.70 44.17
C ARG G 18 -8.54 -40.47 45.02
N ALA G 19 -8.73 -39.28 44.43
CA ALA G 19 -8.54 -38.00 45.11
C ALA G 19 -9.81 -37.17 45.06
N THR G 20 -10.22 -36.63 46.20
CA THR G 20 -11.44 -35.81 46.29
C THR G 20 -11.11 -34.35 46.61
N ILE G 21 -11.62 -33.45 45.78
CA ILE G 21 -11.40 -32.01 45.94
C ILE G 21 -12.74 -31.28 46.01
N SER G 22 -12.95 -30.51 47.08
CA SER G 22 -14.20 -29.78 47.29
C SER G 22 -14.06 -28.27 46.99
N CYS G 23 -15.17 -27.66 46.60
CA CYS G 23 -15.23 -26.23 46.30
C CYS G 23 -16.54 -25.63 46.80
N ARG G 24 -16.48 -25.00 47.98
CA ARG G 24 -17.65 -24.36 48.59
C ARG G 24 -17.81 -22.92 48.09
N ALA G 25 -19.07 -22.51 47.90
CA ALA G 25 -19.37 -21.17 47.41
C ALA G 25 -20.16 -20.35 48.43
N SER G 26 -19.93 -19.04 48.43
CA SER G 26 -20.65 -18.11 49.31
C SER G 26 -22.03 -17.75 48.77
N GLU G 27 -22.20 -17.94 47.46
CA GLU G 27 -23.47 -17.71 46.78
C GLU G 27 -23.71 -18.81 45.76
N SER G 28 -24.97 -19.15 45.52
CA SER G 28 -25.30 -20.22 44.58
C SER G 28 -25.02 -19.79 43.14
N VAL G 29 -24.02 -20.42 42.54
CA VAL G 29 -23.60 -20.14 41.16
C VAL G 29 -24.50 -20.85 40.15
N ASP G 30 -25.23 -21.86 40.61
CA ASP G 30 -26.09 -22.68 39.75
C ASP G 30 -27.40 -21.97 39.34
N SER G 31 -27.51 -20.68 39.69
CA SER G 31 -28.72 -19.90 39.44
C SER G 31 -29.15 -19.89 37.97
N TYR G 32 -30.44 -19.64 37.75
CA TYR G 32 -31.06 -19.55 36.42
C TYR G 32 -31.40 -20.92 35.81
N GLY G 33 -30.78 -21.98 36.33
CA GLY G 33 -31.06 -23.34 35.90
C GLY G 33 -29.88 -24.29 35.96
N ASN G 34 -28.75 -23.84 35.42
CA ASN G 34 -27.54 -24.67 35.33
C ASN G 34 -26.39 -24.13 36.17
N SER G 35 -25.50 -25.02 36.59
CA SER G 35 -24.31 -24.65 37.35
C SER G 35 -23.26 -23.99 36.46
N PHE G 36 -22.72 -22.86 36.91
CA PHE G 36 -21.68 -22.16 36.17
C PHE G 36 -20.33 -22.26 36.88
N MET G 37 -19.95 -23.48 37.23
CA MET G 37 -18.69 -23.75 37.93
C MET G 37 -17.70 -24.45 37.00
N ASN G 38 -16.50 -23.86 36.89
CA ASN G 38 -15.45 -24.43 36.05
C ASN G 38 -14.28 -24.95 36.88
N TRP G 39 -13.51 -25.86 36.30
CA TRP G 39 -12.35 -26.46 36.96
C TRP G 39 -11.09 -26.33 36.13
N TYR G 40 -9.96 -26.11 36.80
CA TYR G 40 -8.67 -25.89 36.12
C TYR G 40 -7.52 -26.70 36.72
N GLN G 41 -6.55 -27.02 35.88
CA GLN G 41 -5.32 -27.69 36.28
C GLN G 41 -4.13 -26.81 35.90
N GLN G 42 -3.31 -26.44 36.89
CA GLN G 42 -2.15 -25.60 36.64
C GLN G 42 -0.84 -26.18 37.16
N LYS G 43 0.04 -26.55 36.23
CA LYS G 43 1.38 -26.99 36.55
C LYS G 43 2.31 -25.77 36.65
N PRO G 44 3.31 -25.82 37.55
CA PRO G 44 4.21 -24.69 37.76
C PRO G 44 4.90 -24.23 36.47
N GLY G 45 4.92 -22.92 36.24
CA GLY G 45 5.52 -22.33 35.04
C GLY G 45 4.59 -22.31 33.85
N GLN G 46 3.45 -22.99 33.97
CA GLN G 46 2.47 -23.09 32.89
C GLN G 46 1.16 -22.40 33.25
N PRO G 47 0.39 -21.94 32.23
CA PRO G 47 -0.95 -21.41 32.46
C PRO G 47 -1.95 -22.49 32.86
N PRO G 48 -3.07 -22.10 33.52
CA PRO G 48 -4.11 -23.07 33.91
C PRO G 48 -4.77 -23.73 32.70
N LYS G 49 -5.06 -25.02 32.83
CA LYS G 49 -5.72 -25.79 31.77
C LYS G 49 -7.12 -26.19 32.20
N LEU G 50 -8.11 -25.80 31.39
CA LEU G 50 -9.51 -26.12 31.66
C LEU G 50 -9.77 -27.62 31.54
N LEU G 51 -10.32 -28.19 32.60
CA LEU G 51 -10.64 -29.62 32.64
C LEU G 51 -12.13 -29.83 32.43
N ILE G 52 -12.93 -29.23 33.31
CA ILE G 52 -14.38 -29.42 33.31
C ILE G 52 -15.10 -28.08 33.49
N TYR G 53 -16.05 -27.81 32.60
CA TYR G 53 -16.90 -26.63 32.71
C TYR G 53 -18.33 -27.00 33.07
N ARG G 54 -18.97 -26.17 33.89
CA ARG G 54 -20.33 -26.39 34.38
C ARG G 54 -20.47 -27.61 35.28
N ALA G 55 -19.43 -27.84 36.09
CA ALA G 55 -19.37 -28.95 37.04
C ALA G 55 -19.35 -30.36 36.43
N SER G 56 -20.14 -30.57 35.36
CA SER G 56 -20.30 -31.91 34.79
C SER G 56 -19.62 -32.10 33.43
N ASN G 57 -19.72 -31.11 32.54
CA ASN G 57 -19.22 -31.22 31.17
C ASN G 57 -17.71 -31.06 31.06
N LEU G 58 -17.03 -32.09 30.58
CA LEU G 58 -15.57 -32.03 30.39
C LEU G 58 -15.20 -31.42 29.03
N GLU G 59 -14.04 -30.77 28.99
CA GLU G 59 -13.53 -30.18 27.76
C GLU G 59 -12.91 -31.26 26.87
N SER G 60 -13.01 -31.08 25.55
CA SER G 60 -12.47 -32.03 24.59
C SER G 60 -10.95 -32.15 24.72
N GLY G 61 -10.47 -33.39 24.82
CA GLY G 61 -9.05 -33.67 25.00
C GLY G 61 -8.71 -34.08 26.43
N ILE G 62 -9.63 -33.82 27.36
CA ILE G 62 -9.46 -34.17 28.77
C ILE G 62 -10.04 -35.56 29.04
N PRO G 63 -9.23 -36.47 29.64
CA PRO G 63 -9.65 -37.85 29.92
C PRO G 63 -10.85 -37.95 30.85
N ALA G 64 -11.59 -39.05 30.72
CA ALA G 64 -12.82 -39.28 31.50
C ALA G 64 -12.57 -39.54 32.99
N ARG G 65 -11.31 -39.81 33.33
CA ARG G 65 -10.91 -40.05 34.73
C ARG G 65 -11.06 -38.80 35.60
N PHE G 66 -11.00 -37.63 34.96
CA PHE G 66 -11.28 -36.37 35.63
C PHE G 66 -12.80 -36.16 35.66
N SER G 67 -13.38 -36.25 36.86
CA SER G 67 -14.82 -36.14 37.02
C SER G 67 -15.19 -35.08 38.06
N GLY G 68 -16.15 -34.24 37.71
CA GLY G 68 -16.64 -33.20 38.60
C GLY G 68 -18.13 -33.32 38.87
N SER G 69 -18.55 -32.84 40.03
CA SER G 69 -19.96 -32.89 40.42
C SER G 69 -20.34 -31.71 41.33
N GLY G 70 -21.62 -31.61 41.66
CA GLY G 70 -22.10 -30.60 42.60
C GLY G 70 -23.19 -29.69 42.06
N SER G 71 -23.87 -29.02 42.97
CA SER G 71 -24.90 -28.03 42.66
C SER G 71 -24.99 -26.99 43.77
N ARG G 72 -25.64 -25.86 43.45
CA ARG G 72 -25.79 -24.72 44.37
C ARG G 72 -24.46 -24.11 44.81
N THR G 73 -23.97 -24.53 45.98
CA THR G 73 -22.75 -23.97 46.56
C THR G 73 -21.64 -25.02 46.74
N ASP G 74 -22.06 -26.27 46.95
CA ASP G 74 -21.11 -27.36 47.18
C ASP G 74 -20.79 -28.09 45.88
N PHE G 75 -19.50 -28.10 45.52
CA PHE G 75 -19.03 -28.72 44.28
C PHE G 75 -17.78 -29.54 44.54
N THR G 76 -17.63 -30.66 43.81
CA THR G 76 -16.51 -31.57 44.00
C THR G 76 -15.86 -32.03 42.69
N LEU G 77 -14.53 -32.08 42.69
CA LEU G 77 -13.76 -32.62 41.57
C LEU G 77 -12.98 -33.85 42.05
N THR G 78 -13.05 -34.92 41.27
CA THR G 78 -12.32 -36.15 41.57
C THR G 78 -11.50 -36.67 40.40
N ILE G 79 -10.30 -37.17 40.71
CA ILE G 79 -9.42 -37.77 39.71
C ILE G 79 -9.21 -39.24 40.08
N ASN G 80 -9.73 -40.14 39.25
CA ASN G 80 -9.62 -41.58 39.49
C ASN G 80 -9.50 -42.38 38.18
N PRO G 81 -8.35 -43.05 37.98
CA PRO G 81 -7.19 -43.05 38.87
C PRO G 81 -6.23 -41.89 38.60
N VAL G 82 -5.35 -41.62 39.57
CA VAL G 82 -4.35 -40.55 39.43
C VAL G 82 -3.07 -41.04 38.75
N GLU G 83 -2.41 -40.14 38.03
CA GLU G 83 -1.16 -40.44 37.34
C GLU G 83 -0.05 -39.52 37.81
N ALA G 84 1.18 -39.82 37.37
CA ALA G 84 2.36 -39.05 37.74
C ALA G 84 2.31 -37.60 37.22
N ASP G 85 1.67 -37.40 36.07
CA ASP G 85 1.57 -36.07 35.46
C ASP G 85 0.36 -35.27 35.95
N ASP G 86 -0.19 -35.66 37.09
CA ASP G 86 -1.31 -34.96 37.72
C ASP G 86 -0.85 -33.97 38.78
N VAL G 87 0.46 -33.88 39.00
CA VAL G 87 1.04 -32.95 39.97
C VAL G 87 0.78 -31.51 39.54
N ALA G 88 -0.18 -30.87 40.20
CA ALA G 88 -0.61 -29.51 39.87
C ALA G 88 -1.47 -28.92 40.99
N THR G 89 -1.63 -27.60 40.96
CA THR G 89 -2.56 -26.91 41.85
C THR G 89 -3.89 -26.73 41.10
N TYR G 90 -4.96 -27.27 41.67
CA TYR G 90 -6.27 -27.26 41.02
C TYR G 90 -7.16 -26.14 41.54
N TYR G 91 -7.88 -25.51 40.62
CA TYR G 91 -8.73 -24.35 40.96
C TYR G 91 -10.15 -24.51 40.44
N CYS G 92 -11.10 -23.99 41.21
CA CYS G 92 -12.49 -23.89 40.76
C CYS G 92 -12.84 -22.41 40.53
N GLN G 93 -13.44 -22.10 39.39
CA GLN G 93 -13.90 -20.74 39.13
C GLN G 93 -15.39 -20.67 38.86
N GLN G 94 -15.98 -19.50 39.13
CA GLN G 94 -17.40 -19.27 38.93
C GLN G 94 -17.67 -18.14 37.94
N SER G 95 -18.70 -18.32 37.12
CA SER G 95 -19.17 -17.29 36.22
C SER G 95 -20.32 -16.53 36.88
N ASN G 96 -21.54 -16.72 36.37
CA ASN G 96 -22.76 -16.18 36.97
C ASN G 96 -22.70 -14.67 37.23
N GLU G 97 -22.48 -14.30 38.50
CA GLU G 97 -22.29 -12.91 38.91
C GLU G 97 -21.07 -12.82 39.81
N ASP G 98 -20.38 -11.67 39.83
CA ASP G 98 -20.59 -10.54 38.94
C ASP G 98 -19.21 -10.12 38.42
N PRO G 99 -18.24 -9.91 39.34
CA PRO G 99 -16.85 -10.05 38.94
C PRO G 99 -16.41 -11.50 39.14
N PHE G 100 -15.85 -12.10 38.07
CA PHE G 100 -15.46 -13.51 38.08
C PHE G 100 -14.38 -13.78 39.12
N THR G 101 -14.57 -14.81 39.93
CA THR G 101 -13.62 -15.16 40.97
C THR G 101 -13.15 -16.61 40.86
N PHE G 102 -11.87 -16.82 41.13
CA PHE G 102 -11.29 -18.15 41.18
C PHE G 102 -11.45 -18.74 42.57
N GLY G 103 -11.03 -19.99 42.75
CA GLY G 103 -11.19 -20.71 44.01
C GLY G 103 -10.24 -20.22 45.07
N SER G 104 -9.53 -21.17 45.69
CA SER G 104 -8.63 -20.87 46.78
C SER G 104 -7.29 -21.58 46.61
N GLY G 105 -7.29 -22.62 45.79
CA GLY G 105 -6.10 -23.44 45.57
C GLY G 105 -6.13 -24.69 46.40
N THR G 106 -5.81 -25.82 45.76
CA THR G 106 -5.63 -27.09 46.45
C THR G 106 -4.52 -27.91 45.76
N LYS G 107 -3.39 -28.00 46.43
CA LYS G 107 -2.19 -28.63 45.84
C LYS G 107 -2.23 -30.16 45.95
N LEU G 108 -2.09 -30.81 44.81
CA LEU G 108 -2.08 -32.27 44.74
C LEU G 108 -0.64 -32.79 44.72
N GLU G 109 -0.37 -33.77 45.57
CA GLU G 109 0.95 -34.38 45.68
C GLU G 109 0.83 -35.90 45.78
N ILE G 110 1.81 -36.61 45.25
CA ILE G 110 1.74 -38.08 45.15
C ILE G 110 2.66 -38.77 46.15
N LYS G 111 2.09 -39.75 46.87
CA LYS G 111 2.85 -40.59 47.79
C LYS G 111 3.39 -41.84 47.10
N ARG G 112 4.69 -42.07 47.24
CA ARG G 112 5.34 -43.26 46.68
C ARG G 112 6.43 -43.78 47.63
N ALA G 113 7.16 -44.79 47.19
CA ALA G 113 8.24 -45.38 47.97
C ALA G 113 9.35 -44.37 48.27
N ASP G 114 9.89 -44.45 49.48
CA ASP G 114 10.96 -43.54 49.93
C ASP G 114 12.25 -43.76 49.16
N ALA G 115 12.84 -42.66 48.70
CA ALA G 115 14.07 -42.70 47.91
C ALA G 115 15.20 -41.90 48.56
N ALA G 116 16.42 -42.38 48.39
CA ALA G 116 17.61 -41.71 48.91
C ALA G 116 18.22 -40.77 47.87
N PRO G 117 18.60 -39.54 48.29
CA PRO G 117 19.19 -38.56 47.38
C PRO G 117 20.60 -38.94 46.92
N THR G 118 20.87 -38.77 45.63
CA THR G 118 22.22 -38.93 45.10
C THR G 118 22.97 -37.59 45.22
N VAL G 119 23.81 -37.50 46.24
CA VAL G 119 24.50 -36.26 46.59
C VAL G 119 25.79 -36.09 45.78
N SER G 120 25.96 -34.91 45.20
CA SER G 120 27.14 -34.58 44.41
C SER G 120 27.67 -33.19 44.75
N ILE G 121 28.91 -33.14 45.25
CA ILE G 121 29.55 -31.88 45.62
C ILE G 121 30.41 -31.35 44.47
N PHE G 122 30.37 -30.03 44.28
CA PHE G 122 31.11 -29.37 43.22
C PHE G 122 31.95 -28.20 43.75
N PRO G 123 33.26 -28.22 43.47
CA PRO G 123 34.16 -27.12 43.82
C PRO G 123 33.92 -25.90 42.92
N PRO G 124 34.33 -24.70 43.37
CA PRO G 124 34.19 -23.50 42.53
C PRO G 124 35.06 -23.57 41.28
N SER G 125 34.56 -23.03 40.18
CA SER G 125 35.27 -23.02 38.90
C SER G 125 36.48 -22.08 38.93
N SER G 126 37.39 -22.27 37.98
CA SER G 126 38.59 -21.44 37.87
C SER G 126 38.27 -20.00 37.48
N LYS G 127 37.12 -19.80 36.85
CA LYS G 127 36.66 -18.47 36.43
C LYS G 127 36.04 -17.67 37.59
N LEU G 128 35.63 -18.38 38.65
CA LEU G 128 35.13 -17.75 39.85
C LEU G 128 36.23 -17.03 40.63
N GLY G 129 37.41 -17.67 40.68
CA GLY G 129 38.57 -17.11 41.38
C GLY G 129 39.08 -15.82 40.78
N THR G 130 38.99 -15.70 39.45
CA THR G 130 39.41 -14.50 38.74
C THR G 130 38.47 -13.32 39.01
N SER G 131 37.18 -13.61 39.15
CA SER G 131 36.18 -12.60 39.46
C SER G 131 36.21 -12.22 40.95
N GLY G 132 36.75 -13.11 41.77
CA GLY G 132 36.88 -12.86 43.22
C GLY G 132 35.89 -13.61 44.07
N GLY G 133 35.01 -14.38 43.42
CA GLY G 133 33.98 -15.15 44.12
C GLY G 133 34.35 -16.61 44.32
N ALA G 134 33.61 -17.28 45.20
CA ALA G 134 33.82 -18.70 45.48
C ALA G 134 32.53 -19.35 45.98
N SER G 135 31.86 -20.08 45.08
CA SER G 135 30.61 -20.75 45.42
C SER G 135 30.73 -22.27 45.31
N VAL G 136 30.59 -22.95 46.43
CA VAL G 136 30.62 -24.42 46.48
C VAL G 136 29.20 -24.94 46.34
N VAL G 137 28.98 -25.72 45.29
CA VAL G 137 27.64 -26.20 44.94
C VAL G 137 27.44 -27.66 45.35
N CYS G 138 26.24 -27.97 45.82
CA CYS G 138 25.89 -29.33 46.22
C CYS G 138 24.49 -29.69 45.73
N PHE G 139 24.41 -30.72 44.89
CA PHE G 139 23.14 -31.16 44.32
C PHE G 139 22.61 -32.41 44.98
N LEU G 140 21.33 -32.36 45.37
CA LEU G 140 20.61 -33.53 45.89
C LEU G 140 19.50 -33.87 44.90
N ASN G 141 19.71 -34.93 44.13
CA ASN G 141 18.79 -35.28 43.05
C ASN G 141 17.94 -36.51 43.33
N ASN G 142 16.67 -36.43 42.93
CA ASN G 142 15.70 -37.54 42.99
C ASN G 142 15.58 -38.22 44.35
N PHE G 143 14.79 -37.64 45.23
CA PHE G 143 14.54 -38.21 46.57
C PHE G 143 13.10 -37.98 47.05
N TYR G 144 12.64 -38.86 47.94
CA TYR G 144 11.33 -38.76 48.54
C TYR G 144 11.40 -39.16 50.02
N PRO G 145 10.72 -38.40 50.91
CA PRO G 145 9.87 -37.23 50.65
C PRO G 145 10.66 -35.93 50.52
N LYS G 146 9.94 -34.80 50.51
CA LYS G 146 10.52 -33.47 50.32
C LYS G 146 11.34 -32.97 51.52
N ASP G 147 11.04 -33.50 52.70
CA ASP G 147 11.65 -33.05 53.95
C ASP G 147 13.13 -33.45 54.04
N ILE G 148 14.01 -32.46 53.96
CA ILE G 148 15.46 -32.68 54.00
C ILE G 148 16.18 -31.41 54.52
N ASN G 149 17.24 -31.63 55.28
CA ASN G 149 18.06 -30.52 55.78
C ASN G 149 19.52 -30.65 55.36
N VAL G 150 20.08 -29.56 54.85
CA VAL G 150 21.47 -29.52 54.40
C VAL G 150 22.32 -28.68 55.34
N LYS G 151 23.42 -29.26 55.81
CA LYS G 151 24.35 -28.57 56.69
C LYS G 151 25.74 -28.50 56.05
N TRP G 152 26.26 -27.29 55.94
CA TRP G 152 27.59 -27.05 55.40
C TRP G 152 28.64 -27.04 56.51
N LYS G 153 29.75 -27.72 56.27
CA LYS G 153 30.88 -27.73 57.21
C LYS G 153 32.18 -27.31 56.53
N ILE G 154 32.85 -26.33 57.12
CA ILE G 154 34.15 -25.87 56.65
C ILE G 154 35.19 -26.15 57.71
N ASP G 155 36.17 -26.99 57.38
CA ASP G 155 37.23 -27.43 58.31
C ASP G 155 36.70 -28.01 59.62
N GLY G 156 35.64 -28.79 59.52
CA GLY G 156 35.04 -29.46 60.68
C GLY G 156 33.99 -28.66 61.41
N SER G 157 33.90 -27.37 61.11
CA SER G 157 32.96 -26.46 61.78
C SER G 157 31.83 -26.02 60.85
N GLU G 158 30.62 -25.94 61.42
CA GLU G 158 29.42 -25.58 60.67
C GLU G 158 29.38 -24.11 60.26
N ARG G 159 28.88 -23.86 59.05
CA ARG G 159 28.71 -22.51 58.53
C ARG G 159 27.30 -22.33 57.99
N GLN G 160 26.62 -21.28 58.44
CA GLN G 160 25.23 -21.02 58.06
C GLN G 160 25.06 -19.71 57.30
N ASN G 161 26.09 -18.87 57.32
CA ASN G 161 26.07 -17.58 56.64
C ASN G 161 26.46 -17.71 55.17
N GLY G 162 25.57 -17.26 54.29
CA GLY G 162 25.81 -17.31 52.85
C GLY G 162 25.35 -18.59 52.19
N VAL G 163 24.37 -19.26 52.81
CA VAL G 163 23.82 -20.50 52.28
C VAL G 163 22.55 -20.19 51.49
N LEU G 164 22.55 -20.57 50.20
CA LEU G 164 21.42 -20.32 49.31
C LEU G 164 20.78 -21.64 48.90
N ASN G 165 19.50 -21.80 49.25
CA ASN G 165 18.77 -23.04 49.00
C ASN G 165 17.61 -22.87 48.02
N SER G 166 17.38 -23.89 47.20
CA SER G 166 16.25 -23.91 46.26
C SER G 166 15.73 -25.33 46.05
N TRP G 167 14.42 -25.49 46.19
CA TRP G 167 13.75 -26.79 46.02
C TRP G 167 12.94 -26.81 44.73
N THR G 168 13.01 -27.92 44.01
CA THR G 168 12.24 -28.11 42.79
C THR G 168 10.84 -28.65 43.07
N ASP G 169 9.94 -28.46 42.13
CA ASP G 169 8.59 -29.04 42.18
C ASP G 169 8.68 -30.53 41.86
N GLN G 170 7.67 -31.29 42.28
CA GLN G 170 7.61 -32.73 42.01
C GLN G 170 7.75 -33.06 40.53
N ASP G 171 8.54 -34.09 40.23
CA ASP G 171 8.77 -34.53 38.87
C ASP G 171 7.48 -35.08 38.26
N SER G 172 7.26 -34.77 36.98
CA SER G 172 6.05 -35.20 36.26
C SER G 172 6.08 -36.69 35.92
N LYS G 173 7.22 -37.34 36.13
CA LYS G 173 7.38 -38.76 35.83
C LYS G 173 7.79 -39.56 37.07
N ASP G 174 8.92 -39.19 37.67
CA ASP G 174 9.47 -39.90 38.83
C ASP G 174 8.71 -39.61 40.13
N SER G 175 8.03 -38.47 40.17
CA SER G 175 7.32 -37.98 41.37
C SER G 175 8.28 -37.76 42.55
N THR G 176 9.49 -37.31 42.23
CA THR G 176 10.55 -37.10 43.22
C THR G 176 10.90 -35.63 43.38
N TYR G 177 11.64 -35.32 44.45
CA TYR G 177 12.07 -33.96 44.73
C TYR G 177 13.58 -33.81 44.50
N SER G 178 14.02 -32.57 44.28
CA SER G 178 15.45 -32.26 44.14
C SER G 178 15.78 -30.89 44.75
N MET G 179 16.96 -30.80 45.37
CA MET G 179 17.39 -29.60 46.07
C MET G 179 18.85 -29.25 45.75
N SER G 180 19.15 -27.95 45.73
CA SER G 180 20.51 -27.47 45.52
C SER G 180 20.89 -26.42 46.56
N SER G 181 22.09 -26.56 47.12
CA SER G 181 22.61 -25.62 48.12
C SER G 181 23.95 -25.05 47.70
N THR G 182 24.16 -23.76 47.95
CA THR G 182 25.39 -23.07 47.56
C THR G 182 25.96 -22.20 48.67
N LEU G 183 27.26 -22.32 48.90
CA LEU G 183 27.97 -21.46 49.85
C LEU G 183 28.57 -20.24 49.14
N THR G 184 27.85 -19.12 49.23
CA THR G 184 28.30 -17.87 48.61
C THR G 184 29.40 -17.22 49.47
N LEU G 185 30.65 -17.48 49.10
CA LEU G 185 31.81 -16.95 49.83
C LEU G 185 32.75 -16.21 48.88
N THR G 186 33.69 -15.46 49.46
CA THR G 186 34.70 -14.75 48.69
C THR G 186 35.99 -15.56 48.57
N LYS G 187 36.84 -15.18 47.61
CA LYS G 187 38.13 -15.83 47.38
C LYS G 187 39.03 -15.75 48.62
N ASP G 188 38.94 -14.63 49.34
CA ASP G 188 39.71 -14.40 50.57
C ASP G 188 39.38 -15.41 51.67
N GLU G 189 38.11 -15.77 51.78
CA GLU G 189 37.65 -16.74 52.78
C GLU G 189 37.85 -18.18 52.33
N TYR G 190 37.89 -18.39 51.02
CA TYR G 190 38.00 -19.72 50.43
C TYR G 190 39.41 -20.34 50.55
N GLU G 191 40.42 -19.50 50.37
CA GLU G 191 41.82 -19.96 50.36
C GLU G 191 42.40 -20.20 51.76
N ARG G 192 41.74 -19.65 52.77
CA ARG G 192 42.19 -19.80 54.17
C ARG G 192 41.91 -21.19 54.73
N HIS G 193 40.77 -21.76 54.37
CA HIS G 193 40.37 -23.09 54.85
C HIS G 193 40.47 -24.14 53.75
N ASN G 194 40.57 -25.41 54.15
CA ASN G 194 40.83 -26.50 53.21
C ASN G 194 39.65 -27.41 52.88
N SER G 195 39.08 -28.04 53.89
CA SER G 195 38.02 -29.04 53.67
C SER G 195 36.60 -28.45 53.70
N TYR G 196 35.79 -28.88 52.75
CA TYR G 196 34.40 -28.45 52.63
C TYR G 196 33.48 -29.66 52.48
N THR G 197 32.63 -29.90 53.48
CA THR G 197 31.73 -31.05 53.46
C THR G 197 30.27 -30.66 53.27
N CYS G 198 29.58 -31.40 52.40
CA CYS G 198 28.15 -31.24 52.21
C CYS G 198 27.42 -32.40 52.88
N GLU G 199 26.57 -32.08 53.85
CA GLU G 199 25.90 -33.10 54.66
C GLU G 199 24.38 -32.97 54.56
N ALA G 200 23.71 -34.12 54.42
CA ALA G 200 22.25 -34.15 54.30
C ALA G 200 21.63 -35.31 55.07
N THR G 201 20.69 -34.98 55.96
CA THR G 201 19.95 -35.97 56.72
C THR G 201 18.58 -36.21 56.09
N HIS G 202 18.19 -37.49 56.01
CA HIS G 202 16.92 -37.87 55.39
C HIS G 202 16.23 -38.98 56.20
N LYS G 203 14.95 -39.21 55.91
CA LYS G 203 14.16 -40.25 56.58
C LYS G 203 14.57 -41.67 56.17
N THR G 204 15.20 -41.79 55.01
CA THR G 204 15.61 -43.09 54.46
C THR G 204 16.71 -43.77 55.27
N SER G 205 17.63 -42.96 55.81
CA SER G 205 18.74 -43.47 56.61
C SER G 205 19.11 -42.53 57.76
N THR G 206 19.42 -43.13 58.91
CA THR G 206 19.83 -42.36 60.09
C THR G 206 21.20 -41.70 59.88
N SER G 207 22.09 -42.38 59.16
CA SER G 207 23.39 -41.84 58.81
C SER G 207 23.25 -40.81 57.68
N PRO G 208 23.81 -39.60 57.88
CA PRO G 208 23.75 -38.55 56.86
C PRO G 208 24.74 -38.81 55.73
N ILE G 209 24.32 -38.51 54.51
CA ILE G 209 25.18 -38.65 53.34
C ILE G 209 26.16 -37.48 53.31
N VAL G 210 27.44 -37.77 53.50
CA VAL G 210 28.48 -36.76 53.56
C VAL G 210 29.35 -36.80 52.30
N LYS G 211 29.27 -35.75 51.49
CA LYS G 211 30.14 -35.60 50.33
C LYS G 211 31.04 -34.38 50.52
N SER G 212 32.35 -34.64 50.48
CA SER G 212 33.34 -33.61 50.78
C SER G 212 34.46 -33.54 49.74
N PHE G 213 35.12 -32.37 49.67
CA PHE G 213 36.28 -32.20 48.82
C PHE G 213 37.37 -31.38 49.51
N ASN G 214 38.62 -31.68 49.19
CA ASN G 214 39.77 -30.90 49.67
C ASN G 214 40.32 -30.00 48.58
N ARG G 215 40.70 -28.79 48.96
CA ARG G 215 41.27 -27.82 48.02
C ARG G 215 42.68 -28.22 47.58
N ASN G 216 43.36 -29.00 48.43
CA ASN G 216 44.71 -29.49 48.17
C ASN G 216 44.80 -30.45 46.99
N GLU G 217 43.74 -31.24 46.80
CA GLU G 217 43.63 -32.20 45.68
C GLU G 217 44.75 -33.24 45.69
N GLN H 1 -5.78 -24.06 14.36
CA GLN H 1 -4.98 -24.23 15.61
C GLN H 1 -5.02 -22.93 16.43
N VAL H 2 -5.83 -22.92 17.48
CA VAL H 2 -6.03 -21.75 18.31
C VAL H 2 -4.83 -21.52 19.24
N GLN H 3 -4.23 -20.34 19.15
CA GLN H 3 -3.06 -19.98 19.94
C GLN H 3 -3.14 -18.55 20.48
N LEU H 4 -2.56 -18.35 21.66
CA LEU H 4 -2.43 -17.02 22.24
C LEU H 4 -0.96 -16.76 22.61
N GLN H 5 -0.35 -15.82 21.90
CA GLN H 5 1.07 -15.49 22.12
C GLN H 5 1.24 -14.16 22.85
N GLN H 6 1.63 -14.25 24.11
CA GLN H 6 1.92 -13.08 24.93
C GLN H 6 3.36 -12.63 24.77
N SER H 7 3.62 -11.37 25.15
CA SER H 7 4.95 -10.77 25.06
C SER H 7 5.92 -11.38 26.08
N GLY H 8 7.16 -10.89 26.08
CA GLY H 8 8.19 -11.37 26.99
C GLY H 8 8.06 -10.79 28.39
N PRO H 9 9.01 -11.13 29.28
CA PRO H 9 9.05 -10.62 30.66
C PRO H 9 9.31 -9.12 30.70
N GLU H 10 8.90 -8.47 31.79
CA GLU H 10 9.01 -7.02 31.91
C GLU H 10 9.55 -6.55 33.27
N LEU H 11 10.47 -5.58 33.20
CA LEU H 11 11.03 -4.95 34.39
C LEU H 11 10.67 -3.46 34.37
N VAL H 12 9.96 -3.01 35.41
CA VAL H 12 9.42 -1.66 35.45
C VAL H 12 9.79 -0.94 36.76
N LYS H 13 9.97 0.37 36.67
CA LYS H 13 10.15 1.23 37.84
C LYS H 13 8.77 1.68 38.36
N PRO H 14 8.64 1.86 39.69
CA PRO H 14 7.37 2.31 40.29
C PRO H 14 6.91 3.66 39.76
N GLY H 15 5.65 3.73 39.35
CA GLY H 15 5.07 4.96 38.81
C GLY H 15 5.15 5.06 37.30
N VAL H 16 5.37 3.92 36.64
CA VAL H 16 5.46 3.86 35.18
C VAL H 16 4.44 2.86 34.64
N SER H 17 3.64 3.31 33.67
CA SER H 17 2.65 2.46 33.01
C SER H 17 3.30 1.51 32.00
N VAL H 18 2.67 0.36 31.78
CA VAL H 18 3.19 -0.66 30.88
C VAL H 18 2.08 -1.34 30.06
N LYS H 19 2.34 -1.51 28.75
CA LYS H 19 1.44 -2.24 27.87
C LYS H 19 1.87 -3.70 27.69
N ILE H 20 0.90 -4.59 27.82
CA ILE H 20 1.12 -6.03 27.65
C ILE H 20 0.28 -6.52 26.47
N SER H 21 0.94 -7.10 25.48
CA SER H 21 0.27 -7.56 24.26
C SER H 21 -0.03 -9.06 24.26
N CYS H 22 -1.10 -9.44 23.58
CA CYS H 22 -1.54 -10.83 23.48
C CYS H 22 -2.00 -11.12 22.04
N LYS H 23 -1.12 -11.73 21.26
CA LYS H 23 -1.38 -12.03 19.85
C LYS H 23 -2.24 -13.29 19.72
N ALA H 24 -3.31 -13.19 18.93
CA ALA H 24 -4.22 -14.30 18.71
C ALA H 24 -4.19 -14.79 17.27
N SER H 25 -4.13 -16.11 17.09
CA SER H 25 -4.09 -16.73 15.77
C SER H 25 -4.78 -18.09 15.76
N GLY H 26 -5.46 -18.39 14.66
CA GLY H 26 -6.14 -19.67 14.49
C GLY H 26 -7.65 -19.60 14.59
N TYR H 27 -8.17 -18.39 14.84
CA TYR H 27 -9.62 -18.17 14.95
C TYR H 27 -9.98 -16.72 14.61
N SER H 28 -11.27 -16.46 14.45
CA SER H 28 -11.77 -15.11 14.20
C SER H 28 -11.70 -14.26 15.48
N PHE H 29 -10.82 -13.28 15.46
CA PHE H 29 -10.47 -12.46 16.62
C PHE H 29 -11.65 -11.70 17.23
N THR H 30 -12.54 -11.20 16.38
CA THR H 30 -13.61 -10.30 16.80
C THR H 30 -14.87 -10.97 17.36
N SER H 31 -14.91 -12.30 17.32
CA SER H 31 -16.13 -13.03 17.71
C SER H 31 -16.11 -13.63 19.11
N PHE H 32 -14.94 -13.64 19.76
CA PHE H 32 -14.81 -14.24 21.10
C PHE H 32 -14.33 -13.26 22.16
N TYR H 33 -14.80 -13.46 23.39
CA TYR H 33 -14.37 -12.67 24.55
C TYR H 33 -12.93 -13.02 24.95
N ILE H 34 -12.21 -12.02 25.46
CA ILE H 34 -10.87 -12.24 26.01
C ILE H 34 -10.79 -11.72 27.45
N TYR H 35 -10.55 -12.65 28.37
CA TYR H 35 -10.45 -12.34 29.80
C TYR H 35 -8.98 -12.22 30.21
N TRP H 36 -8.72 -11.38 31.21
CA TRP H 36 -7.36 -11.19 31.72
C TRP H 36 -7.27 -11.55 33.21
N VAL H 37 -6.23 -12.32 33.55
CA VAL H 37 -6.07 -12.85 34.89
C VAL H 37 -4.68 -12.51 35.47
N LYS H 38 -4.66 -12.12 36.74
CA LYS H 38 -3.43 -11.79 37.46
C LYS H 38 -3.06 -12.90 38.44
N GLN H 39 -1.76 -13.18 38.56
CA GLN H 39 -1.25 -14.17 39.51
C GLN H 39 -0.06 -13.69 40.33
N ARG H 40 -0.33 -13.35 41.59
CA ARG H 40 0.71 -12.99 42.54
C ARG H 40 1.55 -14.24 42.83
N PRO H 41 2.89 -14.12 42.74
CA PRO H 41 3.81 -15.25 42.92
C PRO H 41 3.57 -16.04 44.20
N GLY H 42 3.29 -17.33 44.05
CA GLY H 42 3.01 -18.22 45.18
C GLY H 42 1.63 -18.05 45.77
N GLN H 43 0.72 -17.45 44.99
CA GLN H 43 -0.66 -17.22 45.43
C GLN H 43 -1.68 -17.64 44.38
N GLY H 44 -2.94 -17.27 44.59
CA GLY H 44 -4.04 -17.67 43.72
C GLY H 44 -4.20 -16.84 42.46
N LEU H 45 -5.35 -16.98 41.81
CA LEU H 45 -5.66 -16.30 40.55
C LEU H 45 -6.68 -15.18 40.75
N GLU H 46 -6.49 -14.08 40.02
CA GLU H 46 -7.33 -12.90 40.14
C GLU H 46 -7.83 -12.44 38.76
N TRP H 47 -9.16 -12.39 38.60
CA TRP H 47 -9.75 -11.88 37.36
C TRP H 47 -9.68 -10.35 37.32
N ILE H 48 -9.18 -9.82 36.22
CA ILE H 48 -8.99 -8.38 36.06
C ILE H 48 -10.14 -7.73 35.28
N GLY H 49 -10.42 -8.29 34.10
CA GLY H 49 -11.48 -7.76 33.24
C GLY H 49 -11.57 -8.46 31.89
N TRP H 50 -12.73 -8.33 31.24
CA TRP H 50 -12.90 -8.86 29.88
C TRP H 50 -13.02 -7.76 28.83
N ILE H 51 -12.65 -8.11 27.60
CA ILE H 51 -12.70 -7.19 26.47
C ILE H 51 -13.26 -7.92 25.24
N PHE H 52 -14.16 -7.26 24.51
CA PHE H 52 -14.69 -7.81 23.27
C PHE H 52 -14.12 -7.06 22.07
N PRO H 53 -13.20 -7.71 21.32
CA PRO H 53 -12.46 -7.14 20.19
C PRO H 53 -13.31 -6.48 19.10
N GLY H 54 -14.60 -6.81 19.04
CA GLY H 54 -15.52 -6.24 18.07
C GLY H 54 -15.63 -4.73 18.16
N SER H 55 -16.03 -4.24 19.34
CA SER H 55 -16.15 -2.81 19.60
C SER H 55 -15.84 -2.50 21.06
N THR H 56 -15.69 -1.21 21.37
CA THR H 56 -15.34 -0.76 22.73
C THR H 56 -16.37 -1.19 23.77
N ASN H 57 -16.14 -2.35 24.37
CA ASN H 57 -17.00 -2.90 25.42
C ASN H 57 -16.19 -3.67 26.45
N THR H 58 -16.10 -3.11 27.65
CA THR H 58 -15.31 -3.70 28.73
C THR H 58 -16.04 -3.68 30.06
N LYS H 59 -15.77 -4.70 30.87
CA LYS H 59 -16.17 -4.71 32.28
C LYS H 59 -14.99 -5.17 33.12
N TYR H 60 -14.66 -4.36 34.13
CA TYR H 60 -13.50 -4.62 34.98
C TYR H 60 -13.89 -5.07 36.38
N ASN H 61 -12.92 -5.64 37.09
CA ASN H 61 -13.05 -5.91 38.51
C ASN H 61 -12.89 -4.58 39.27
N GLU H 62 -13.74 -4.37 40.26
CA GLU H 62 -13.73 -3.12 41.05
C GLU H 62 -12.38 -2.85 41.73
N LYS H 63 -11.63 -3.91 41.99
CA LYS H 63 -10.30 -3.80 42.58
C LYS H 63 -9.27 -3.29 41.57
N PHE H 64 -9.57 -3.48 40.28
CA PHE H 64 -8.66 -3.13 39.20
C PHE H 64 -9.14 -1.98 38.32
N LYS H 65 -10.37 -1.51 38.55
CA LYS H 65 -11.02 -0.49 37.73
C LYS H 65 -10.12 0.68 37.34
N GLY H 66 -9.52 1.33 38.35
CA GLY H 66 -8.70 2.53 38.12
C GLY H 66 -7.25 2.26 37.80
N LYS H 67 -6.92 1.00 37.49
CA LYS H 67 -5.54 0.62 37.24
C LYS H 67 -5.33 -0.07 35.88
N ALA H 68 -6.30 -0.89 35.49
CA ALA H 68 -6.20 -1.65 34.24
C ALA H 68 -7.14 -1.10 33.16
N THR H 69 -6.60 -0.92 31.96
CA THR H 69 -7.38 -0.51 30.79
C THR H 69 -7.13 -1.48 29.63
N LEU H 70 -8.21 -1.88 28.97
CA LEU H 70 -8.14 -2.88 27.92
C LEU H 70 -8.41 -2.30 26.53
N THR H 71 -7.56 -2.67 25.58
CA THR H 71 -7.70 -2.27 24.18
C THR H 71 -7.44 -3.44 23.25
N ALA H 72 -8.04 -3.42 22.07
CA ALA H 72 -7.84 -4.45 21.07
C ALA H 72 -7.82 -3.89 19.65
N ASP H 73 -6.77 -4.22 18.91
CA ASP H 73 -6.63 -3.82 17.51
C ASP H 73 -7.07 -4.97 16.61
N THR H 74 -8.07 -4.69 15.77
CA THR H 74 -8.66 -5.73 14.90
C THR H 74 -7.74 -6.14 13.76
N SER H 75 -6.99 -5.19 13.23
CA SER H 75 -6.11 -5.43 12.08
C SER H 75 -4.91 -6.32 12.41
N SER H 76 -4.36 -6.14 13.62
CA SER H 76 -3.22 -6.93 14.07
C SER H 76 -3.66 -8.14 14.90
N SER H 77 -4.95 -8.21 15.21
CA SER H 77 -5.55 -9.24 16.06
C SER H 77 -4.80 -9.44 17.39
N THR H 78 -4.53 -8.32 18.07
CA THR H 78 -3.79 -8.33 19.33
C THR H 78 -4.58 -7.65 20.45
N ALA H 79 -4.69 -8.34 21.59
CA ALA H 79 -5.31 -7.77 22.78
C ALA H 79 -4.22 -7.16 23.66
N SER H 80 -4.42 -5.90 24.06
CA SER H 80 -3.43 -5.18 24.85
C SER H 80 -3.99 -4.63 26.16
N MET H 81 -3.21 -4.78 27.22
CA MET H 81 -3.57 -4.30 28.55
C MET H 81 -2.54 -3.32 29.08
N GLN H 82 -3.01 -2.13 29.48
CA GLN H 82 -2.14 -1.13 30.10
C GLN H 82 -2.39 -1.07 31.60
N LEU H 83 -1.30 -1.08 32.37
CA LEU H 83 -1.38 -1.02 33.83
C LEU H 83 -0.68 0.22 34.36
N SER H 84 -1.48 1.17 34.85
CA SER H 84 -0.97 2.47 35.31
C SER H 84 -0.26 2.39 36.65
N SER H 85 0.77 3.24 36.80
CA SER H 85 1.56 3.38 38.04
C SER H 85 1.69 2.10 38.87
N LEU H 86 2.63 1.25 38.47
CA LEU H 86 2.82 -0.06 39.10
C LEU H 86 3.50 0.04 40.46
N THR H 87 3.00 -0.73 41.42
CA THR H 87 3.53 -0.75 42.78
C THR H 87 4.25 -2.07 43.08
N SER H 88 4.57 -2.29 44.35
CA SER H 88 5.20 -3.53 44.80
C SER H 88 4.23 -4.71 44.74
N GLU H 89 2.95 -4.44 44.98
CA GLU H 89 1.90 -5.46 44.96
C GLU H 89 1.35 -5.73 43.55
N ASP H 90 2.06 -5.26 42.54
CA ASP H 90 1.68 -5.47 41.14
C ASP H 90 2.60 -6.43 40.42
N SER H 91 3.76 -6.69 41.02
CA SER H 91 4.74 -7.64 40.48
C SER H 91 4.15 -9.04 40.46
N ALA H 92 3.59 -9.42 39.32
CA ALA H 92 2.85 -10.67 39.16
C ALA H 92 2.90 -11.20 37.73
N VAL H 93 2.34 -12.40 37.53
CA VAL H 93 2.25 -13.01 36.20
C VAL H 93 0.84 -12.77 35.63
N TYR H 94 0.79 -12.03 34.53
CA TYR H 94 -0.48 -11.65 33.91
C TYR H 94 -0.79 -12.52 32.69
N PHE H 95 -2.00 -13.08 32.67
CA PHE H 95 -2.43 -13.99 31.62
C PHE H 95 -3.52 -13.38 30.74
N CYS H 96 -3.53 -13.76 29.46
CA CYS H 96 -4.67 -13.49 28.58
C CYS H 96 -5.32 -14.82 28.21
N ALA H 97 -6.64 -14.85 28.26
CA ALA H 97 -7.39 -16.08 28.01
C ALA H 97 -8.56 -15.89 27.04
N ARG H 98 -8.67 -16.79 26.07
CA ARG H 98 -9.80 -16.81 25.15
C ARG H 98 -10.98 -17.53 25.80
N VAL H 99 -12.14 -16.88 25.81
CA VAL H 99 -13.31 -17.40 26.50
C VAL H 99 -14.51 -17.55 25.58
N ASP H 100 -14.98 -18.79 25.45
CA ASP H 100 -16.26 -19.05 24.82
C ASP H 100 -17.23 -19.46 25.92
N GLY H 101 -18.15 -18.55 26.24
CA GLY H 101 -19.08 -18.67 27.36
C GLY H 101 -19.33 -20.07 27.92
N TYR H 102 -19.06 -20.27 29.21
CA TYR H 102 -18.53 -19.22 30.08
C TYR H 102 -17.27 -19.71 30.79
N ALA H 103 -16.37 -20.30 30.00
CA ALA H 103 -15.12 -20.85 30.52
C ALA H 103 -13.93 -20.44 29.65
N MET H 104 -12.77 -20.33 30.30
CA MET H 104 -11.54 -19.92 29.61
C MET H 104 -10.88 -21.12 28.93
N ASP H 105 -11.09 -21.23 27.62
CA ASP H 105 -10.64 -22.38 26.84
C ASP H 105 -9.12 -22.37 26.60
N TYR H 106 -8.64 -21.30 25.97
CA TYR H 106 -7.24 -21.18 25.58
C TYR H 106 -6.54 -20.08 26.36
N TRP H 107 -5.25 -20.30 26.65
CA TRP H 107 -4.47 -19.38 27.48
C TRP H 107 -3.15 -18.99 26.80
N GLY H 108 -2.61 -17.84 27.21
CA GLY H 108 -1.27 -17.43 26.81
C GLY H 108 -0.25 -17.97 27.81
N GLN H 109 1.03 -17.72 27.54
CA GLN H 109 2.11 -18.20 28.40
C GLN H 109 2.13 -17.45 29.74
N GLY H 110 1.80 -16.17 29.70
CA GLY H 110 1.83 -15.32 30.90
C GLY H 110 3.09 -14.47 30.93
N THR H 111 2.92 -13.16 31.08
CA THR H 111 4.03 -12.24 31.16
C THR H 111 4.38 -11.96 32.62
N SER H 112 5.63 -12.23 32.99
CA SER H 112 6.10 -11.99 34.36
C SER H 112 6.59 -10.56 34.52
N VAL H 113 5.82 -9.75 35.24
CA VAL H 113 6.17 -8.37 35.52
C VAL H 113 6.75 -8.30 36.94
N THR H 114 7.91 -7.65 37.07
CA THR H 114 8.58 -7.51 38.37
C THR H 114 8.90 -6.06 38.69
N VAL H 115 8.45 -5.61 39.86
CA VAL H 115 8.73 -4.27 40.39
C VAL H 115 8.97 -4.39 41.90
N SER H 116 10.21 -4.32 42.41
CA SER H 116 11.50 -4.18 41.68
C SER H 116 11.87 -2.77 41.23
N SER H 117 12.92 -2.24 41.87
CA SER H 117 13.43 -0.91 41.57
C SER H 117 14.96 -0.92 41.44
N ALA H 118 15.52 -2.11 41.20
CA ALA H 118 16.97 -2.31 41.14
C ALA H 118 17.52 -2.19 39.73
N LYS H 119 18.85 -2.09 39.64
CA LYS H 119 19.56 -2.02 38.36
C LYS H 119 19.64 -3.39 37.70
N THR H 120 19.53 -3.40 36.37
CA THR H 120 19.67 -4.64 35.59
C THR H 120 21.13 -5.05 35.51
N THR H 121 21.44 -6.25 35.98
CA THR H 121 22.82 -6.73 36.05
C THR H 121 23.07 -7.93 35.14
N ALA H 122 24.32 -8.06 34.67
CA ALA H 122 24.72 -9.15 33.79
C ALA H 122 24.98 -10.44 34.55
N PRO H 123 24.48 -11.58 34.03
CA PRO H 123 24.71 -12.87 34.65
C PRO H 123 26.13 -13.39 34.41
N SER H 124 26.63 -14.20 35.35
CA SER H 124 27.93 -14.84 35.21
C SER H 124 27.80 -16.36 35.23
N VAL H 125 28.16 -16.98 34.12
CA VAL H 125 28.03 -18.43 33.95
C VAL H 125 29.32 -19.14 34.37
N TYR H 126 29.17 -20.17 35.21
CA TYR H 126 30.31 -20.96 35.68
C TYR H 126 30.05 -22.46 35.48
N PRO H 127 30.98 -23.15 34.78
CA PRO H 127 30.85 -24.59 34.58
C PRO H 127 31.24 -25.37 35.83
N LEU H 128 30.51 -26.45 36.10
CA LEU H 128 30.75 -27.27 37.28
C LEU H 128 31.16 -28.70 36.89
N ALA H 129 32.47 -28.91 36.79
CA ALA H 129 33.04 -30.22 36.50
C ALA H 129 33.15 -31.03 37.79
N PRO H 130 33.14 -32.38 37.68
CA PRO H 130 33.31 -33.24 38.86
C PRO H 130 34.60 -32.97 39.63
N VAL H 131 34.60 -33.34 40.92
CA VAL H 131 35.73 -33.12 41.82
C VAL H 131 37.06 -33.55 41.18
N CYS H 132 38.09 -32.73 41.38
CA CYS H 132 39.42 -32.99 40.83
C CYS H 132 39.87 -34.44 41.05
N GLY H 133 40.29 -35.07 39.97
CA GLY H 133 40.62 -36.50 39.97
C GLY H 133 40.08 -37.12 38.69
N ASP H 134 40.92 -37.89 38.01
CA ASP H 134 40.61 -38.46 36.71
C ASP H 134 39.46 -39.47 36.77
N THR H 135 38.23 -38.95 36.65
CA THR H 135 36.97 -39.73 36.64
C THR H 135 36.71 -40.57 37.90
N THR H 136 35.48 -41.07 38.00
CA THR H 136 35.09 -41.99 39.07
C THR H 136 34.34 -43.20 38.48
N GLY H 137 33.46 -42.93 37.52
CA GLY H 137 32.76 -43.99 36.79
C GLY H 137 31.25 -44.00 36.98
N SER H 138 30.65 -45.13 36.58
CA SER H 138 29.20 -45.38 36.65
C SER H 138 28.35 -44.30 35.97
N SER H 139 27.98 -43.26 36.71
CA SER H 139 27.20 -42.14 36.18
C SER H 139 27.52 -40.86 36.95
N VAL H 140 28.14 -39.91 36.26
CA VAL H 140 28.55 -38.64 36.86
C VAL H 140 27.63 -37.48 36.48
N THR H 141 27.47 -36.55 37.41
CA THR H 141 26.61 -35.38 37.21
C THR H 141 27.41 -34.15 36.82
N LEU H 142 26.80 -33.28 36.03
CA LEU H 142 27.41 -32.00 35.64
C LEU H 142 26.49 -30.85 36.05
N GLY H 143 27.08 -29.69 36.33
CA GLY H 143 26.31 -28.53 36.79
C GLY H 143 26.65 -27.25 36.06
N CYS H 144 25.76 -26.26 36.20
CA CYS H 144 25.93 -24.95 35.60
C CYS H 144 25.46 -23.88 36.57
N LEU H 145 26.37 -22.99 36.96
CA LEU H 145 26.08 -21.95 37.94
C LEU H 145 25.87 -20.60 37.26
N VAL H 146 24.72 -19.98 37.53
CA VAL H 146 24.44 -18.62 37.07
C VAL H 146 24.38 -17.71 38.31
N LYS H 147 25.46 -16.95 38.51
CA LYS H 147 25.64 -16.14 39.71
C LYS H 147 25.37 -14.66 39.46
N GLY H 148 24.55 -14.07 40.31
CA GLY H 148 24.31 -12.62 40.33
C GLY H 148 23.74 -12.03 39.06
N TYR H 149 22.41 -12.09 38.92
CA TYR H 149 21.73 -11.47 37.79
C TYR H 149 20.43 -10.78 38.20
N PHE H 150 19.96 -9.87 37.37
CA PHE H 150 18.70 -9.17 37.58
C PHE H 150 18.17 -8.60 36.26
N PRO H 151 16.87 -8.80 35.98
CA PRO H 151 15.90 -9.57 36.76
C PRO H 151 15.66 -10.97 36.19
N GLU H 152 14.49 -11.53 36.51
CA GLU H 152 14.04 -12.82 35.98
C GLU H 152 13.59 -12.69 34.52
N PRO H 153 13.57 -13.81 33.77
CA PRO H 153 14.10 -15.14 34.08
C PRO H 153 15.42 -15.44 33.38
N VAL H 154 15.89 -16.67 33.52
CA VAL H 154 17.03 -17.19 32.76
C VAL H 154 16.66 -18.55 32.17
N THR H 155 16.67 -18.65 30.84
CA THR H 155 16.37 -19.90 30.15
C THR H 155 17.62 -20.76 30.03
N LEU H 156 17.57 -21.93 30.67
CA LEU H 156 18.70 -22.86 30.68
C LEU H 156 18.50 -23.98 29.66
N THR H 157 19.54 -24.26 28.90
CA THR H 157 19.50 -25.30 27.87
C THR H 157 20.80 -26.10 27.86
N TRP H 158 20.69 -27.41 27.61
CA TRP H 158 21.85 -28.28 27.53
C TRP H 158 21.99 -28.85 26.11
N ASN H 159 23.13 -28.57 25.48
CA ASN H 159 23.39 -28.95 24.09
C ASN H 159 22.28 -28.55 23.11
N SER H 160 21.87 -27.27 23.20
CA SER H 160 20.81 -26.69 22.37
C SER H 160 19.42 -27.29 22.61
N GLY H 161 19.34 -28.33 23.43
CA GLY H 161 18.07 -28.96 23.79
C GLY H 161 17.97 -30.44 23.45
N SER H 162 19.08 -31.05 23.07
CA SER H 162 19.10 -32.47 22.73
C SER H 162 19.09 -33.35 23.98
N LEU H 163 20.00 -33.06 24.90
CA LEU H 163 20.06 -33.79 26.17
C LEU H 163 19.27 -33.05 27.26
N SER H 164 17.94 -33.06 27.10
CA SER H 164 17.05 -32.44 28.07
C SER H 164 16.06 -33.47 28.62
N SER H 165 16.60 -34.47 29.33
CA SER H 165 15.80 -35.53 29.92
C SER H 165 16.14 -35.73 31.40
N GLY H 166 17.43 -35.82 31.69
CA GLY H 166 17.92 -35.95 33.06
C GLY H 166 18.46 -34.64 33.60
N VAL H 167 17.65 -33.58 33.45
CA VAL H 167 18.06 -32.23 33.86
C VAL H 167 17.19 -31.74 35.02
N HIS H 168 17.85 -31.21 36.05
CA HIS H 168 17.16 -30.58 37.17
C HIS H 168 17.43 -29.09 37.21
N THR H 169 16.45 -28.31 36.74
CA THR H 169 16.52 -26.85 36.78
C THR H 169 15.88 -26.32 38.05
N PHE H 170 16.60 -25.45 38.76
CA PHE H 170 16.18 -24.97 40.07
C PHE H 170 15.63 -23.54 40.00
N PRO H 171 14.48 -23.29 40.66
CA PRO H 171 13.88 -21.94 40.69
C PRO H 171 14.80 -20.93 41.37
N ALA H 172 14.81 -19.70 40.85
CA ALA H 172 15.70 -18.65 41.32
C ALA H 172 15.26 -18.08 42.65
N VAL H 173 16.23 -17.89 43.55
CA VAL H 173 15.99 -17.30 44.87
C VAL H 173 16.77 -16.00 45.01
N LEU H 174 16.09 -14.96 45.48
CA LEU H 174 16.66 -13.63 45.62
C LEU H 174 17.49 -13.49 46.90
N GLN H 175 18.70 -12.94 46.75
CA GLN H 175 19.57 -12.63 47.88
C GLN H 175 20.27 -11.30 47.65
N SER H 176 20.16 -10.39 48.61
CA SER H 176 20.75 -9.04 48.55
C SER H 176 20.51 -8.35 47.19
N ASP H 177 19.25 -8.31 46.79
CA ASP H 177 18.79 -7.68 45.54
C ASP H 177 19.39 -8.33 44.27
N LEU H 178 19.76 -9.60 44.37
CA LEU H 178 20.34 -10.34 43.25
C LEU H 178 19.82 -11.78 43.18
N TYR H 179 19.53 -12.24 41.96
CA TYR H 179 19.04 -13.59 41.73
C TYR H 179 20.17 -14.58 41.45
N THR H 180 20.02 -15.80 41.99
CA THR H 180 20.94 -16.91 41.71
C THR H 180 20.15 -18.16 41.34
N LEU H 181 20.64 -18.88 40.35
CA LEU H 181 19.96 -20.05 39.81
C LEU H 181 20.95 -21.09 39.29
N SER H 182 20.64 -22.37 39.53
CA SER H 182 21.51 -23.47 39.13
C SER H 182 20.77 -24.56 38.36
N SER H 183 21.51 -25.31 37.55
CA SER H 183 20.98 -26.45 36.80
C SER H 183 21.97 -27.60 36.79
N SER H 184 21.46 -28.82 36.95
CA SER H 184 22.29 -30.02 36.97
C SER H 184 21.81 -31.08 35.98
N VAL H 185 22.75 -31.67 35.26
CA VAL H 185 22.44 -32.73 34.30
C VAL H 185 23.18 -34.03 34.67
N THR H 186 22.42 -35.12 34.80
CA THR H 186 22.99 -36.43 35.13
C THR H 186 23.04 -37.35 33.91
N VAL H 187 24.25 -37.72 33.52
CA VAL H 187 24.48 -38.56 32.34
C VAL H 187 25.37 -39.75 32.68
N THR H 188 25.36 -40.76 31.82
CA THR H 188 26.22 -41.94 31.96
C THR H 188 27.69 -41.58 31.72
N SER H 189 28.59 -42.36 32.35
CA SER H 189 30.03 -42.12 32.27
C SER H 189 30.62 -42.47 30.90
N SER H 190 29.87 -43.22 30.10
CA SER H 190 30.30 -43.62 28.76
C SER H 190 30.23 -42.46 27.76
N THR H 191 29.32 -41.52 28.00
CA THR H 191 29.08 -40.40 27.09
C THR H 191 29.76 -39.10 27.54
N TRP H 192 30.73 -39.22 28.44
CA TRP H 192 31.50 -38.06 28.92
C TRP H 192 32.88 -38.47 29.41
N PRO H 193 33.94 -37.74 28.98
CA PRO H 193 33.91 -36.58 28.09
C PRO H 193 34.09 -36.92 26.61
N SER H 194 33.58 -38.08 26.20
CA SER H 194 33.59 -38.50 24.79
C SER H 194 32.66 -37.65 23.96
N GLN H 195 31.46 -37.41 24.49
CA GLN H 195 30.48 -36.52 23.85
C GLN H 195 30.52 -35.16 24.56
N SER H 196 30.69 -34.11 23.78
CA SER H 196 30.81 -32.74 24.31
C SER H 196 29.47 -32.21 24.81
N ILE H 197 29.39 -31.98 26.12
CA ILE H 197 28.18 -31.43 26.76
C ILE H 197 28.39 -29.96 27.10
N THR H 198 27.56 -29.11 26.51
CA THR H 198 27.67 -27.65 26.66
C THR H 198 26.51 -27.06 27.45
N CYS H 199 26.76 -25.94 28.11
CA CYS H 199 25.73 -25.21 28.85
C CYS H 199 25.33 -23.95 28.10
N ASN H 200 24.04 -23.88 27.72
CA ASN H 200 23.50 -22.72 27.01
C ASN H 200 22.65 -21.86 27.94
N VAL H 201 23.12 -20.64 28.19
CA VAL H 201 22.46 -19.70 29.10
C VAL H 201 22.06 -18.42 28.36
N ALA H 202 20.80 -18.02 28.51
CA ALA H 202 20.27 -16.82 27.87
C ALA H 202 19.58 -15.89 28.87
N HIS H 203 19.88 -14.59 28.76
CA HIS H 203 19.28 -13.57 29.61
C HIS H 203 18.75 -12.42 28.76
N PRO H 204 17.47 -12.04 28.95
CA PRO H 204 16.79 -11.06 28.08
C PRO H 204 17.23 -9.62 28.30
N ALA H 205 17.30 -9.18 29.55
CA ALA H 205 17.60 -7.78 29.89
C ALA H 205 19.02 -7.36 29.52
N SER H 206 20.00 -8.17 29.90
CA SER H 206 21.40 -7.90 29.60
C SER H 206 21.75 -8.25 28.16
N SER H 207 20.84 -8.96 27.49
CA SER H 207 21.01 -9.42 26.10
C SER H 207 22.28 -10.28 25.93
N THR H 208 22.48 -11.21 26.87
CA THR H 208 23.68 -12.05 26.89
C THR H 208 23.35 -13.51 26.59
N LYS H 209 24.09 -14.07 25.62
CA LYS H 209 23.97 -15.49 25.29
C LYS H 209 25.33 -16.18 25.47
N VAL H 210 25.64 -16.54 26.71
CA VAL H 210 26.92 -17.15 27.04
C VAL H 210 26.86 -18.68 26.93
N ASP H 211 27.72 -19.23 26.09
CA ASP H 211 27.84 -20.68 25.92
C ASP H 211 29.16 -21.16 26.50
N LYS H 212 29.08 -22.13 27.42
CA LYS H 212 30.27 -22.67 28.07
C LYS H 212 30.33 -24.19 28.04
N LYS H 213 31.45 -24.71 27.54
CA LYS H 213 31.69 -26.14 27.49
C LYS H 213 32.24 -26.61 28.83
N ILE H 214 31.68 -27.68 29.37
CA ILE H 214 32.16 -28.26 30.62
C ILE H 214 33.34 -29.19 30.36
N GLU H 215 34.53 -28.76 30.75
CA GLU H 215 35.76 -29.51 30.54
C GLU H 215 36.34 -29.95 31.89
N PRO H 216 36.89 -31.18 31.97
CA PRO H 216 37.50 -31.69 33.20
C PRO H 216 38.62 -30.78 33.73
N ARG H 217 38.60 -30.53 35.04
CA ARG H 217 39.58 -29.66 35.68
C ARG H 217 40.89 -30.39 35.94
#